data_280D
# 
_entry.id   280D 
# 
_audit_conform.dict_name       mmcif_pdbx.dic 
_audit_conform.dict_version    5.389 
_audit_conform.dict_location   http://mmcif.pdb.org/dictionaries/ascii/mmcif_pdbx.dic 
# 
loop_
_database_2.database_id 
_database_2.database_code 
_database_2.pdbx_database_accession 
_database_2.pdbx_DOI 
PDB   280D         pdb_0000280d 10.2210/pdb280d/pdb 
RCSB  URL050       ?            ?                   
WWPDB D_1000177692 ?            ?                   
# 
loop_
_pdbx_audit_revision_history.ordinal 
_pdbx_audit_revision_history.data_content_type 
_pdbx_audit_revision_history.major_revision 
_pdbx_audit_revision_history.minor_revision 
_pdbx_audit_revision_history.revision_date 
1 'Structure model' 1 0 1996-09-30 
2 'Structure model' 1 1 2008-05-23 
3 'Structure model' 1 2 2011-07-13 
4 'Structure model' 1 3 2018-04-04 
5 'Structure model' 1 4 2024-02-14 
6 'Structure model' 1 5 2024-04-03 
# 
_pdbx_audit_revision_details.ordinal             1 
_pdbx_audit_revision_details.revision_ordinal    1 
_pdbx_audit_revision_details.data_content_type   'Structure model' 
_pdbx_audit_revision_details.provider            repository 
_pdbx_audit_revision_details.type                'Initial release' 
_pdbx_audit_revision_details.description         ? 
_pdbx_audit_revision_details.details             ? 
# 
loop_
_pdbx_audit_revision_group.ordinal 
_pdbx_audit_revision_group.revision_ordinal 
_pdbx_audit_revision_group.data_content_type 
_pdbx_audit_revision_group.group 
1 2 'Structure model' 'Version format compliance' 
2 3 'Structure model' 'Version format compliance' 
3 4 'Structure model' 'Data collection'           
4 5 'Structure model' 'Data collection'           
5 5 'Structure model' 'Database references'       
6 6 'Structure model' 'Refinement description'    
# 
loop_
_pdbx_audit_revision_category.ordinal 
_pdbx_audit_revision_category.revision_ordinal 
_pdbx_audit_revision_category.data_content_type 
_pdbx_audit_revision_category.category 
1 4 'Structure model' diffrn_source                 
2 5 'Structure model' chem_comp_atom                
3 5 'Structure model' chem_comp_bond                
4 5 'Structure model' database_2                    
5 6 'Structure model' pdbx_initial_refinement_model 
# 
loop_
_pdbx_audit_revision_item.ordinal 
_pdbx_audit_revision_item.revision_ordinal 
_pdbx_audit_revision_item.data_content_type 
_pdbx_audit_revision_item.item 
1 4 'Structure model' '_diffrn_source.type'                 
2 5 'Structure model' '_database_2.pdbx_DOI'                
3 5 'Structure model' '_database_2.pdbx_database_accession' 
# 
_pdbx_database_status.status_code                     REL 
_pdbx_database_status.entry_id                        280D 
_pdbx_database_status.recvd_initial_deposition_date   1996-08-22 
_pdbx_database_status.deposit_site                    NDB 
_pdbx_database_status.process_site                    NDB 
_pdbx_database_status.status_code_sf                  REL 
_pdbx_database_status.status_code_mr                  ? 
_pdbx_database_status.SG_entry                        ? 
_pdbx_database_status.pdb_format_compatible           Y 
_pdbx_database_status.status_code_cs                  ? 
_pdbx_database_status.methods_development_category    ? 
_pdbx_database_status.status_code_nmr_data            ? 
# 
loop_
_audit_author.name 
_audit_author.pdbx_ordinal 
'Lietzke, S.E.' 1 
'Barnes, C.L.'  2 
'Kundrot, C.E.' 3 
# 
loop_
_citation.id 
_citation.title 
_citation.journal_abbrev 
_citation.journal_volume 
_citation.page_first 
_citation.page_last 
_citation.year 
_citation.journal_id_ASTM 
_citation.country 
_citation.journal_id_ISSN 
_citation.journal_id_CSD 
_citation.book_publisher 
_citation.pdbx_database_id_PubMed 
_citation.pdbx_database_id_DOI 
primary 
;The structure of an RNA dodecamer shows how tandem U-U base pairs increase the range of stable RNA structures and the diversity of recognition sites.
;
Structure                  4  917  930  1996 STRUE6 UK 0969-2126 2005 ? 8805576 '10.1016/S0969-2126(96)00099-8' 
1       'Data reduction from twinned RNA crystals' 'Acta Crystallogr.,Sect.D' 52 687  ?    1996 ABCRE6 DK 0907-4449 0766 ? ?       
?                               
2       'Crystallization of Ribozymes and Small RNA Motifs by a Sparse Matrix Approach' Proc.Natl.Acad.Sci.USA     90 7829 7833 
1993 PNASA6 US 0027-8424 0040 ? ?       ?                               
# 
loop_
_citation_author.citation_id 
_citation_author.name 
_citation_author.ordinal 
_citation_author.identifier_ORCID 
primary 'Lietzke, S.E.'  1  ? 
primary 'Barnes, C.L.'   2  ? 
primary 'Berglund, J.A.' 3  ? 
primary 'Kundrot, C.E.'  4  ? 
1       'Lietzke, S.E.'  5  ? 
1       'Carperos, V.E.' 6  ? 
1       'Kundrot, C.E.'  7  ? 
2       'Doudna, J.A.'   8  ? 
2       'Grosshans, C.'  9  ? 
2       'Gooding, A.'    10 ? 
2       'Kundrot, C.E.'  11 ? 
# 
loop_
_entity.id 
_entity.type 
_entity.src_method 
_entity.pdbx_description 
_entity.formula_weight 
_entity.pdbx_number_of_molecules 
_entity.pdbx_ec 
_entity.pdbx_mutation 
_entity.pdbx_fragment 
_entity.details 
1 polymer man 
;RNA (5'-R(*GP*GP*CP*GP*CP*UP*UP*GP*CP*GP*UP*C)-3')
;
3820.296 4   ? ? ? ? 
2 water   nat water                                                18.015   158 ? ? ? ? 
# 
_entity_poly.entity_id                      1 
_entity_poly.type                           polyribonucleotide 
_entity_poly.nstd_linkage                   no 
_entity_poly.nstd_monomer                   no 
_entity_poly.pdbx_seq_one_letter_code       GGCGCUUGCGUC 
_entity_poly.pdbx_seq_one_letter_code_can   GGCGCUUGCGUC 
_entity_poly.pdbx_strand_id                 A,B,C,D 
_entity_poly.pdbx_target_identifier         ? 
# 
_pdbx_entity_nonpoly.entity_id   2 
_pdbx_entity_nonpoly.name        water 
_pdbx_entity_nonpoly.comp_id     HOH 
# 
loop_
_entity_poly_seq.entity_id 
_entity_poly_seq.num 
_entity_poly_seq.mon_id 
_entity_poly_seq.hetero 
1 1  G n 
1 2  G n 
1 3  C n 
1 4  G n 
1 5  C n 
1 6  U n 
1 7  U n 
1 8  G n 
1 9  C n 
1 10 G n 
1 11 U n 
1 12 C n 
# 
_entity_src_gen.entity_id                          1 
_entity_src_gen.pdbx_src_id                        1 
_entity_src_gen.pdbx_alt_source_flag               sample 
_entity_src_gen.pdbx_seq_type                      ? 
_entity_src_gen.pdbx_beg_seq_num                   ? 
_entity_src_gen.pdbx_end_seq_num                   ? 
_entity_src_gen.gene_src_common_name               ? 
_entity_src_gen.gene_src_genus                     ? 
_entity_src_gen.pdbx_gene_src_gene                 ? 
_entity_src_gen.gene_src_species                   ? 
_entity_src_gen.gene_src_strain                    ? 
_entity_src_gen.gene_src_tissue                    ? 
_entity_src_gen.gene_src_tissue_fraction           ? 
_entity_src_gen.gene_src_details                   ? 
_entity_src_gen.pdbx_gene_src_fragment             ? 
_entity_src_gen.pdbx_gene_src_scientific_name      ? 
_entity_src_gen.pdbx_gene_src_ncbi_taxonomy_id     ? 
_entity_src_gen.pdbx_gene_src_variant              ? 
_entity_src_gen.pdbx_gene_src_cell_line            ? 
_entity_src_gen.pdbx_gene_src_atcc                 ? 
_entity_src_gen.pdbx_gene_src_organ                ? 
_entity_src_gen.pdbx_gene_src_organelle            ? 
_entity_src_gen.pdbx_gene_src_cell                 ? 
_entity_src_gen.pdbx_gene_src_cellular_location    ? 
_entity_src_gen.host_org_common_name               ? 
_entity_src_gen.pdbx_host_org_scientific_name      'Escherichia coli BL21' 
_entity_src_gen.pdbx_host_org_ncbi_taxonomy_id     511693 
_entity_src_gen.host_org_genus                     Escherichia 
_entity_src_gen.pdbx_host_org_gene                 ? 
_entity_src_gen.pdbx_host_org_organ                ? 
_entity_src_gen.host_org_species                   'Escherichia coli' 
_entity_src_gen.pdbx_host_org_tissue               ? 
_entity_src_gen.pdbx_host_org_tissue_fraction      ? 
_entity_src_gen.pdbx_host_org_strain               BL21 
_entity_src_gen.pdbx_host_org_variant              ? 
_entity_src_gen.pdbx_host_org_cell_line            ? 
_entity_src_gen.pdbx_host_org_atcc                 ? 
_entity_src_gen.pdbx_host_org_culture_collection   ? 
_entity_src_gen.pdbx_host_org_cell                 ? 
_entity_src_gen.pdbx_host_org_organelle            ? 
_entity_src_gen.pdbx_host_org_cellular_location    ? 
_entity_src_gen.pdbx_host_org_vector_type          ? 
_entity_src_gen.pdbx_host_org_vector               ? 
_entity_src_gen.host_org_details                   ? 
_entity_src_gen.expression_system_id               ? 
_entity_src_gen.plasmid_name                       PAR1219 
_entity_src_gen.plasmid_details                    ? 
_entity_src_gen.pdbx_description                   
'THE DODECAMER WAS PREPARED BY TRANSCRIPTION WITH T7 RNA POLYMERASE FROM A SINGLE STRANDED DNA TEMPLATE.' 
# 
loop_
_chem_comp.id 
_chem_comp.type 
_chem_comp.mon_nstd_flag 
_chem_comp.name 
_chem_comp.pdbx_synonyms 
_chem_comp.formula 
_chem_comp.formula_weight 
C   'RNA linking' y "CYTIDINE-5'-MONOPHOSPHATE"  ? 'C9 H14 N3 O8 P'  323.197 
G   'RNA linking' y "GUANOSINE-5'-MONOPHOSPHATE" ? 'C10 H14 N5 O8 P' 363.221 
HOH non-polymer   . WATER                        ? 'H2 O'            18.015  
U   'RNA linking' y "URIDINE-5'-MONOPHOSPHATE"   ? 'C9 H13 N2 O9 P'  324.181 
# 
loop_
_pdbx_poly_seq_scheme.asym_id 
_pdbx_poly_seq_scheme.entity_id 
_pdbx_poly_seq_scheme.seq_id 
_pdbx_poly_seq_scheme.mon_id 
_pdbx_poly_seq_scheme.ndb_seq_num 
_pdbx_poly_seq_scheme.pdb_seq_num 
_pdbx_poly_seq_scheme.auth_seq_num 
_pdbx_poly_seq_scheme.pdb_mon_id 
_pdbx_poly_seq_scheme.auth_mon_id 
_pdbx_poly_seq_scheme.pdb_strand_id 
_pdbx_poly_seq_scheme.pdb_ins_code 
_pdbx_poly_seq_scheme.hetero 
A 1 1  G 1  1  1  G G A . n 
A 1 2  G 2  2  2  G G A . n 
A 1 3  C 3  3  3  C C A . n 
A 1 4  G 4  4  4  G G A . n 
A 1 5  C 5  5  5  C C A . n 
A 1 6  U 6  6  6  U U A . n 
A 1 7  U 7  7  7  U U A . n 
A 1 8  G 8  8  8  G G A . n 
A 1 9  C 9  9  9  C C A . n 
A 1 10 G 10 10 10 G G A . n 
A 1 11 U 11 11 11 U U A . n 
A 1 12 C 12 12 12 C C A . n 
B 1 1  G 1  13 13 G G B . n 
B 1 2  G 2  14 14 G G B . n 
B 1 3  C 3  15 15 C C B . n 
B 1 4  G 4  16 16 G G B . n 
B 1 5  C 5  17 17 C C B . n 
B 1 6  U 6  18 18 U U B . n 
B 1 7  U 7  19 19 U U B . n 
B 1 8  G 8  20 20 G G B . n 
B 1 9  C 9  21 21 C C B . n 
B 1 10 G 10 22 22 G G B . n 
B 1 11 U 11 23 23 U U B . n 
B 1 12 C 12 24 24 C C B . n 
C 1 1  G 1  25 25 G G C . n 
C 1 2  G 2  26 26 G G C . n 
C 1 3  C 3  27 27 C C C . n 
C 1 4  G 4  28 28 G G C . n 
C 1 5  C 5  29 29 C C C . n 
C 1 6  U 6  30 30 U U C . n 
C 1 7  U 7  31 31 U U C . n 
C 1 8  G 8  32 32 G G C . n 
C 1 9  C 9  33 33 C C C . n 
C 1 10 G 10 34 34 G G C . n 
C 1 11 U 11 35 35 U U C . n 
C 1 12 C 12 36 36 C C C . n 
D 1 1  G 1  37 37 G G D . n 
D 1 2  G 2  38 38 G G D . n 
D 1 3  C 3  39 39 C C D . n 
D 1 4  G 4  40 40 G G D . n 
D 1 5  C 5  41 41 C C D . n 
D 1 6  U 6  42 42 U U D . n 
D 1 7  U 7  43 43 U U D . n 
D 1 8  G 8  44 44 G G D . n 
D 1 9  C 9  45 45 C C D . n 
D 1 10 G 10 46 46 G G D . n 
D 1 11 U 11 47 47 U U D . n 
D 1 12 C 12 48 48 C C D . n 
# 
loop_
_pdbx_nonpoly_scheme.asym_id 
_pdbx_nonpoly_scheme.entity_id 
_pdbx_nonpoly_scheme.mon_id 
_pdbx_nonpoly_scheme.ndb_seq_num 
_pdbx_nonpoly_scheme.pdb_seq_num 
_pdbx_nonpoly_scheme.auth_seq_num 
_pdbx_nonpoly_scheme.pdb_mon_id 
_pdbx_nonpoly_scheme.auth_mon_id 
_pdbx_nonpoly_scheme.pdb_strand_id 
_pdbx_nonpoly_scheme.pdb_ins_code 
E 2 HOH 1  50  50  HOH HOH A . 
E 2 HOH 2  57  57  HOH HOH A . 
E 2 HOH 3  59  59  HOH HOH A . 
E 2 HOH 4  60  60  HOH HOH A . 
E 2 HOH 5  68  68  HOH HOH A . 
E 2 HOH 6  70  70  HOH HOH A . 
E 2 HOH 7  71  71  HOH HOH A . 
E 2 HOH 8  74  74  HOH HOH A . 
E 2 HOH 9  78  78  HOH HOH A . 
E 2 HOH 10 87  87  HOH HOH A . 
E 2 HOH 11 96  96  HOH HOH A . 
E 2 HOH 12 100 100 HOH HOH A . 
E 2 HOH 13 101 101 HOH HOH A . 
E 2 HOH 14 103 103 HOH HOH A . 
E 2 HOH 15 104 104 HOH HOH A . 
E 2 HOH 16 110 110 HOH HOH A . 
E 2 HOH 17 112 112 HOH HOH A . 
E 2 HOH 18 115 115 HOH HOH A . 
E 2 HOH 19 116 116 HOH HOH A . 
E 2 HOH 20 117 117 HOH HOH A . 
E 2 HOH 21 120 120 HOH HOH A . 
E 2 HOH 22 130 130 HOH HOH A . 
E 2 HOH 23 132 132 HOH HOH A . 
E 2 HOH 24 133 133 HOH HOH A . 
E 2 HOH 25 135 135 HOH HOH A . 
E 2 HOH 26 136 136 HOH HOH A . 
E 2 HOH 27 140 140 HOH HOH A . 
E 2 HOH 28 146 146 HOH HOH A . 
E 2 HOH 29 150 150 HOH HOH A . 
E 2 HOH 30 151 151 HOH HOH A . 
E 2 HOH 31 152 152 HOH HOH A . 
E 2 HOH 32 155 155 HOH HOH A . 
E 2 HOH 33 157 157 HOH HOH A . 
E 2 HOH 34 166 166 HOH HOH A . 
E 2 HOH 35 167 167 HOH HOH A . 
E 2 HOH 36 171 171 HOH HOH A . 
E 2 HOH 37 172 172 HOH HOH A . 
E 2 HOH 38 173 173 HOH HOH A . 
E 2 HOH 39 174 174 HOH HOH A . 
E 2 HOH 40 180 180 HOH HOH A . 
E 2 HOH 41 183 183 HOH HOH A . 
E 2 HOH 42 190 190 HOH HOH A . 
E 2 HOH 43 191 191 HOH HOH A . 
E 2 HOH 44 192 192 HOH HOH A . 
E 2 HOH 45 193 193 HOH HOH A . 
E 2 HOH 46 196 196 HOH HOH A . 
E 2 HOH 47 197 197 HOH HOH A . 
E 2 HOH 48 199 199 HOH HOH A . 
E 2 HOH 49 203 203 HOH HOH A . 
E 2 HOH 50 204 204 HOH HOH A . 
E 2 HOH 51 205 205 HOH HOH A . 
F 2 HOH 1  51  51  HOH HOH B . 
F 2 HOH 2  56  56  HOH HOH B . 
F 2 HOH 3  58  58  HOH HOH B . 
F 2 HOH 4  62  62  HOH HOH B . 
F 2 HOH 5  63  63  HOH HOH B . 
F 2 HOH 6  64  64  HOH HOH B . 
F 2 HOH 7  66  66  HOH HOH B . 
F 2 HOH 8  69  69  HOH HOH B . 
F 2 HOH 9  77  77  HOH HOH B . 
F 2 HOH 10 80  80  HOH HOH B . 
F 2 HOH 11 86  86  HOH HOH B . 
F 2 HOH 12 91  91  HOH HOH B . 
F 2 HOH 13 98  98  HOH HOH B . 
F 2 HOH 14 99  99  HOH HOH B . 
F 2 HOH 15 113 113 HOH HOH B . 
F 2 HOH 16 118 118 HOH HOH B . 
F 2 HOH 17 119 119 HOH HOH B . 
F 2 HOH 18 121 121 HOH HOH B . 
F 2 HOH 19 123 123 HOH HOH B . 
F 2 HOH 20 126 126 HOH HOH B . 
F 2 HOH 21 128 128 HOH HOH B . 
F 2 HOH 22 129 129 HOH HOH B . 
F 2 HOH 23 131 131 HOH HOH B . 
F 2 HOH 24 134 134 HOH HOH B . 
F 2 HOH 25 137 137 HOH HOH B . 
F 2 HOH 26 142 142 HOH HOH B . 
F 2 HOH 27 144 144 HOH HOH B . 
F 2 HOH 28 149 149 HOH HOH B . 
F 2 HOH 29 154 154 HOH HOH B . 
F 2 HOH 30 158 158 HOH HOH B . 
F 2 HOH 31 160 160 HOH HOH B . 
F 2 HOH 32 161 161 HOH HOH B . 
F 2 HOH 33 164 164 HOH HOH B . 
F 2 HOH 34 195 195 HOH HOH B . 
F 2 HOH 35 206 206 HOH HOH B . 
G 2 HOH 1  54  54  HOH HOH C . 
G 2 HOH 2  61  61  HOH HOH C . 
G 2 HOH 3  65  65  HOH HOH C . 
G 2 HOH 4  73  73  HOH HOH C . 
G 2 HOH 5  76  76  HOH HOH C . 
G 2 HOH 6  82  82  HOH HOH C . 
G 2 HOH 7  85  85  HOH HOH C . 
G 2 HOH 8  88  88  HOH HOH C . 
G 2 HOH 9  89  89  HOH HOH C . 
G 2 HOH 10 90  90  HOH HOH C . 
G 2 HOH 11 97  97  HOH HOH C . 
G 2 HOH 12 102 102 HOH HOH C . 
G 2 HOH 13 105 105 HOH HOH C . 
G 2 HOH 14 108 108 HOH HOH C . 
G 2 HOH 15 114 114 HOH HOH C . 
G 2 HOH 16 125 125 HOH HOH C . 
G 2 HOH 17 127 127 HOH HOH C . 
G 2 HOH 18 139 139 HOH HOH C . 
G 2 HOH 19 141 141 HOH HOH C . 
G 2 HOH 20 143 143 HOH HOH C . 
G 2 HOH 21 145 145 HOH HOH C . 
G 2 HOH 22 148 148 HOH HOH C . 
G 2 HOH 23 156 156 HOH HOH C . 
G 2 HOH 24 165 165 HOH HOH C . 
G 2 HOH 25 168 168 HOH HOH C . 
G 2 HOH 26 169 169 HOH HOH C . 
G 2 HOH 27 170 170 HOH HOH C . 
G 2 HOH 28 175 175 HOH HOH C . 
G 2 HOH 29 176 176 HOH HOH C . 
G 2 HOH 30 182 182 HOH HOH C . 
G 2 HOH 31 184 184 HOH HOH C . 
G 2 HOH 32 187 187 HOH HOH C . 
G 2 HOH 33 189 189 HOH HOH C . 
G 2 HOH 34 198 198 HOH HOH C . 
G 2 HOH 35 201 201 HOH HOH C . 
H 2 HOH 1  49  49  HOH HOH D . 
H 2 HOH 2  52  52  HOH HOH D . 
H 2 HOH 3  53  53  HOH HOH D . 
H 2 HOH 4  55  55  HOH HOH D . 
H 2 HOH 5  67  67  HOH HOH D . 
H 2 HOH 6  72  72  HOH HOH D . 
H 2 HOH 7  75  75  HOH HOH D . 
H 2 HOH 8  79  79  HOH HOH D . 
H 2 HOH 9  81  81  HOH HOH D . 
H 2 HOH 10 83  83  HOH HOH D . 
H 2 HOH 11 84  84  HOH HOH D . 
H 2 HOH 12 92  92  HOH HOH D . 
H 2 HOH 13 93  93  HOH HOH D . 
H 2 HOH 14 94  94  HOH HOH D . 
H 2 HOH 15 95  95  HOH HOH D . 
H 2 HOH 16 106 106 HOH HOH D . 
H 2 HOH 17 107 107 HOH HOH D . 
H 2 HOH 18 109 109 HOH HOH D . 
H 2 HOH 19 111 111 HOH HOH D . 
H 2 HOH 20 122 122 HOH HOH D . 
H 2 HOH 21 124 124 HOH HOH D . 
H 2 HOH 22 138 138 HOH HOH D . 
H 2 HOH 23 147 147 HOH HOH D . 
H 2 HOH 24 153 153 HOH HOH D . 
H 2 HOH 25 159 159 HOH HOH D . 
H 2 HOH 26 162 162 HOH HOH D . 
H 2 HOH 27 163 163 HOH HOH D . 
H 2 HOH 28 177 177 HOH HOH D . 
H 2 HOH 29 178 178 HOH HOH D . 
H 2 HOH 30 179 179 HOH HOH D . 
H 2 HOH 31 181 181 HOH HOH D . 
H 2 HOH 32 185 185 HOH HOH D . 
H 2 HOH 33 186 186 HOH HOH D . 
H 2 HOH 34 188 188 HOH HOH D . 
H 2 HOH 35 194 194 HOH HOH D . 
H 2 HOH 36 200 200 HOH HOH D . 
H 2 HOH 37 202 202 HOH HOH D . 
# 
loop_
_software.name 
_software.classification 
_software.version 
_software.citation_id 
_software.pdbx_ordinal 
AMoRE  phasing          . ? 1 
X-PLOR refinement       . ? 2 
XDS    'data reduction' . ? 3 
XSCALE 'data scaling'   . ? 4 
# 
_cell.entry_id           280D 
_cell.length_a           29.440 
_cell.length_b           28.910 
_cell.length_c           46.460 
_cell.angle_alpha        98.87 
_cell.angle_beta         72.95 
_cell.angle_gamma        96.16 
_cell.Z_PDB              4 
_cell.pdbx_unique_axis   ? 
# 
_symmetry.entry_id                         280D 
_symmetry.space_group_name_H-M             'P 1' 
_symmetry.pdbx_full_space_group_name_H-M   ? 
_symmetry.cell_setting                     ? 
_symmetry.Int_Tables_number                1 
# 
_exptl.entry_id          280D 
_exptl.method            'X-RAY DIFFRACTION' 
_exptl.crystals_number   2 
# 
_exptl_crystal.id                    1 
_exptl_crystal.density_meas          ? 
_exptl_crystal.density_Matthews      2.44 
_exptl_crystal.density_percent_sol   49.57 
_exptl_crystal.description           
;THE CRYSTALS WERE TWINNED; DATA FROM EACH LATTICE WAS INDIVIDUALLY PROCESSED WITH XDS AND A SET OF PROGRAMS DESCRIBED IN REFERENCE 1. DATA FROM THE TWO LATTICES WERE THEN MERGED WITH XSCALE.
;
# 
_exptl_crystal_grow.crystal_id      1 
_exptl_crystal_grow.method          'VAPOR DIFFUSION' 
_exptl_crystal_grow.temp            ? 
_exptl_crystal_grow.temp_details    'ROOM TEMPERATURE' 
_exptl_crystal_grow.pH              7.00 
_exptl_crystal_grow.pdbx_details    'pH 7.00, VAPOR DIFFUSION' 
_exptl_crystal_grow.pdbx_pH_range   ? 
# 
loop_
_exptl_crystal_grow_comp.crystal_id 
_exptl_crystal_grow_comp.id 
_exptl_crystal_grow_comp.sol_id 
_exptl_crystal_grow_comp.name 
_exptl_crystal_grow_comp.volume 
_exptl_crystal_grow_comp.conc 
_exptl_crystal_grow_comp.details 
1 1 1 WATER           ? ? ? 
1 2 1 MPD             ? ? ? 
1 3 1 MGCL2           ? ? ? 
1 4 1 'NA CACODYLATE' ? ? ? 
1 5 1 'NH4 ACETATE'   ? ? ? 
1 6 2 WATER           ? ? ? 
1 7 2 MPD             ? ? ? 
1 8 2 MGCL2           ? ? ? 
1 9 2 'NA CACODYLATE' ? ? ? 
# 
_diffrn.id                     1 
_diffrn.ambient_temp           100.00 
_diffrn.ambient_temp_details   ? 
_diffrn.crystal_id             1 
# 
_diffrn_detector.diffrn_id              1 
_diffrn_detector.detector               'AREA DETECTOR' 
_diffrn_detector.type                   'SIEMENS-NICOLET X100' 
_diffrn_detector.pdbx_collection_date   1995-03-22 
_diffrn_detector.details                ? 
# 
_diffrn_radiation.diffrn_id                        1 
_diffrn_radiation.wavelength_id                    1 
_diffrn_radiation.pdbx_monochromatic_or_laue_m_l   M 
_diffrn_radiation.monochromator                    GRAPHITE 
_diffrn_radiation.pdbx_diffrn_protocol             ? 
_diffrn_radiation.pdbx_scattering_type             x-ray 
# 
_diffrn_radiation_wavelength.id           1 
_diffrn_radiation_wavelength.wavelength   1.5418 
_diffrn_radiation_wavelength.wt           1.0 
# 
_diffrn_source.diffrn_id                   1 
_diffrn_source.source                      'ROTATING ANODE' 
_diffrn_source.type                        'RIGAKU RU200' 
_diffrn_source.pdbx_synchrotron_site       ? 
_diffrn_source.pdbx_synchrotron_beamline   ? 
_diffrn_source.pdbx_wavelength             1.5418 
_diffrn_source.pdbx_wavelength_list        ? 
# 
_reflns.entry_id                     280D 
_reflns.observed_criterion_sigma_I   ? 
_reflns.observed_criterion_sigma_F   ? 
_reflns.d_resolution_low             15.000 
_reflns.d_resolution_high            2.400 
_reflns.number_obs                   5429 
_reflns.number_all                   ? 
_reflns.percent_possible_obs         95.400 
_reflns.pdbx_Rmerge_I_obs            0.0760000 
_reflns.pdbx_Rsym_value              ? 
_reflns.pdbx_netI_over_sigmaI        44.600 
_reflns.B_iso_Wilson_estimate        ? 
_reflns.pdbx_redundancy              4.900 
_reflns.pdbx_diffrn_id               1 
_reflns.pdbx_ordinal                 1 
# 
_reflns_shell.d_res_high             2.400 
_reflns_shell.d_res_low              2.600 
_reflns_shell.percent_possible_all   95.50 
_reflns_shell.Rmerge_I_obs           0.1820000 
_reflns_shell.pdbx_Rsym_value        ? 
_reflns_shell.meanI_over_sigI_obs    8.050 
_reflns_shell.pdbx_redundancy        2.400 
_reflns_shell.pdbx_diffrn_id         ? 
_reflns_shell.pdbx_ordinal           1 
# 
_refine.entry_id                                 280D 
_refine.ls_number_reflns_obs                     5142 
_refine.ls_number_reflns_all                     ? 
_refine.pdbx_ls_sigma_I                          ? 
_refine.pdbx_ls_sigma_F                          2.000 
_refine.pdbx_data_cutoff_high_absF               ? 
_refine.pdbx_data_cutoff_low_absF                ? 
_refine.pdbx_data_cutoff_high_rms_absF           ? 
_refine.ls_d_res_low                             8.000 
_refine.ls_d_res_high                            2.400 
_refine.ls_percent_reflns_obs                    ? 
_refine.ls_R_factor_obs                          0.1910000 
_refine.ls_R_factor_all                          ? 
_refine.ls_R_factor_R_work                       0.1910000 
_refine.ls_R_factor_R_free                       0.2400000 
_refine.ls_R_factor_R_free_error                 ? 
_refine.ls_R_factor_R_free_error_details         ? 
_refine.ls_percent_reflns_R_free                 0.10 
_refine.ls_number_reflns_R_free                  ? 
_refine.ls_number_parameters                     ? 
_refine.ls_number_restraints                     ? 
_refine.occupancy_min                            ? 
_refine.occupancy_max                            ? 
_refine.B_iso_mean                               ? 
_refine.aniso_B[1][1]                            ? 
_refine.aniso_B[2][2]                            ? 
_refine.aniso_B[3][3]                            ? 
_refine.aniso_B[1][2]                            ? 
_refine.aniso_B[1][3]                            ? 
_refine.aniso_B[2][3]                            ? 
_refine.solvent_model_details                    ? 
_refine.solvent_model_param_ksol                 ? 
_refine.solvent_model_param_bsol                 ? 
_refine.pdbx_ls_cross_valid_method               ? 
_refine.details                                  ? 
_refine.pdbx_starting_model                      
;HELIX 1 OF THE RNA DODECAMER CONTAINING THE E. COLI SHINE DALGARNO SEQUENCE (NDB ID ARL062) WITH THE SEQUENCE MUTATED TO R(GGCGCUUGCGUC).
;
_refine.pdbx_method_to_determine_struct          'MOLECULAR REPLACEMENT' 
_refine.pdbx_isotropic_thermal_model             ? 
_refine.pdbx_stereochemistry_target_values       ? 
_refine.pdbx_stereochem_target_val_spec_case     ? 
_refine.pdbx_R_Free_selection_details            ? 
_refine.pdbx_overall_ESU_R                       ? 
_refine.pdbx_overall_ESU_R_Free                  ? 
_refine.overall_SU_ML                            ? 
_refine.overall_SU_B                             ? 
_refine.pdbx_refine_id                           'X-RAY DIFFRACTION' 
_refine.pdbx_diffrn_id                           1 
_refine.pdbx_TLS_residual_ADP_flag               ? 
_refine.correlation_coeff_Fo_to_Fc               ? 
_refine.correlation_coeff_Fo_to_Fc_free          ? 
_refine.pdbx_solvent_vdw_probe_radii             ? 
_refine.pdbx_solvent_ion_probe_radii             ? 
_refine.pdbx_solvent_shrinkage_radii             ? 
_refine.pdbx_overall_phase_error                 ? 
_refine.overall_SU_R_Cruickshank_DPI             ? 
_refine.pdbx_overall_SU_R_free_Cruickshank_DPI   ? 
_refine.pdbx_overall_SU_R_Blow_DPI               ? 
_refine.pdbx_overall_SU_R_free_Blow_DPI          ? 
# 
_refine_hist.pdbx_refine_id                   'X-RAY DIFFRACTION' 
_refine_hist.cycle_id                         LAST 
_refine_hist.pdbx_number_atoms_protein        0 
_refine_hist.pdbx_number_atoms_nucleic_acid   1008 
_refine_hist.pdbx_number_atoms_ligand         0 
_refine_hist.number_atoms_solvent             158 
_refine_hist.number_atoms_total               1166 
_refine_hist.d_res_high                       2.400 
_refine_hist.d_res_low                        8.000 
# 
loop_
_refine_ls_restr.type 
_refine_ls_restr.dev_ideal 
_refine_ls_restr.dev_ideal_target 
_refine_ls_restr.weight 
_refine_ls_restr.number 
_refine_ls_restr.pdbx_refine_id 
_refine_ls_restr.pdbx_restraint_function 
x_bond_d                0.010 ? ? ? 'X-RAY DIFFRACTION' ? 
x_bond_d_na             ?     ? ? ? 'X-RAY DIFFRACTION' ? 
x_bond_d_prot           ?     ? ? ? 'X-RAY DIFFRACTION' ? 
x_angle_d               ?     ? ? ? 'X-RAY DIFFRACTION' ? 
x_angle_d_na            ?     ? ? ? 'X-RAY DIFFRACTION' ? 
x_angle_d_prot          ?     ? ? ? 'X-RAY DIFFRACTION' ? 
x_angle_deg             1.26  ? ? ? 'X-RAY DIFFRACTION' ? 
x_angle_deg_na          ?     ? ? ? 'X-RAY DIFFRACTION' ? 
x_angle_deg_prot        ?     ? ? ? 'X-RAY DIFFRACTION' ? 
x_dihedral_angle_d      8.0   ? ? ? 'X-RAY DIFFRACTION' ? 
x_dihedral_angle_d_na   ?     ? ? ? 'X-RAY DIFFRACTION' ? 
x_dihedral_angle_d_prot ?     ? ? ? 'X-RAY DIFFRACTION' ? 
x_improper_angle_d      1.50  ? ? ? 'X-RAY DIFFRACTION' ? 
x_improper_angle_d_na   ?     ? ? ? 'X-RAY DIFFRACTION' ? 
x_improper_angle_d_prot ?     ? ? ? 'X-RAY DIFFRACTION' ? 
x_mcbond_it             ?     ? ? ? 'X-RAY DIFFRACTION' ? 
x_mcangle_it            ?     ? ? ? 'X-RAY DIFFRACTION' ? 
x_scbond_it             ?     ? ? ? 'X-RAY DIFFRACTION' ? 
x_scangle_it            ?     ? ? ? 'X-RAY DIFFRACTION' ? 
# 
_refine_ls_shell.pdbx_total_number_of_bins_used   ? 
_refine_ls_shell.d_res_high                       2.40 
_refine_ls_shell.d_res_low                        2.51 
_refine_ls_shell.number_reflns_R_work             458 
_refine_ls_shell.R_factor_R_work                  0.3600000 
_refine_ls_shell.percent_reflns_obs               ? 
_refine_ls_shell.R_factor_R_free                  0.4100000 
_refine_ls_shell.R_factor_R_free_error            ? 
_refine_ls_shell.percent_reflns_R_free            ? 
_refine_ls_shell.number_reflns_R_free             ? 
_refine_ls_shell.pdbx_refine_id                   'X-RAY DIFFRACTION' 
_refine_ls_shell.number_reflns_all                ? 
_refine_ls_shell.R_factor_all                     ? 
# 
loop_
_pdbx_xplor_file.serial_no 
_pdbx_xplor_file.param_file 
_pdbx_xplor_file.topol_file 
_pdbx_xplor_file.pdbx_refine_id 
1 BERMAN BERMAN 'X-RAY DIFFRACTION' 
2 BERMAN BERMAN 'X-RAY DIFFRACTION' 
# 
_struct.entry_id                  280D 
_struct.title                     
;THE STRUCTURE OF AN RNA DODECAMER SHOWS HOW TANDEM U-U BASE PAIRS INCREASE THE RANGE OF STABLE RNA STRUCTURES AND THE DIVERSITY OF RECOGNITION SITES
;
_struct.pdbx_model_details        ? 
_struct.pdbx_CASP_flag            ? 
_struct.pdbx_model_type_details   ? 
# 
_struct_keywords.entry_id        280D 
_struct_keywords.pdbx_keywords   RNA 
_struct_keywords.text            'UNUSUAL RNA, DOUBLE HELIX, INTERNAL LOOP, MISMATCHED, RNA' 
# 
loop_
_struct_asym.id 
_struct_asym.pdbx_blank_PDB_chainid_flag 
_struct_asym.pdbx_modified 
_struct_asym.entity_id 
_struct_asym.details 
A N N 1 ? 
B N N 1 ? 
C N N 1 ? 
D N N 1 ? 
E N N 2 ? 
F N N 2 ? 
G N N 2 ? 
H N N 2 ? 
# 
_struct_ref.id                         1 
_struct_ref.entity_id                  1 
_struct_ref.db_name                    PDB 
_struct_ref.db_code                    280D 
_struct_ref.pdbx_db_accession          280D 
_struct_ref.pdbx_db_isoform            ? 
_struct_ref.pdbx_seq_one_letter_code   ? 
_struct_ref.pdbx_align_begin           ? 
# 
loop_
_struct_ref_seq.align_id 
_struct_ref_seq.ref_id 
_struct_ref_seq.pdbx_PDB_id_code 
_struct_ref_seq.pdbx_strand_id 
_struct_ref_seq.seq_align_beg 
_struct_ref_seq.pdbx_seq_align_beg_ins_code 
_struct_ref_seq.seq_align_end 
_struct_ref_seq.pdbx_seq_align_end_ins_code 
_struct_ref_seq.pdbx_db_accession 
_struct_ref_seq.db_align_beg 
_struct_ref_seq.pdbx_db_align_beg_ins_code 
_struct_ref_seq.db_align_end 
_struct_ref_seq.pdbx_db_align_end_ins_code 
_struct_ref_seq.pdbx_auth_seq_align_beg 
_struct_ref_seq.pdbx_auth_seq_align_end 
1 1 280D A 1 ? 12 ? 280D 1  ? 12 ? 1  12 
2 1 280D B 1 ? 12 ? 280D 13 ? 24 ? 13 24 
3 1 280D C 1 ? 12 ? 280D 25 ? 36 ? 25 36 
4 1 280D D 1 ? 12 ? 280D 37 ? 48 ? 37 48 
# 
loop_
_pdbx_struct_assembly.id 
_pdbx_struct_assembly.details 
_pdbx_struct_assembly.method_details 
_pdbx_struct_assembly.oligomeric_details 
_pdbx_struct_assembly.oligomeric_count 
1 author_defined_assembly ? dimeric 2 
2 author_defined_assembly ? dimeric 2 
# 
loop_
_pdbx_struct_assembly_gen.assembly_id 
_pdbx_struct_assembly_gen.oper_expression 
_pdbx_struct_assembly_gen.asym_id_list 
1 1 A,B,E,F 
2 1 C,D,G,H 
# 
_pdbx_struct_oper_list.id                   1 
_pdbx_struct_oper_list.type                 'identity operation' 
_pdbx_struct_oper_list.name                 1_555 
_pdbx_struct_oper_list.symmetry_operation   x,y,z 
_pdbx_struct_oper_list.matrix[1][1]         1.0000000000 
_pdbx_struct_oper_list.matrix[1][2]         0.0000000000 
_pdbx_struct_oper_list.matrix[1][3]         0.0000000000 
_pdbx_struct_oper_list.vector[1]            0.0000000000 
_pdbx_struct_oper_list.matrix[2][1]         0.0000000000 
_pdbx_struct_oper_list.matrix[2][2]         1.0000000000 
_pdbx_struct_oper_list.matrix[2][3]         0.0000000000 
_pdbx_struct_oper_list.vector[2]            0.0000000000 
_pdbx_struct_oper_list.matrix[3][1]         0.0000000000 
_pdbx_struct_oper_list.matrix[3][2]         0.0000000000 
_pdbx_struct_oper_list.matrix[3][3]         1.0000000000 
_pdbx_struct_oper_list.vector[3]            0.0000000000 
# 
loop_
_struct_biol.id 
1 
2 
# 
loop_
_struct_conn.id 
_struct_conn.conn_type_id 
_struct_conn.pdbx_leaving_atom_flag 
_struct_conn.pdbx_PDB_id 
_struct_conn.ptnr1_label_asym_id 
_struct_conn.ptnr1_label_comp_id 
_struct_conn.ptnr1_label_seq_id 
_struct_conn.ptnr1_label_atom_id 
_struct_conn.pdbx_ptnr1_label_alt_id 
_struct_conn.pdbx_ptnr1_PDB_ins_code 
_struct_conn.pdbx_ptnr1_standard_comp_id 
_struct_conn.ptnr1_symmetry 
_struct_conn.ptnr2_label_asym_id 
_struct_conn.ptnr2_label_comp_id 
_struct_conn.ptnr2_label_seq_id 
_struct_conn.ptnr2_label_atom_id 
_struct_conn.pdbx_ptnr2_label_alt_id 
_struct_conn.pdbx_ptnr2_PDB_ins_code 
_struct_conn.ptnr1_auth_asym_id 
_struct_conn.ptnr1_auth_comp_id 
_struct_conn.ptnr1_auth_seq_id 
_struct_conn.ptnr2_auth_asym_id 
_struct_conn.ptnr2_auth_comp_id 
_struct_conn.ptnr2_auth_seq_id 
_struct_conn.ptnr2_symmetry 
_struct_conn.pdbx_ptnr3_label_atom_id 
_struct_conn.pdbx_ptnr3_label_seq_id 
_struct_conn.pdbx_ptnr3_label_comp_id 
_struct_conn.pdbx_ptnr3_label_asym_id 
_struct_conn.pdbx_ptnr3_label_alt_id 
_struct_conn.pdbx_ptnr3_PDB_ins_code 
_struct_conn.details 
_struct_conn.pdbx_dist_value 
_struct_conn.pdbx_value_order 
_struct_conn.pdbx_role 
hydrog1  hydrog ? ? A G 1  N1 ? ? ? 1_555 B C 12 N3 ? ? A G 1  B C 24 1_555 ? ? ? ? ? ? WATSON-CRICK ? ? ? 
hydrog2  hydrog ? ? A G 1  N2 ? ? ? 1_555 B C 12 O2 ? ? A G 1  B C 24 1_555 ? ? ? ? ? ? WATSON-CRICK ? ? ? 
hydrog3  hydrog ? ? A G 1  O6 ? ? ? 1_555 B C 12 N4 ? ? A G 1  B C 24 1_555 ? ? ? ? ? ? WATSON-CRICK ? ? ? 
hydrog4  hydrog ? ? A G 2  N1 ? ? ? 1_555 B U 11 O2 ? ? A G 2  B U 23 1_555 ? ? ? ? ? ? TYPE_28_PAIR ? ? ? 
hydrog5  hydrog ? ? A G 2  O6 ? ? ? 1_555 B U 11 N3 ? ? A G 2  B U 23 1_555 ? ? ? ? ? ? TYPE_28_PAIR ? ? ? 
hydrog6  hydrog ? ? A C 3  N3 ? ? ? 1_555 B G 10 N1 ? ? A C 3  B G 22 1_555 ? ? ? ? ? ? WATSON-CRICK ? ? ? 
hydrog7  hydrog ? ? A C 3  N4 ? ? ? 1_555 B G 10 O6 ? ? A C 3  B G 22 1_555 ? ? ? ? ? ? WATSON-CRICK ? ? ? 
hydrog8  hydrog ? ? A C 3  O2 ? ? ? 1_555 B G 10 N2 ? ? A C 3  B G 22 1_555 ? ? ? ? ? ? WATSON-CRICK ? ? ? 
hydrog9  hydrog ? ? A G 4  N1 ? ? ? 1_555 B C 9  N3 ? ? A G 4  B C 21 1_555 ? ? ? ? ? ? WATSON-CRICK ? ? ? 
hydrog10 hydrog ? ? A G 4  N2 ? ? ? 1_555 B C 9  O2 ? ? A G 4  B C 21 1_555 ? ? ? ? ? ? WATSON-CRICK ? ? ? 
hydrog11 hydrog ? ? A G 4  O6 ? ? ? 1_555 B C 9  N4 ? ? A G 4  B C 21 1_555 ? ? ? ? ? ? WATSON-CRICK ? ? ? 
hydrog12 hydrog ? ? A C 5  N3 ? ? ? 1_555 B G 8  N1 ? ? A C 5  B G 20 1_555 ? ? ? ? ? ? WATSON-CRICK ? ? ? 
hydrog13 hydrog ? ? A C 5  N4 ? ? ? 1_555 B G 8  O6 ? ? A C 5  B G 20 1_555 ? ? ? ? ? ? WATSON-CRICK ? ? ? 
hydrog14 hydrog ? ? A C 5  O2 ? ? ? 1_555 B G 8  N2 ? ? A C 5  B G 20 1_555 ? ? ? ? ? ? WATSON-CRICK ? ? ? 
hydrog15 hydrog ? ? A U 6  N3 ? ? ? 1_555 B U 7  O4 ? ? A U 6  B U 19 1_555 ? ? ? ? ? ? TYPE_16_PAIR ? ? ? 
hydrog16 hydrog ? ? A U 6  O2 ? ? ? 1_555 B U 7  N3 ? ? A U 6  B U 19 1_555 ? ? ? ? ? ? TYPE_16_PAIR ? ? ? 
hydrog17 hydrog ? ? A U 7  N3 ? ? ? 1_555 B U 6  O2 ? ? A U 7  B U 18 1_555 ? ? ? ? ? ? TYPE_16_PAIR ? ? ? 
hydrog18 hydrog ? ? A U 7  O4 ? ? ? 1_555 B U 6  N3 ? ? A U 7  B U 18 1_555 ? ? ? ? ? ? TYPE_16_PAIR ? ? ? 
hydrog19 hydrog ? ? A G 8  N1 ? ? ? 1_555 B C 5  N3 ? ? A G 8  B C 17 1_555 ? ? ? ? ? ? WATSON-CRICK ? ? ? 
hydrog20 hydrog ? ? A G 8  N2 ? ? ? 1_555 B C 5  O2 ? ? A G 8  B C 17 1_555 ? ? ? ? ? ? WATSON-CRICK ? ? ? 
hydrog21 hydrog ? ? A G 8  O6 ? ? ? 1_555 B C 5  N4 ? ? A G 8  B C 17 1_555 ? ? ? ? ? ? WATSON-CRICK ? ? ? 
hydrog22 hydrog ? ? A C 9  N3 ? ? ? 1_555 B G 4  N1 ? ? A C 9  B G 16 1_555 ? ? ? ? ? ? WATSON-CRICK ? ? ? 
hydrog23 hydrog ? ? A C 9  N4 ? ? ? 1_555 B G 4  O6 ? ? A C 9  B G 16 1_555 ? ? ? ? ? ? WATSON-CRICK ? ? ? 
hydrog24 hydrog ? ? A C 9  O2 ? ? ? 1_555 B G 4  N2 ? ? A C 9  B G 16 1_555 ? ? ? ? ? ? WATSON-CRICK ? ? ? 
hydrog25 hydrog ? ? A G 10 N1 ? ? ? 1_555 B C 3  N3 ? ? A G 10 B C 15 1_555 ? ? ? ? ? ? WATSON-CRICK ? ? ? 
hydrog26 hydrog ? ? A G 10 N2 ? ? ? 1_555 B C 3  O2 ? ? A G 10 B C 15 1_555 ? ? ? ? ? ? WATSON-CRICK ? ? ? 
hydrog27 hydrog ? ? A G 10 O6 ? ? ? 1_555 B C 3  N4 ? ? A G 10 B C 15 1_555 ? ? ? ? ? ? WATSON-CRICK ? ? ? 
hydrog28 hydrog ? ? A U 11 N3 ? ? ? 1_555 B G 2  O6 ? ? A U 11 B G 14 1_555 ? ? ? ? ? ? TYPE_28_PAIR ? ? ? 
hydrog29 hydrog ? ? A U 11 O2 ? ? ? 1_555 B G 2  N1 ? ? A U 11 B G 14 1_555 ? ? ? ? ? ? TYPE_28_PAIR ? ? ? 
hydrog30 hydrog ? ? A C 12 N3 ? ? ? 1_555 B G 1  N1 ? ? A C 12 B G 13 1_555 ? ? ? ? ? ? WATSON-CRICK ? ? ? 
hydrog31 hydrog ? ? A C 12 N4 ? ? ? 1_555 B G 1  O6 ? ? A C 12 B G 13 1_555 ? ? ? ? ? ? WATSON-CRICK ? ? ? 
hydrog32 hydrog ? ? A C 12 O2 ? ? ? 1_555 B G 1  N2 ? ? A C 12 B G 13 1_555 ? ? ? ? ? ? WATSON-CRICK ? ? ? 
hydrog33 hydrog ? ? C G 1  N1 ? ? ? 1_555 D C 12 N3 ? ? C G 25 D C 48 1_555 ? ? ? ? ? ? WATSON-CRICK ? ? ? 
hydrog34 hydrog ? ? C G 1  N2 ? ? ? 1_555 D C 12 O2 ? ? C G 25 D C 48 1_555 ? ? ? ? ? ? WATSON-CRICK ? ? ? 
hydrog35 hydrog ? ? C G 1  O6 ? ? ? 1_555 D C 12 N4 ? ? C G 25 D C 48 1_555 ? ? ? ? ? ? WATSON-CRICK ? ? ? 
hydrog36 hydrog ? ? C G 2  N1 ? ? ? 1_555 D U 11 O2 ? ? C G 26 D U 47 1_555 ? ? ? ? ? ? TYPE_28_PAIR ? ? ? 
hydrog37 hydrog ? ? C G 2  O6 ? ? ? 1_555 D U 11 N3 ? ? C G 26 D U 47 1_555 ? ? ? ? ? ? TYPE_28_PAIR ? ? ? 
hydrog38 hydrog ? ? C C 3  N3 ? ? ? 1_555 D G 10 N1 ? ? C C 27 D G 46 1_555 ? ? ? ? ? ? WATSON-CRICK ? ? ? 
hydrog39 hydrog ? ? C C 3  N4 ? ? ? 1_555 D G 10 O6 ? ? C C 27 D G 46 1_555 ? ? ? ? ? ? WATSON-CRICK ? ? ? 
hydrog40 hydrog ? ? C C 3  O2 ? ? ? 1_555 D G 10 N2 ? ? C C 27 D G 46 1_555 ? ? ? ? ? ? WATSON-CRICK ? ? ? 
hydrog41 hydrog ? ? C G 4  N1 ? ? ? 1_555 D C 9  N3 ? ? C G 28 D C 45 1_555 ? ? ? ? ? ? WATSON-CRICK ? ? ? 
hydrog42 hydrog ? ? C G 4  N2 ? ? ? 1_555 D C 9  O2 ? ? C G 28 D C 45 1_555 ? ? ? ? ? ? WATSON-CRICK ? ? ? 
hydrog43 hydrog ? ? C G 4  O6 ? ? ? 1_555 D C 9  N4 ? ? C G 28 D C 45 1_555 ? ? ? ? ? ? WATSON-CRICK ? ? ? 
hydrog44 hydrog ? ? C C 5  N3 ? ? ? 1_555 D G 8  N1 ? ? C C 29 D G 44 1_555 ? ? ? ? ? ? WATSON-CRICK ? ? ? 
hydrog45 hydrog ? ? C C 5  N4 ? ? ? 1_555 D G 8  O6 ? ? C C 29 D G 44 1_555 ? ? ? ? ? ? WATSON-CRICK ? ? ? 
hydrog46 hydrog ? ? C C 5  O2 ? ? ? 1_555 D G 8  N2 ? ? C C 29 D G 44 1_555 ? ? ? ? ? ? WATSON-CRICK ? ? ? 
hydrog47 hydrog ? ? C U 6  N3 ? ? ? 1_555 D U 7  O4 ? ? C U 30 D U 43 1_555 ? ? ? ? ? ? TYPE_16_PAIR ? ? ? 
hydrog48 hydrog ? ? C U 6  O2 ? ? ? 1_555 D U 7  N3 ? ? C U 30 D U 43 1_555 ? ? ? ? ? ? TYPE_16_PAIR ? ? ? 
hydrog49 hydrog ? ? C U 7  N3 ? ? ? 1_555 D U 6  O2 ? ? C U 31 D U 42 1_555 ? ? ? ? ? ? TYPE_16_PAIR ? ? ? 
hydrog50 hydrog ? ? C U 7  O4 ? ? ? 1_555 D U 6  N3 ? ? C U 31 D U 42 1_555 ? ? ? ? ? ? TYPE_16_PAIR ? ? ? 
hydrog51 hydrog ? ? C G 8  N1 ? ? ? 1_555 D C 5  N3 ? ? C G 32 D C 41 1_555 ? ? ? ? ? ? WATSON-CRICK ? ? ? 
hydrog52 hydrog ? ? C G 8  N2 ? ? ? 1_555 D C 5  O2 ? ? C G 32 D C 41 1_555 ? ? ? ? ? ? WATSON-CRICK ? ? ? 
hydrog53 hydrog ? ? C G 8  O6 ? ? ? 1_555 D C 5  N4 ? ? C G 32 D C 41 1_555 ? ? ? ? ? ? WATSON-CRICK ? ? ? 
hydrog54 hydrog ? ? C C 9  N3 ? ? ? 1_555 D G 4  N1 ? ? C C 33 D G 40 1_555 ? ? ? ? ? ? WATSON-CRICK ? ? ? 
hydrog55 hydrog ? ? C C 9  N4 ? ? ? 1_555 D G 4  O6 ? ? C C 33 D G 40 1_555 ? ? ? ? ? ? WATSON-CRICK ? ? ? 
hydrog56 hydrog ? ? C C 9  O2 ? ? ? 1_555 D G 4  N2 ? ? C C 33 D G 40 1_555 ? ? ? ? ? ? WATSON-CRICK ? ? ? 
hydrog57 hydrog ? ? C G 10 N1 ? ? ? 1_555 D C 3  N3 ? ? C G 34 D C 39 1_555 ? ? ? ? ? ? WATSON-CRICK ? ? ? 
hydrog58 hydrog ? ? C G 10 N2 ? ? ? 1_555 D C 3  O2 ? ? C G 34 D C 39 1_555 ? ? ? ? ? ? WATSON-CRICK ? ? ? 
hydrog59 hydrog ? ? C G 10 O6 ? ? ? 1_555 D C 3  N4 ? ? C G 34 D C 39 1_555 ? ? ? ? ? ? WATSON-CRICK ? ? ? 
hydrog60 hydrog ? ? C U 11 N3 ? ? ? 1_555 D G 2  O6 ? ? C U 35 D G 38 1_555 ? ? ? ? ? ? TYPE_28_PAIR ? ? ? 
hydrog61 hydrog ? ? C U 11 O2 ? ? ? 1_555 D G 2  N1 ? ? C U 35 D G 38 1_555 ? ? ? ? ? ? TYPE_28_PAIR ? ? ? 
hydrog62 hydrog ? ? C C 12 N3 ? ? ? 1_555 D G 1  N1 ? ? C C 36 D G 37 1_555 ? ? ? ? ? ? WATSON-CRICK ? ? ? 
hydrog63 hydrog ? ? C C 12 N4 ? ? ? 1_555 D G 1  O6 ? ? C C 36 D G 37 1_555 ? ? ? ? ? ? WATSON-CRICK ? ? ? 
hydrog64 hydrog ? ? C C 12 O2 ? ? ? 1_555 D G 1  N2 ? ? C C 36 D G 37 1_555 ? ? ? ? ? ? WATSON-CRICK ? ? ? 
# 
_struct_conn_type.id          hydrog 
_struct_conn_type.criteria    ? 
_struct_conn_type.reference   ? 
# 
loop_
_pdbx_validate_close_contact.id 
_pdbx_validate_close_contact.PDB_model_num 
_pdbx_validate_close_contact.auth_atom_id_1 
_pdbx_validate_close_contact.auth_asym_id_1 
_pdbx_validate_close_contact.auth_comp_id_1 
_pdbx_validate_close_contact.auth_seq_id_1 
_pdbx_validate_close_contact.PDB_ins_code_1 
_pdbx_validate_close_contact.label_alt_id_1 
_pdbx_validate_close_contact.auth_atom_id_2 
_pdbx_validate_close_contact.auth_asym_id_2 
_pdbx_validate_close_contact.auth_comp_id_2 
_pdbx_validate_close_contact.auth_seq_id_2 
_pdbx_validate_close_contact.PDB_ins_code_2 
_pdbx_validate_close_contact.label_alt_id_2 
_pdbx_validate_close_contact.dist 
1 1 O A HOH 173 ? ? O A HOH 180 ? ? 1.54 
2 1 O C HOH 82  ? ? O C HOH 156 ? ? 1.96 
3 1 O C HOH 89  ? ? O D HOH 53  ? ? 2.01 
4 1 O A HOH 196 ? ? O B HOH 195 ? ? 2.02 
5 1 O C HOH 73  ? ? O C HOH 168 ? ? 2.05 
6 1 O D HOH 52  ? ? O D HOH 93  ? ? 2.12 
7 1 O D HOH 84  ? ? O D HOH 188 ? ? 2.19 
# 
_pdbx_validate_planes.id              1 
_pdbx_validate_planes.PDB_model_num   1 
_pdbx_validate_planes.auth_comp_id    U 
_pdbx_validate_planes.auth_asym_id    C 
_pdbx_validate_planes.auth_seq_id     30 
_pdbx_validate_planes.PDB_ins_code    ? 
_pdbx_validate_planes.label_alt_id    ? 
_pdbx_validate_planes.rmsd            0.067 
_pdbx_validate_planes.type            'SIDE CHAIN' 
# 
loop_
_refine_B_iso.class 
_refine_B_iso.details 
_refine_B_iso.treatment 
_refine_B_iso.pdbx_refine_id 
'ALL ATOMS'  TR isotropic 'X-RAY DIFFRACTION' 
'ALL WATERS' TR isotropic 'X-RAY DIFFRACTION' 
# 
loop_
_refine_occupancy.class 
_refine_occupancy.treatment 
_refine_occupancy.pdbx_refine_id 
'ALL ATOMS'  fix 'X-RAY DIFFRACTION' 
'ALL WATERS' fix 'X-RAY DIFFRACTION' 
# 
loop_
_chem_comp_atom.comp_id 
_chem_comp_atom.atom_id 
_chem_comp_atom.type_symbol 
_chem_comp_atom.pdbx_aromatic_flag 
_chem_comp_atom.pdbx_stereo_config 
_chem_comp_atom.pdbx_ordinal 
C   OP3    O N N 1   
C   P      P N N 2   
C   OP1    O N N 3   
C   OP2    O N N 4   
C   "O5'"  O N N 5   
C   "C5'"  C N N 6   
C   "C4'"  C N R 7   
C   "O4'"  O N N 8   
C   "C3'"  C N S 9   
C   "O3'"  O N N 10  
C   "C2'"  C N R 11  
C   "O2'"  O N N 12  
C   "C1'"  C N R 13  
C   N1     N N N 14  
C   C2     C N N 15  
C   O2     O N N 16  
C   N3     N N N 17  
C   C4     C N N 18  
C   N4     N N N 19  
C   C5     C N N 20  
C   C6     C N N 21  
C   HOP3   H N N 22  
C   HOP2   H N N 23  
C   "H5'"  H N N 24  
C   "H5''" H N N 25  
C   "H4'"  H N N 26  
C   "H3'"  H N N 27  
C   "HO3'" H N N 28  
C   "H2'"  H N N 29  
C   "HO2'" H N N 30  
C   "H1'"  H N N 31  
C   H41    H N N 32  
C   H42    H N N 33  
C   H5     H N N 34  
C   H6     H N N 35  
G   OP3    O N N 36  
G   P      P N N 37  
G   OP1    O N N 38  
G   OP2    O N N 39  
G   "O5'"  O N N 40  
G   "C5'"  C N N 41  
G   "C4'"  C N R 42  
G   "O4'"  O N N 43  
G   "C3'"  C N S 44  
G   "O3'"  O N N 45  
G   "C2'"  C N R 46  
G   "O2'"  O N N 47  
G   "C1'"  C N R 48  
G   N9     N Y N 49  
G   C8     C Y N 50  
G   N7     N Y N 51  
G   C5     C Y N 52  
G   C6     C N N 53  
G   O6     O N N 54  
G   N1     N N N 55  
G   C2     C N N 56  
G   N2     N N N 57  
G   N3     N N N 58  
G   C4     C Y N 59  
G   HOP3   H N N 60  
G   HOP2   H N N 61  
G   "H5'"  H N N 62  
G   "H5''" H N N 63  
G   "H4'"  H N N 64  
G   "H3'"  H N N 65  
G   "HO3'" H N N 66  
G   "H2'"  H N N 67  
G   "HO2'" H N N 68  
G   "H1'"  H N N 69  
G   H8     H N N 70  
G   H1     H N N 71  
G   H21    H N N 72  
G   H22    H N N 73  
HOH O      O N N 74  
HOH H1     H N N 75  
HOH H2     H N N 76  
U   OP3    O N N 77  
U   P      P N N 78  
U   OP1    O N N 79  
U   OP2    O N N 80  
U   "O5'"  O N N 81  
U   "C5'"  C N N 82  
U   "C4'"  C N R 83  
U   "O4'"  O N N 84  
U   "C3'"  C N S 85  
U   "O3'"  O N N 86  
U   "C2'"  C N R 87  
U   "O2'"  O N N 88  
U   "C1'"  C N R 89  
U   N1     N N N 90  
U   C2     C N N 91  
U   O2     O N N 92  
U   N3     N N N 93  
U   C4     C N N 94  
U   O4     O N N 95  
U   C5     C N N 96  
U   C6     C N N 97  
U   HOP3   H N N 98  
U   HOP2   H N N 99  
U   "H5'"  H N N 100 
U   "H5''" H N N 101 
U   "H4'"  H N N 102 
U   "H3'"  H N N 103 
U   "HO3'" H N N 104 
U   "H2'"  H N N 105 
U   "HO2'" H N N 106 
U   "H1'"  H N N 107 
U   H3     H N N 108 
U   H5     H N N 109 
U   H6     H N N 110 
# 
loop_
_chem_comp_bond.comp_id 
_chem_comp_bond.atom_id_1 
_chem_comp_bond.atom_id_2 
_chem_comp_bond.value_order 
_chem_comp_bond.pdbx_aromatic_flag 
_chem_comp_bond.pdbx_stereo_config 
_chem_comp_bond.pdbx_ordinal 
C   OP3   P      sing N N 1   
C   OP3   HOP3   sing N N 2   
C   P     OP1    doub N N 3   
C   P     OP2    sing N N 4   
C   P     "O5'"  sing N N 5   
C   OP2   HOP2   sing N N 6   
C   "O5'" "C5'"  sing N N 7   
C   "C5'" "C4'"  sing N N 8   
C   "C5'" "H5'"  sing N N 9   
C   "C5'" "H5''" sing N N 10  
C   "C4'" "O4'"  sing N N 11  
C   "C4'" "C3'"  sing N N 12  
C   "C4'" "H4'"  sing N N 13  
C   "O4'" "C1'"  sing N N 14  
C   "C3'" "O3'"  sing N N 15  
C   "C3'" "C2'"  sing N N 16  
C   "C3'" "H3'"  sing N N 17  
C   "O3'" "HO3'" sing N N 18  
C   "C2'" "O2'"  sing N N 19  
C   "C2'" "C1'"  sing N N 20  
C   "C2'" "H2'"  sing N N 21  
C   "O2'" "HO2'" sing N N 22  
C   "C1'" N1     sing N N 23  
C   "C1'" "H1'"  sing N N 24  
C   N1    C2     sing N N 25  
C   N1    C6     sing N N 26  
C   C2    O2     doub N N 27  
C   C2    N3     sing N N 28  
C   N3    C4     doub N N 29  
C   C4    N4     sing N N 30  
C   C4    C5     sing N N 31  
C   N4    H41    sing N N 32  
C   N4    H42    sing N N 33  
C   C5    C6     doub N N 34  
C   C5    H5     sing N N 35  
C   C6    H6     sing N N 36  
G   OP3   P      sing N N 37  
G   OP3   HOP3   sing N N 38  
G   P     OP1    doub N N 39  
G   P     OP2    sing N N 40  
G   P     "O5'"  sing N N 41  
G   OP2   HOP2   sing N N 42  
G   "O5'" "C5'"  sing N N 43  
G   "C5'" "C4'"  sing N N 44  
G   "C5'" "H5'"  sing N N 45  
G   "C5'" "H5''" sing N N 46  
G   "C4'" "O4'"  sing N N 47  
G   "C4'" "C3'"  sing N N 48  
G   "C4'" "H4'"  sing N N 49  
G   "O4'" "C1'"  sing N N 50  
G   "C3'" "O3'"  sing N N 51  
G   "C3'" "C2'"  sing N N 52  
G   "C3'" "H3'"  sing N N 53  
G   "O3'" "HO3'" sing N N 54  
G   "C2'" "O2'"  sing N N 55  
G   "C2'" "C1'"  sing N N 56  
G   "C2'" "H2'"  sing N N 57  
G   "O2'" "HO2'" sing N N 58  
G   "C1'" N9     sing N N 59  
G   "C1'" "H1'"  sing N N 60  
G   N9    C8     sing Y N 61  
G   N9    C4     sing Y N 62  
G   C8    N7     doub Y N 63  
G   C8    H8     sing N N 64  
G   N7    C5     sing Y N 65  
G   C5    C6     sing N N 66  
G   C5    C4     doub Y N 67  
G   C6    O6     doub N N 68  
G   C6    N1     sing N N 69  
G   N1    C2     sing N N 70  
G   N1    H1     sing N N 71  
G   C2    N2     sing N N 72  
G   C2    N3     doub N N 73  
G   N2    H21    sing N N 74  
G   N2    H22    sing N N 75  
G   N3    C4     sing N N 76  
HOH O     H1     sing N N 77  
HOH O     H2     sing N N 78  
U   OP3   P      sing N N 79  
U   OP3   HOP3   sing N N 80  
U   P     OP1    doub N N 81  
U   P     OP2    sing N N 82  
U   P     "O5'"  sing N N 83  
U   OP2   HOP2   sing N N 84  
U   "O5'" "C5'"  sing N N 85  
U   "C5'" "C4'"  sing N N 86  
U   "C5'" "H5'"  sing N N 87  
U   "C5'" "H5''" sing N N 88  
U   "C4'" "O4'"  sing N N 89  
U   "C4'" "C3'"  sing N N 90  
U   "C4'" "H4'"  sing N N 91  
U   "O4'" "C1'"  sing N N 92  
U   "C3'" "O3'"  sing N N 93  
U   "C3'" "C2'"  sing N N 94  
U   "C3'" "H3'"  sing N N 95  
U   "O3'" "HO3'" sing N N 96  
U   "C2'" "O2'"  sing N N 97  
U   "C2'" "C1'"  sing N N 98  
U   "C2'" "H2'"  sing N N 99  
U   "O2'" "HO2'" sing N N 100 
U   "C1'" N1     sing N N 101 
U   "C1'" "H1'"  sing N N 102 
U   N1    C2     sing N N 103 
U   N1    C6     sing N N 104 
U   C2    O2     doub N N 105 
U   C2    N3     sing N N 106 
U   N3    C4     sing N N 107 
U   N3    H3     sing N N 108 
U   C4    O4     doub N N 109 
U   C4    C5     sing N N 110 
U   C5    C6     doub N N 111 
U   C5    H5     sing N N 112 
U   C6    H6     sing N N 113 
# 
loop_
_ndb_struct_conf_na.entry_id 
_ndb_struct_conf_na.feature 
280D 'double helix'         
280D 'a-form double helix'  
280D 'mismatched base pair' 
# 
loop_
_ndb_struct_na_base_pair.model_number 
_ndb_struct_na_base_pair.i_label_asym_id 
_ndb_struct_na_base_pair.i_label_comp_id 
_ndb_struct_na_base_pair.i_label_seq_id 
_ndb_struct_na_base_pair.i_symmetry 
_ndb_struct_na_base_pair.j_label_asym_id 
_ndb_struct_na_base_pair.j_label_comp_id 
_ndb_struct_na_base_pair.j_label_seq_id 
_ndb_struct_na_base_pair.j_symmetry 
_ndb_struct_na_base_pair.shear 
_ndb_struct_na_base_pair.stretch 
_ndb_struct_na_base_pair.stagger 
_ndb_struct_na_base_pair.buckle 
_ndb_struct_na_base_pair.propeller 
_ndb_struct_na_base_pair.opening 
_ndb_struct_na_base_pair.pair_number 
_ndb_struct_na_base_pair.pair_name 
_ndb_struct_na_base_pair.i_auth_asym_id 
_ndb_struct_na_base_pair.i_auth_seq_id 
_ndb_struct_na_base_pair.i_PDB_ins_code 
_ndb_struct_na_base_pair.j_auth_asym_id 
_ndb_struct_na_base_pair.j_auth_seq_id 
_ndb_struct_na_base_pair.j_PDB_ins_code 
_ndb_struct_na_base_pair.hbond_type_28 
_ndb_struct_na_base_pair.hbond_type_12 
1 A G 1  1_555 B C 12 1_555 -0.447 -0.017 0.215  -6.976  -7.064  3.175  1  A_G1:C24_B  A 1  ? B 24 ? 19 1 
1 A G 2  1_555 B U 11 1_555 -1.816 -0.547 0.554  0.929   -8.767  4.556  2  A_G2:U23_B  A 2  ? B 23 ? 28 1 
1 A C 3  1_555 B G 10 1_555 0.165  -0.241 0.132  8.196   -11.372 3.256  3  A_C3:G22_B  A 3  ? B 22 ? 19 1 
1 A G 4  1_555 B C 9  1_555 -0.464 -0.320 0.202  7.370   -15.501 4.585  4  A_G4:C21_B  A 4  ? B 21 ? 19 1 
1 A C 5  1_555 B G 8  1_555 0.356  -0.297 -0.590 18.238  -16.537 6.991  5  A_C5:G20_B  A 5  ? B 20 ? 19 1 
1 A U 6  1_555 B U 7  1_555 2.277  -1.775 0.350  5.145   -18.280 21.951 6  A_U6:U19_B  A 6  ? B 19 ? 16 1 
1 A U 7  1_555 B U 6  1_555 -2.392 -1.844 0.632  -3.554  -21.037 21.065 7  A_U7:U18_B  A 7  ? B 18 ? 16 1 
1 A G 8  1_555 B C 5  1_555 -0.567 -0.342 0.179  2.556   -12.701 -0.526 8  A_G8:C17_B  A 8  ? B 17 ? 19 1 
1 A C 9  1_555 B G 4  1_555 0.319  -0.468 0.328  -0.928  -17.736 -1.485 9  A_C9:G16_B  A 9  ? B 16 ? 19 1 
1 A G 10 1_555 B C 3  1_555 -0.495 -0.229 0.306  -2.359  -17.433 3.952  10 A_G10:C15_B A 10 ? B 15 ? 19 1 
1 A U 11 1_555 B G 2  1_555 1.894  -0.151 -0.212 1.692   -11.146 7.092  11 A_U11:G14_B A 11 ? B 14 ? 28 1 
1 A C 12 1_555 B G 1  1_555 0.488  -0.388 0.044  7.625   -4.600  0.201  12 A_C12:G13_B A 12 ? B 13 ? 19 1 
1 C G 1  1_555 D C 12 1_555 -0.163 -0.038 -0.289 -13.719 -12.761 -0.803 13 C_G25:C48_D C 25 ? D 48 ? 19 1 
1 C G 2  1_555 D U 11 1_555 -1.969 -0.481 0.174  -0.633  -12.372 -0.323 14 C_G26:U47_D C 26 ? D 47 ? 28 1 
1 C C 3  1_555 D G 10 1_555 0.264  -0.206 -0.131 4.873   -4.693  1.223  15 C_C27:G46_D C 27 ? D 46 ? 19 1 
1 C G 4  1_555 D C 9  1_555 -0.251 -0.175 -0.164 -2.437  -12.312 3.309  16 C_G28:C45_D C 28 ? D 45 ? 19 1 
1 C C 5  1_555 D G 8  1_555 0.340  -0.372 -0.411 14.885  -11.499 4.433  17 C_C29:G44_D C 29 ? D 44 ? 19 1 
1 C U 6  1_555 D U 7  1_555 2.138  -1.593 -0.057 5.207   -13.947 19.119 18 C_U30:U43_D C 30 ? D 43 ? 16 1 
1 C U 7  1_555 D U 6  1_555 -2.352 -1.622 0.094  -6.504  -13.298 14.743 19 C_U31:U42_D C 31 ? D 42 ? 16 1 
1 C G 8  1_555 D C 5  1_555 -0.617 -0.337 -0.276 -7.914  -13.316 3.601  20 C_G32:C41_D C 32 ? D 41 ? 19 1 
1 C C 9  1_555 D G 4  1_555 -0.079 -0.126 0.048  -6.111  -7.790  -0.939 21 C_C33:G40_D C 33 ? D 40 ? 19 1 
1 C G 10 1_555 D C 3  1_555 -0.219 -0.189 -0.007 -0.987  -12.423 4.551  22 C_G34:C39_D C 34 ? D 39 ? 19 1 
1 C U 11 1_555 D G 2  1_555 1.665  -0.498 0.140  -1.065  -18.169 1.357  23 C_U35:G38_D C 35 ? D 38 ? 28 1 
1 C C 12 1_555 D G 1  1_555 0.399  -0.122 0.399  0.406   -4.571  -1.207 24 C_C36:G37_D C 36 ? D 37 ? 19 1 
# 
loop_
_ndb_struct_na_base_pair_step.model_number 
_ndb_struct_na_base_pair_step.i_label_asym_id_1 
_ndb_struct_na_base_pair_step.i_label_comp_id_1 
_ndb_struct_na_base_pair_step.i_label_seq_id_1 
_ndb_struct_na_base_pair_step.i_symmetry_1 
_ndb_struct_na_base_pair_step.j_label_asym_id_1 
_ndb_struct_na_base_pair_step.j_label_comp_id_1 
_ndb_struct_na_base_pair_step.j_label_seq_id_1 
_ndb_struct_na_base_pair_step.j_symmetry_1 
_ndb_struct_na_base_pair_step.i_label_asym_id_2 
_ndb_struct_na_base_pair_step.i_label_comp_id_2 
_ndb_struct_na_base_pair_step.i_label_seq_id_2 
_ndb_struct_na_base_pair_step.i_symmetry_2 
_ndb_struct_na_base_pair_step.j_label_asym_id_2 
_ndb_struct_na_base_pair_step.j_label_comp_id_2 
_ndb_struct_na_base_pair_step.j_label_seq_id_2 
_ndb_struct_na_base_pair_step.j_symmetry_2 
_ndb_struct_na_base_pair_step.shift 
_ndb_struct_na_base_pair_step.slide 
_ndb_struct_na_base_pair_step.rise 
_ndb_struct_na_base_pair_step.tilt 
_ndb_struct_na_base_pair_step.roll 
_ndb_struct_na_base_pair_step.twist 
_ndb_struct_na_base_pair_step.x_displacement 
_ndb_struct_na_base_pair_step.y_displacement 
_ndb_struct_na_base_pair_step.helical_rise 
_ndb_struct_na_base_pair_step.inclination 
_ndb_struct_na_base_pair_step.tip 
_ndb_struct_na_base_pair_step.helical_twist 
_ndb_struct_na_base_pair_step.step_number 
_ndb_struct_na_base_pair_step.step_name 
_ndb_struct_na_base_pair_step.i_auth_asym_id_1 
_ndb_struct_na_base_pair_step.i_auth_seq_id_1 
_ndb_struct_na_base_pair_step.i_PDB_ins_code_1 
_ndb_struct_na_base_pair_step.j_auth_asym_id_1 
_ndb_struct_na_base_pair_step.j_auth_seq_id_1 
_ndb_struct_na_base_pair_step.j_PDB_ins_code_1 
_ndb_struct_na_base_pair_step.i_auth_asym_id_2 
_ndb_struct_na_base_pair_step.i_auth_seq_id_2 
_ndb_struct_na_base_pair_step.i_PDB_ins_code_2 
_ndb_struct_na_base_pair_step.j_auth_asym_id_2 
_ndb_struct_na_base_pair_step.j_auth_seq_id_2 
_ndb_struct_na_base_pair_step.j_PDB_ins_code_2 
1 A G 1  1_555 B C 12 1_555 A G 2  1_555 B U 11 1_555 -0.336 -1.847 2.885 -3.830 4.443  31.255 -4.064 0.017  2.625 8.157  7.031  
31.787 1  AA_G1G2:U23C24_BB   A 1  ? B 24 ? A 2  ? B 23 ? 
1 A G 2  1_555 B U 11 1_555 A C 3  1_555 B G 10 1_555 -0.228 -0.877 3.042 1.231  7.690  37.257 -2.230 0.492  2.804 11.879 -1.902 
38.034 2  AA_G2C3:G22U23_BB   A 2  ? B 23 ? A 3  ? B 22 ? 
1 A C 3  1_555 B G 10 1_555 A G 4  1_555 B C 9  1_555 -0.210 -1.568 2.936 -2.277 19.161 28.714 -4.920 0.085  1.617 34.193 4.063  
34.481 3  AA_C3G4:C21G22_BB   A 3  ? B 22 ? A 4  ? B 21 ? 
1 A G 4  1_555 B C 9  1_555 A C 5  1_555 B G 8  1_555 0.241  -1.116 2.981 4.563  7.638  33.145 -2.948 0.222  2.674 13.098 -7.825 
34.286 4  AA_G4C5:G20C21_BB   A 4  ? B 21 ? A 5  ? B 20 ? 
1 A C 5  1_555 B G 8  1_555 A U 6  1_555 B U 7  1_555 1.005  -0.779 3.607 -2.447 11.060 37.728 -2.553 -1.802 3.194 16.650 3.684  
39.332 5  AA_C5U6:U19G20_BB   A 5  ? B 20 ? A 6  ? B 19 ? 
1 A U 6  1_555 B U 7  1_555 A U 7  1_555 B U 6  1_555 -0.092 -2.085 3.023 0.070  8.466  21.094 -7.750 0.254  2.041 22.015 -0.182 
22.712 6  AA_U6U7:U18U19_BB   A 6  ? B 19 ? A 7  ? B 18 ? 
1 A U 7  1_555 B U 6  1_555 A G 8  1_555 B C 5  1_555 -1.266 -1.034 3.008 -0.503 7.905  40.003 -2.265 1.768  2.778 11.419 0.726  
40.748 7  AA_U7G8:C17U18_BB   A 7  ? B 18 ? A 8  ? B 17 ? 
1 A G 8  1_555 B C 5  1_555 A C 9  1_555 B G 4  1_555 -0.350 -0.807 3.302 0.394  10.072 31.925 -3.023 0.671  2.916 17.767 -0.695 
33.439 8  AA_G8C9:G16C17_BB   A 8  ? B 17 ? A 9  ? B 16 ? 
1 A C 9  1_555 B G 4  1_555 A G 10 1_555 B C 3  1_555 0.780  -1.953 2.937 1.093  18.378 27.944 -5.638 -1.226 1.441 33.809 -2.011 
33.363 9  AA_C9G10:C15G16_BB  A 9  ? B 16 ? A 10 ? B 15 ? 
1 A G 10 1_555 B C 3  1_555 A U 11 1_555 B G 2  1_555 0.170  -1.083 3.155 4.538  2.314  40.102 -1.817 0.243  3.091 3.358  -6.586 
40.411 10 AA_G10U11:G14C15_BB A 10 ? B 15 ? A 11 ? B 14 ? 
1 A U 11 1_555 B G 2  1_555 A C 12 1_555 B G 1  1_555 0.155  -1.775 2.845 3.704  8.835  31.176 -4.396 0.239  2.273 15.972 -6.696 
32.580 11 AA_U11C12:G13G14_BB A 11 ? B 14 ? A 12 ? B 13 ? 
1 C G 1  1_555 D C 12 1_555 C G 2  1_555 D U 11 1_555 -0.240 -1.595 2.968 -5.247 2.086  28.206 -3.631 -0.572 2.842 4.226  10.632 
28.754 12 CC_G25G26:U47C48_DD C 25 ? D 48 ? C 26 ? D 47 ? 
1 C G 2  1_555 D U 11 1_555 C C 3  1_555 D G 10 1_555 0.075  -1.266 2.956 -0.049 9.817  37.709 -2.921 -0.118 2.559 14.882 0.075  
38.921 13 CC_G26C27:G46U47_DD C 26 ? D 47 ? C 27 ? D 46 ? 
1 C C 3  1_555 D G 10 1_555 C G 4  1_555 D C 9  1_555 -0.195 -1.433 2.988 0.331  24.649 29.189 -4.607 0.331  1.401 40.927 -0.549 
38.032 14 CC_C27G28:C45G46_DD C 27 ? D 46 ? C 28 ? D 45 ? 
1 C G 4  1_555 D C 9  1_555 C C 5  1_555 D G 8  1_555 0.198  -1.154 2.860 0.450  8.896  29.861 -3.554 -0.297 2.427 16.799 -0.850 
31.132 15 CC_G28C29:G44C45_DD C 28 ? D 45 ? C 29 ? D 44 ? 
1 C C 5  1_555 D G 8  1_555 C U 6  1_555 D U 7  1_555 1.319  -0.775 3.706 1.242  6.721  39.782 -1.973 -1.755 3.571 9.788  -1.809 
40.342 16 CC_C29U30:U43G44_DD C 29 ? D 44 ? C 30 ? D 43 ? 
1 C U 6  1_555 D U 7  1_555 C U 7  1_555 D U 6  1_555 -0.565 -2.311 3.057 -3.599 12.955 20.973 -8.302 0.496  1.474 31.729 8.814  
24.872 17 CC_U30U31:U42U43_DD C 30 ? D 43 ? C 31 ? D 42 ? 
1 C U 7  1_555 D U 6  1_555 C G 8  1_555 D C 5  1_555 -0.994 -1.342 3.342 -0.310 10.348 35.907 -3.422 1.513  2.868 16.370 0.490  
37.322 18 CC_U31G32:C41U42_DD C 31 ? D 42 ? C 32 ? D 41 ? 
1 C G 8  1_555 D C 5  1_555 C C 9  1_555 D G 4  1_555 -0.356 -1.260 3.181 -4.328 10.933 32.330 -3.708 -0.021 2.653 18.872 7.471  
34.348 19 CC_G32C33:G40C41_DD C 32 ? D 41 ? C 33 ? D 40 ? 
1 C C 9  1_555 D G 4  1_555 C G 10 1_555 D C 3  1_555 0.574  -1.585 2.930 3.008  14.243 28.890 -4.867 -0.607 1.997 26.528 -5.602 
32.280 20 CC_C33G34:C39G40_DD C 33 ? D 40 ? C 34 ? D 39 ? 
1 C G 10 1_555 D C 3  1_555 C U 11 1_555 D G 2  1_555 0.322  -1.393 3.163 1.064  4.352  38.805 -2.580 -0.360 3.003 6.524  -1.595 
39.053 21 CC_G34U35:G38C39_DD C 34 ? D 39 ? C 35 ? D 38 ? 
1 C U 11 1_555 D G 2  1_555 C C 12 1_555 D G 1  1_555 0.154  -2.093 3.038 1.244  8.215  30.214 -5.192 -0.086 2.404 15.397 -2.332 
31.310 22 CC_U35C36:G37G38_DD C 35 ? D 38 ? C 36 ? D 37 ? 
# 
_pdbx_initial_refinement_model.accession_code   1SDR 
_pdbx_initial_refinement_model.id               1 
_pdbx_initial_refinement_model.entity_id_list   ? 
_pdbx_initial_refinement_model.type             'experimental model' 
_pdbx_initial_refinement_model.source_name      PDB 
_pdbx_initial_refinement_model.details          
;HELIX 1 OF THE RNA DODECAMER CONTAINING THE E. COLI SHINE DALGARNO SEQUENCE (NDB ID ARL062) WITH THE SEQUENCE MUTATED TO R(GGCGCUUGCGUC).
;
# 
_atom_sites.entry_id                    280D 
_atom_sites.fract_transf_matrix[1][1]   -0.02575662 
_atom_sites.fract_transf_matrix[1][2]   0.01633128 
_atom_sites.fract_transf_matrix[1][3]   -0.01838250 
_atom_sites.fract_transf_matrix[2][1]   -0.02557227 
_atom_sites.fract_transf_matrix[2][2]   -0.01948318 
_atom_sites.fract_transf_matrix[2][3]   0.01404742 
_atom_sites.fract_transf_matrix[3][1]   0.00010877 
_atom_sites.fract_transf_matrix[3][2]   0.00945766 
_atom_sites.fract_transf_matrix[3][3]   0.02063567 
_atom_sites.fract_transf_vector[1]      0.412016 
_atom_sites.fract_transf_vector[2]      0.235345 
_atom_sites.fract_transf_vector[3]      0.280011 
# 
loop_
_atom_type.symbol 
C 
N 
O 
P 
# 
loop_
_atom_site.group_PDB 
_atom_site.id 
_atom_site.type_symbol 
_atom_site.label_atom_id 
_atom_site.label_alt_id 
_atom_site.label_comp_id 
_atom_site.label_asym_id 
_atom_site.label_entity_id 
_atom_site.label_seq_id 
_atom_site.pdbx_PDB_ins_code 
_atom_site.Cartn_x 
_atom_site.Cartn_y 
_atom_site.Cartn_z 
_atom_site.occupancy 
_atom_site.B_iso_or_equiv 
_atom_site.pdbx_formal_charge 
_atom_site.auth_seq_id 
_atom_site.auth_comp_id 
_atom_site.auth_asym_id 
_atom_site.auth_atom_id 
_atom_site.pdbx_PDB_model_num 
ATOM   1    O "O5'" . G   A 1 1  ? -20.551 18.055  1.812   1.00 37.41 ? 1   G   A "O5'" 1 
ATOM   2    C "C5'" . G   A 1 1  ? -19.584 19.096  1.645   1.00 32.21 ? 1   G   A "C5'" 1 
ATOM   3    C "C4'" . G   A 1 1  ? -19.700 20.175  2.687   1.00 32.47 ? 1   G   A "C4'" 1 
ATOM   4    O "O4'" . G   A 1 1  ? -21.009 20.796  2.608   1.00 32.01 ? 1   G   A "O4'" 1 
ATOM   5    C "C3'" . G   A 1 1  ? -19.634 19.670  4.121   1.00 30.78 ? 1   G   A "C3'" 1 
ATOM   6    O "O3'" . G   A 1 1  ? -18.288 19.530  4.517   1.00 33.39 ? 1   G   A "O3'" 1 
ATOM   7    C "C2'" . G   A 1 1  ? -20.297 20.815  4.856   1.00 29.77 ? 1   G   A "C2'" 1 
ATOM   8    O "O2'" . G   A 1 1  ? -19.541 22.009  4.912   1.00 36.48 ? 1   G   A "O2'" 1 
ATOM   9    C "C1'" . G   A 1 1  ? -21.456 21.094  3.918   1.00 27.28 ? 1   G   A "C1'" 1 
ATOM   10   N N9    . G   A 1 1  ? -22.569 20.221  4.252   1.00 23.62 ? 1   G   A N9    1 
ATOM   11   C C8    . G   A 1 1  ? -23.134 19.231  3.493   1.00 17.31 ? 1   G   A C8    1 
ATOM   12   N N7    . G   A 1 1  ? -24.145 18.651  4.081   1.00 20.29 ? 1   G   A N7    1 
ATOM   13   C C5    . G   A 1 1  ? -24.244 19.291  5.311   1.00 22.06 ? 1   G   A C5    1 
ATOM   14   C C6    . G   A 1 1  ? -25.179 19.109  6.416   1.00 20.59 ? 1   G   A C6    1 
ATOM   15   O O6    . G   A 1 1  ? -26.122 18.291  6.537   1.00 21.77 ? 1   G   A O6    1 
ATOM   16   N N1    . G   A 1 1  ? -24.914 19.999  7.448   1.00 18.53 ? 1   G   A N1    1 
ATOM   17   C C2    . G   A 1 1  ? -23.894 20.926  7.457   1.00 20.99 ? 1   G   A C2    1 
ATOM   18   N N2    . G   A 1 1  ? -23.785 21.663  8.576   1.00 21.66 ? 1   G   A N2    1 
ATOM   19   N N3    . G   A 1 1  ? -23.036 21.103  6.458   1.00 18.13 ? 1   G   A N3    1 
ATOM   20   C C4    . G   A 1 1  ? -23.269 20.260  5.430   1.00 21.94 ? 1   G   A C4    1 
ATOM   21   P P     . G   A 1 2  ? -17.917 18.634  5.798   1.00 29.38 ? 2   G   A P     1 
ATOM   22   O OP1   . G   A 1 2  ? -16.456 18.624  5.929   1.00 32.59 ? 2   G   A OP1   1 
ATOM   23   O OP2   . G   A 1 2  ? -18.620 17.357  5.681   1.00 28.30 ? 2   G   A OP2   1 
ATOM   24   O "O5'" . G   A 1 2  ? -18.504 19.467  7.021   1.00 32.73 ? 2   G   A "O5'" 1 
ATOM   25   C "C5'" . G   A 1 2  ? -17.872 20.687  7.428   1.00 27.96 ? 2   G   A "C5'" 1 
ATOM   26   C "C4'" . G   A 1 2  ? -18.238 21.015  8.844   1.00 23.22 ? 2   G   A "C4'" 1 
ATOM   27   O "O4'" . G   A 1 2  ? -19.641 21.381  8.906   1.00 24.54 ? 2   G   A "O4'" 1 
ATOM   28   C "C3'" . G   A 1 2  ? -18.144 19.833  9.776   1.00 23.00 ? 2   G   A "C3'" 1 
ATOM   29   O "O3'" . G   A 1 2  ? -16.830 19.697  10.238  1.00 22.30 ? 2   G   A "O3'" 1 
ATOM   30   C "C2'" . G   A 1 2  ? -19.082 20.253  10.896  1.00 27.59 ? 2   G   A "C2'" 1 
ATOM   31   O "O2'" . G   A 1 2  ? -18.561 21.279  11.715  1.00 29.31 ? 2   G   A "O2'" 1 
ATOM   32   C "C1'" . G   A 1 2  ? -20.225 20.858  10.094  1.00 25.25 ? 2   G   A "C1'" 1 
ATOM   33   N N9    . G   A 1 2  ? -21.188 19.834  9.718   1.00 23.63 ? 2   G   A N9    1 
ATOM   34   C C8    . G   A 1 2  ? -21.197 19.123  8.552   1.00 23.68 ? 2   G   A C8    1 
ATOM   35   N N7    . G   A 1 2  ? -22.183 18.274  8.477   1.00 25.77 ? 2   G   A N7    1 
ATOM   36   C C5    . G   A 1 2  ? -22.874 18.440  9.673   1.00 23.61 ? 2   G   A C5    1 
ATOM   37   C C6    . G   A 1 2  ? -24.052 17.791  10.159  1.00 24.13 ? 2   G   A C6    1 
ATOM   38   O O6    . G   A 1 2  ? -24.763 16.941  9.586   1.00 24.82 ? 2   G   A O6    1 
ATOM   39   N N1    . G   A 1 2  ? -24.384 18.229  11.438  1.00 17.19 ? 2   G   A N1    1 
ATOM   40   C C2    . G   A 1 2  ? -23.692 19.176  12.150  1.00 22.22 ? 2   G   A C2    1 
ATOM   41   N N2    . G   A 1 2  ? -24.155 19.463  13.380  1.00 22.66 ? 2   G   A N2    1 
ATOM   42   N N3    . G   A 1 2  ? -22.612 19.803  11.694  1.00 23.27 ? 2   G   A N3    1 
ATOM   43   C C4    . G   A 1 2  ? -22.262 19.386  10.459  1.00 23.93 ? 2   G   A C4    1 
ATOM   44   P P     . C   A 1 3  ? -16.329 18.269  10.715  1.00 20.17 ? 3   C   A P     1 
ATOM   45   O OP1   . C   A 1 3  ? -14.918 18.336  11.072  1.00 29.60 ? 3   C   A OP1   1 
ATOM   46   O OP2   . C   A 1 3  ? -16.775 17.292  9.722   1.00 29.33 ? 3   C   A OP2   1 
ATOM   47   O "O5'" . C   A 1 3  ? -17.129 18.020  12.045  1.00 24.06 ? 3   C   A "O5'" 1 
ATOM   48   C "C5'" . C   A 1 3  ? -17.005 18.903  13.137  1.00 17.02 ? 3   C   A "C5'" 1 
ATOM   49   C "C4'" . C   A 1 3  ? -17.984 18.502  14.195  1.00 18.75 ? 3   C   A "C4'" 1 
ATOM   50   O "O4'" . C   A 1 3  ? -19.325 18.776  13.708  1.00 19.18 ? 3   C   A "O4'" 1 
ATOM   51   C "C3'" . C   A 1 3  ? -18.059 17.020  14.482  1.00 20.36 ? 3   C   A "C3'" 1 
ATOM   52   O "O3'" . C   A 1 3  ? -17.028 16.643  15.350  1.00 22.92 ? 3   C   A "O3'" 1 
ATOM   53   C "C2'" . C   A 1 3  ? -19.406 16.938  15.163  1.00 22.89 ? 3   C   A "C2'" 1 
ATOM   54   O "O2'" . C   A 1 3  ? -19.324 17.560  16.427  1.00 27.89 ? 3   C   A "O2'" 1 
ATOM   55   C "C1'" . C   A 1 3  ? -20.229 17.815  14.229  1.00 19.04 ? 3   C   A "C1'" 1 
ATOM   56   N N1    . C   A 1 3  ? -20.743 17.058  13.095  1.00 21.07 ? 3   C   A N1    1 
ATOM   57   C C2    . C   A 1 3  ? -21.977 16.415  13.212  1.00 21.79 ? 3   C   A C2    1 
ATOM   58   O O2    . C   A 1 3  ? -22.584 16.467  14.299  1.00 24.18 ? 3   C   A O2    1 
ATOM   59   N N3    . C   A 1 3  ? -22.473 15.748  12.143  1.00 22.10 ? 3   C   A N3    1 
ATOM   60   C C4    . C   A 1 3  ? -21.762 15.688  10.998  1.00 22.90 ? 3   C   A C4    1 
ATOM   61   N N4    . C   A 1 3  ? -22.304 15.042  9.942   1.00 17.85 ? 3   C   A N4    1 
ATOM   62   C C5    . C   A 1 3  ? -20.478 16.297  10.878  1.00 18.74 ? 3   C   A C5    1 
ATOM   63   C C6    . C   A 1 3  ? -20.018 16.973  11.933  1.00 23.88 ? 3   C   A C6    1 
ATOM   64   P P     . G   A 1 4  ? -16.526 15.131  15.347  1.00 25.54 ? 4   G   A P     1 
ATOM   65   O OP1   . G   A 1 4  ? -15.401 15.028  16.280  1.00 27.49 ? 4   G   A OP1   1 
ATOM   66   O OP2   . G   A 1 4  ? -16.395 14.626  13.956  1.00 27.11 ? 4   G   A OP2   1 
ATOM   67   O "O5'" . G   A 1 4  ? -17.734 14.335  15.997  1.00 28.51 ? 4   G   A "O5'" 1 
ATOM   68   C "C5'" . G   A 1 4  ? -17.952 14.376  17.396  1.00 25.95 ? 4   G   A "C5'" 1 
ATOM   69   C "C4'" . G   A 1 4  ? -19.121 13.500  17.744  1.00 24.82 ? 4   G   A "C4'" 1 
ATOM   70   O "O4'" . G   A 1 4  ? -20.310 14.000  17.076  1.00 23.39 ? 4   G   A "O4'" 1 
ATOM   71   C "C3'" . G   A 1 4  ? -19.024 12.073  17.239  1.00 25.61 ? 4   G   A "C3'" 1 
ATOM   72   O "O3'" . G   A 1 4  ? -18.164 11.295  18.072  1.00 31.85 ? 4   G   A "O3'" 1 
ATOM   73   C "C2'" . G   A 1 4  ? -20.483 11.653  17.318  1.00 25.62 ? 4   G   A "C2'" 1 
ATOM   74   O "O2'" . G   A 1 4  ? -20.943 11.428  18.639  1.00 25.97 ? 4   G   A "O2'" 1 
ATOM   75   C "C1'" . G   A 1 4  ? -21.161 12.905  16.751  1.00 24.93 ? 4   G   A "C1'" 1 
ATOM   76   N N9    . G   A 1 4  ? -21.309 12.863  15.302  1.00 22.52 ? 4   G   A N9    1 
ATOM   77   C C8    . G   A 1 4  ? -20.445 13.403  14.387  1.00 20.07 ? 4   G   A C8    1 
ATOM   78   N N7    . G   A 1 4  ? -20.795 13.167  13.155  1.00 18.77 ? 4   G   A N7    1 
ATOM   79   C C5    . G   A 1 4  ? -21.976 12.447  13.264  1.00 16.55 ? 4   G   A C5    1 
ATOM   80   C C6    . G   A 1 4  ? -22.806 11.890  12.267  1.00 19.73 ? 4   G   A C6    1 
ATOM   81   O O6    . G   A 1 4  ? -22.679 11.942  11.031  1.00 18.90 ? 4   G   A O6    1 
ATOM   82   N N1    . G   A 1 4  ? -23.880 11.198  12.821  1.00 17.61 ? 4   G   A N1    1 
ATOM   83   C C2    . G   A 1 4  ? -24.113 11.052  14.149  1.00 8.15  ? 4   G   A C2    1 
ATOM   84   N N2    . G   A 1 4  ? -25.168 10.325  14.474  1.00 10.08 ? 4   G   A N2    1 
ATOM   85   N N3    . G   A 1 4  ? -23.362 11.578  15.090  1.00 13.91 ? 4   G   A N3    1 
ATOM   86   C C4    . G   A 1 4  ? -22.314 12.255  14.579  1.00 18.15 ? 4   G   A C4    1 
ATOM   87   P P     . C   A 1 5  ? -17.220 10.149  17.432  1.00 29.14 ? 5   C   A P     1 
ATOM   88   O OP1   . C   A 1 5  ? -16.242 9.754   18.475  1.00 34.16 ? 5   C   A OP1   1 
ATOM   89   O OP2   . C   A 1 5  ? -16.741 10.609  16.116  1.00 32.39 ? 5   C   A OP2   1 
ATOM   90   O "O5'" . C   A 1 5  ? -18.188 8.917   17.140  1.00 27.99 ? 5   C   A "O5'" 1 
ATOM   91   C "C5'" . C   A 1 5  ? -18.925 8.309   18.187  1.00 23.25 ? 5   C   A "C5'" 1 
ATOM   92   C "C4'" . C   A 1 5  ? -20.065 7.503   17.614  1.00 23.73 ? 5   C   A "C4'" 1 
ATOM   93   O "O4'" . C   A 1 5  ? -20.982 8.396   16.937  1.00 24.64 ? 5   C   A "O4'" 1 
ATOM   94   C "C3'" . C   A 1 5  ? -19.698 6.509   16.523  1.00 25.15 ? 5   C   A "C3'" 1 
ATOM   95   O "O3'" . C   A 1 5  ? -19.275 5.284   17.077  1.00 27.34 ? 5   C   A "O3'" 1 
ATOM   96   C "C2'" . C   A 1 5  ? -21.032 6.302   15.830  1.00 24.12 ? 5   C   A "C2'" 1 
ATOM   97   O "O2'" . C   A 1 5  ? -21.903 5.415   16.511  1.00 28.69 ? 5   C   A "O2'" 1 
ATOM   98   C "C1'" . C   A 1 5  ? -21.588 7.725   15.847  1.00 20.84 ? 5   C   A "C1'" 1 
ATOM   99   N N1    . C   A 1 5  ? -21.223 8.415   14.611  1.00 17.21 ? 5   C   A N1    1 
ATOM   100  C C2    . C   A 1 5  ? -22.069 8.323   13.550  1.00 18.21 ? 5   C   A C2    1 
ATOM   101  O O2    . C   A 1 5  ? -23.095 7.658   13.681  1.00 23.22 ? 5   C   A O2    1 
ATOM   102  N N3    . C   A 1 5  ? -21.758 8.919   12.388  1.00 16.81 ? 5   C   A N3    1 
ATOM   103  C C4    . C   A 1 5  ? -20.611 9.580   12.274  1.00 16.22 ? 5   C   A C4    1 
ATOM   104  N N4    . C   A 1 5  ? -20.307 10.091  11.072  1.00 15.59 ? 5   C   A N4    1 
ATOM   105  C C5    . C   A 1 5  ? -19.725 9.718   13.368  1.00 13.29 ? 5   C   A C5    1 
ATOM   106  C C6    . C   A 1 5  ? -20.067 9.131   14.516  1.00 16.34 ? 5   C   A C6    1 
ATOM   107  P P     . U   A 1 6  ? -18.121 4.454   16.352  1.00 30.40 ? 6   U   A P     1 
ATOM   108  O OP1   . U   A 1 6  ? -17.781 3.246   17.124  1.00 35.25 ? 6   U   A OP1   1 
ATOM   109  O OP2   . U   A 1 6  ? -17.035 5.386   15.964  1.00 33.25 ? 6   U   A OP2   1 
ATOM   110  O "O5'" . U   A 1 6  ? -18.867 3.962   15.049  1.00 31.07 ? 6   U   A "O5'" 1 
ATOM   111  C "C5'" . U   A 1 6  ? -20.020 3.173   15.162  1.00 24.04 ? 6   U   A "C5'" 1 
ATOM   112  C "C4'" . U   A 1 6  ? -20.662 3.079   13.827  1.00 22.13 ? 6   U   A "C4'" 1 
ATOM   113  O "O4'" . U   A 1 6  ? -20.989 4.421   13.387  1.00 23.51 ? 6   U   A "O4'" 1 
ATOM   114  C "C3'" . U   A 1 6  ? -19.801 2.543   12.701  1.00 21.25 ? 6   U   A "C3'" 1 
ATOM   115  O "O3'" . U   A 1 6  ? -19.846 1.129   12.762  1.00 24.89 ? 6   U   A "O3'" 1 
ATOM   116  C "C2'" . U   A 1 6  ? -20.576 3.066   11.496  1.00 24.42 ? 6   U   A "C2'" 1 
ATOM   117  O "O2'" . U   A 1 6  ? -21.787 2.357   11.227  1.00 20.51 ? 6   U   A "O2'" 1 
ATOM   118  C "C1'" . U   A 1 6  ? -20.922 4.479   11.976  1.00 23.58 ? 6   U   A "C1'" 1 
ATOM   119  N N1    . U   A 1 6  ? -19.965 5.528   11.607  1.00 17.74 ? 6   U   A N1    1 
ATOM   120  C C2    . U   A 1 6  ? -20.003 6.010   10.331  1.00 16.51 ? 6   U   A C2    1 
ATOM   121  O O2    . U   A 1 6  ? -20.761 5.591   9.478   1.00 20.61 ? 6   U   A O2    1 
ATOM   122  N N3    . U   A 1 6  ? -19.107 7.001   10.080  1.00 18.68 ? 6   U   A N3    1 
ATOM   123  C C4    . U   A 1 6  ? -18.204 7.525   10.963  1.00 18.93 ? 6   U   A C4    1 
ATOM   124  O O4    . U   A 1 6  ? -17.443 8.400   10.581  1.00 31.17 ? 6   U   A O4    1 
ATOM   125  C C5    . U   A 1 6  ? -18.228 6.959   12.255  1.00 14.30 ? 6   U   A C5    1 
ATOM   126  C C6    . U   A 1 6  ? -19.084 6.009   12.526  1.00 16.26 ? 6   U   A C6    1 
ATOM   127  P P     . U   A 1 7  ? -18.761 0.248   11.981  1.00 19.29 ? 7   U   A P     1 
ATOM   128  O OP1   . U   A 1 7  ? -18.986 -1.143  12.370  1.00 26.39 ? 7   U   A OP1   1 
ATOM   129  O OP2   . U   A 1 7  ? -17.406 0.845   12.147  1.00 18.32 ? 7   U   A OP2   1 
ATOM   130  O "O5'" . U   A 1 7  ? -19.227 0.310   10.467  1.00 25.56 ? 7   U   A "O5'" 1 
ATOM   131  C "C5'" . U   A 1 7  ? -20.431 -0.310  10.034  1.00 22.34 ? 7   U   A "C5'" 1 
ATOM   132  C "C4'" . U   A 1 7  ? -20.528 -0.203  8.535   1.00 26.11 ? 7   U   A "C4'" 1 
ATOM   133  O "O4'" . U   A 1 7  ? -20.768 1.178   8.133   1.00 25.06 ? 7   U   A "O4'" 1 
ATOM   134  C "C3'" . U   A 1 7  ? -19.242 -0.547  7.792   1.00 26.07 ? 7   U   A "C3'" 1 
ATOM   135  O "O3'" . U   A 1 7  ? -19.090 -1.949  7.660   1.00 28.01 ? 7   U   A "O3'" 1 
ATOM   136  C "C2'" . U   A 1 7  ? -19.477 0.122   6.450   1.00 25.50 ? 7   U   A "C2'" 1 
ATOM   137  O "O2'" . U   A 1 7  ? -20.312 -0.625  5.588   1.00 26.15 ? 7   U   A "O2'" 1 
ATOM   138  C "C1'" . U   A 1 7  ? -20.140 1.432   6.884   1.00 22.51 ? 7   U   A "C1'" 1 
ATOM   139  N N1    . U   A 1 7  ? -19.160 2.512   7.072   1.00 21.36 ? 7   U   A N1    1 
ATOM   140  C C2    . U   A 1 7  ? -18.830 3.308   5.962   1.00 21.66 ? 7   U   A C2    1 
ATOM   141  O O2    . U   A 1 7  ? -19.308 3.147   4.830   1.00 25.34 ? 7   U   A O2    1 
ATOM   142  N N3    . U   A 1 7  ? -17.944 4.324   6.222   1.00 15.31 ? 7   U   A N3    1 
ATOM   143  C C4    . U   A 1 7  ? -17.356 4.614   7.437   1.00 17.83 ? 7   U   A C4    1 
ATOM   144  O O4    . U   A 1 7  ? -16.632 5.624   7.538   1.00 17.52 ? 7   U   A O4    1 
ATOM   145  C C5    . U   A 1 7  ? -17.727 3.734   8.513   1.00 12.42 ? 7   U   A C5    1 
ATOM   146  C C6    . U   A 1 7  ? -18.583 2.737   8.300   1.00 17.92 ? 7   U   A C6    1 
ATOM   147  P P     . G   A 1 8  ? -17.630 -2.569  7.461   1.00 22.50 ? 8   G   A P     1 
ATOM   148  O OP1   . G   A 1 8  ? -17.790 -4.030  7.531   1.00 30.52 ? 8   G   A OP1   1 
ATOM   149  O OP2   . G   A 1 8  ? -16.683 -1.890  8.368   1.00 25.79 ? 8   G   A OP2   1 
ATOM   150  O "O5'" . G   A 1 8  ? -17.244 -2.172  5.981   1.00 24.74 ? 8   G   A "O5'" 1 
ATOM   151  C "C5'" . G   A 1 8  ? -17.959 -2.704  4.889   1.00 23.48 ? 8   G   A "C5'" 1 
ATOM   152  C "C4'" . G   A 1 8  ? -17.495 -2.055  3.640   1.00 24.48 ? 8   G   A "C4'" 1 
ATOM   153  O "O4'" . G   A 1 8  ? -17.826 -0.642  3.679   1.00 23.23 ? 8   G   A "O4'" 1 
ATOM   154  C "C3'" . G   A 1 8  ? -15.982 -2.047  3.518   1.00 22.46 ? 8   G   A "C3'" 1 
ATOM   155  O "O3'" . G   A 1 8  ? -15.549 -3.269  2.957   1.00 22.75 ? 8   G   A "O3'" 1 
ATOM   156  C "C2'" . G   A 1 8  ? -15.791 -0.934  2.511   1.00 24.82 ? 8   G   A "C2'" 1 
ATOM   157  O "O2'" . G   A 1 8  ? -16.173 -1.330  1.218   1.00 27.45 ? 8   G   A "O2'" 1 
ATOM   158  C "C1'" . G   A 1 8  ? -16.818 0.080   3.005   1.00 23.75 ? 8   G   A "C1'" 1 
ATOM   159  N N9    . G   A 1 8  ? -16.230 1.037   3.928   1.00 20.26 ? 8   G   A N9    1 
ATOM   160  C C8    . G   A 1 8  ? -16.055 0.887   5.276   1.00 15.75 ? 8   G   A C8    1 
ATOM   161  N N7    . G   A 1 8  ? -15.480 1.919   5.832   1.00 21.80 ? 8   G   A N7    1 
ATOM   162  C C5    . G   A 1 8  ? -15.280 2.814   4.782   1.00 18.44 ? 8   G   A C5    1 
ATOM   163  C C6    . G   A 1 8  ? -14.665 4.116   4.758   1.00 16.22 ? 8   G   A C6    1 
ATOM   164  O O6    . G   A 1 8  ? -14.216 4.779   5.686   1.00 17.49 ? 8   G   A O6    1 
ATOM   165  N N1    . G   A 1 8  ? -14.604 4.635   3.470   1.00 19.39 ? 8   G   A N1    1 
ATOM   166  C C2    . G   A 1 8  ? -15.076 4.000   2.349   1.00 21.05 ? 8   G   A C2    1 
ATOM   167  N N2    . G   A 1 8  ? -14.911 4.653   1.188   1.00 21.00 ? 8   G   A N2    1 
ATOM   168  N N3    . G   A 1 8  ? -15.664 2.809   2.353   1.00 18.56 ? 8   G   A N3    1 
ATOM   169  C C4    . G   A 1 8  ? -15.727 2.280   3.598   1.00 19.38 ? 8   G   A C4    1 
ATOM   170  P P     . C   A 1 9  ? -14.039 -3.758  3.174   1.00 22.54 ? 9   C   A P     1 
ATOM   171  O OP1   . C   A 1 9  ? -13.980 -5.153  2.695   1.00 29.63 ? 9   C   A OP1   1 
ATOM   172  O OP2   . C   A 1 9  ? -13.676 -3.445  4.566   1.00 20.95 ? 9   C   A OP2   1 
ATOM   173  O "O5'" . C   A 1 9  ? -13.178 -2.846  2.204   1.00 24.42 ? 9   C   A "O5'" 1 
ATOM   174  C "C5'" . C   A 1 9  ? -13.417 -2.889  0.805   1.00 22.72 ? 9   C   A "C5'" 1 
ATOM   175  C "C4'" . C   A 1 9  ? -12.698 -1.772  0.115   1.00 21.28 ? 9   C   A "C4'" 1 
ATOM   176  O "O4'" . C   A 1 9  ? -13.350 -0.525  0.458   1.00 24.87 ? 9   C   A "O4'" 1 
ATOM   177  C "C3'" . C   A 1 9  ? -11.297 -1.516  0.615   1.00 20.41 ? 9   C   A "C3'" 1 
ATOM   178  O "O3'" . C   A 1 9  ? -10.396 -2.428  0.060   1.00 24.01 ? 9   C   A "O3'" 1 
ATOM   179  C "C2'" . C   A 1 9  ? -11.065 -0.108  0.101   1.00 23.69 ? 9   C   A "C2'" 1 
ATOM   180  O "O2'" . C   A 1 9  ? -10.864 0.024   -1.300  1.00 23.36 ? 9   C   A "O2'" 1 
ATOM   181  C "C1'" . C   A 1 9  ? -12.393 0.530   0.491   1.00 24.21 ? 9   C   A "C1'" 1 
ATOM   182  N N1    . C   A 1 9  ? -12.305 1.036   1.877   1.00 17.90 ? 9   C   A N1    1 
ATOM   183  C C2    . C   A 1 9  ? -11.809 2.326   2.085   1.00 18.13 ? 9   C   A C2    1 
ATOM   184  O O2    . C   A 1 9  ? -11.592 3.041   1.096   1.00 19.92 ? 9   C   A O2    1 
ATOM   185  N N3    . C   A 1 9  ? -11.600 2.757   3.358   1.00 19.08 ? 9   C   A N3    1 
ATOM   186  C C4    . C   A 1 9  ? -11.903 1.972   4.384   1.00 15.28 ? 9   C   A C4    1 
ATOM   187  N N4    . C   A 1 9  ? -11.686 2.437   5.596   1.00 17.83 ? 9   C   A N4    1 
ATOM   188  C C5    . C   A 1 9  ? -12.456 0.667   4.203   1.00 15.50 ? 9   C   A C5    1 
ATOM   189  C C6    . C   A 1 9  ? -12.646 0.253   2.938   1.00 17.37 ? 9   C   A C6    1 
ATOM   190  P P     . G   A 1 10 ? -9.032  -2.766  0.840   1.00 24.65 ? 10  G   A P     1 
ATOM   191  O OP1   . G   A 1 10 ? -8.309  -3.759  0.020   1.00 31.50 ? 10  G   A OP1   1 
ATOM   192  O OP2   . G   A 1 10 ? -9.363  -3.060  2.239   1.00 28.12 ? 10  G   A OP2   1 
ATOM   193  O "O5'" . G   A 1 10 ? -8.171  -1.434  0.844   1.00 22.21 ? 10  G   A "O5'" 1 
ATOM   194  C "C5'" . G   A 1 10 ? -7.719  -0.903  -0.376  1.00 24.52 ? 10  G   A "C5'" 1 
ATOM   195  C "C4'" . G   A 1 10 ? -7.038  0.398   -0.151  1.00 25.36 ? 10  G   A "C4'" 1 
ATOM   196  O "O4'" . G   A 1 10 ? -7.987  1.356   0.377   1.00 25.92 ? 10  G   A "O4'" 1 
ATOM   197  C "C3'" . G   A 1 10 ? -5.974  0.369   0.911   1.00 25.89 ? 10  G   A "C3'" 1 
ATOM   198  O "O3'" . G   A 1 10 ? -4.761  -0.126  0.404   1.00 29.78 ? 10  G   A "O3'" 1 
ATOM   199  C "C2'" . G   A 1 10 ? -5.839  1.843   1.211   1.00 27.72 ? 10  G   A "C2'" 1 
ATOM   200  O "O2'" . G   A 1 10 ? -5.240  2.487   0.117   1.00 32.69 ? 10  G   A "O2'" 1 
ATOM   201  C "C1'" . G   A 1 10 ? -7.300  2.269   1.214   1.00 26.88 ? 10  G   A "C1'" 1 
ATOM   202  N N9    . G   A 1 10 ? -7.884  2.225   2.551   1.00 27.36 ? 10  G   A N9    1 
ATOM   203  C C8    . G   A 1 10 ? -8.635  1.221   3.095   1.00 24.57 ? 10  G   A C8    1 
ATOM   204  N N7    . G   A 1 10 ? -8.969  1.448   4.335   1.00 30.68 ? 10  G   A N7    1 
ATOM   205  C C5    . G   A 1 10 ? -8.408  2.682   4.623   1.00 24.76 ? 10  G   A C5    1 
ATOM   206  C C6    . G   A 1 10 ? -8.419  3.438   5.824   1.00 26.27 ? 10  G   A C6    1 
ATOM   207  O O6    . G   A 1 10 ? -8.956  3.167   6.910   1.00 28.05 ? 10  G   A O6    1 
ATOM   208  N N1    . G   A 1 10 ? -7.723  4.630   5.677   1.00 24.90 ? 10  G   A N1    1 
ATOM   209  C C2    . G   A 1 10 ? -7.120  5.045   4.521   1.00 20.21 ? 10  G   A C2    1 
ATOM   210  N N2    . G   A 1 10 ? -6.529  6.228   4.571   1.00 18.10 ? 10  G   A N2    1 
ATOM   211  N N3    . G   A 1 10 ? -7.105  4.353   3.404   1.00 18.96 ? 10  G   A N3    1 
ATOM   212  C C4    . G   A 1 10 ? -7.754  3.186   3.529   1.00 22.29 ? 10  G   A C4    1 
ATOM   213  P P     . U   A 1 11 ? -3.702  -0.792  1.413   1.00 29.52 ? 11  U   A P     1 
ATOM   214  O OP1   . U   A 1 11 ? -2.575  -1.263  0.597   1.00 34.92 ? 11  U   A OP1   1 
ATOM   215  O OP2   . U   A 1 11 ? -4.404  -1.767  2.312   1.00 27.18 ? 11  U   A OP2   1 
ATOM   216  O "O5'" . U   A 1 11 ? -3.175  0.455   2.260   1.00 32.25 ? 11  U   A "O5'" 1 
ATOM   217  C "C5'" . U   A 1 11 ? -2.459  1.504   1.617   1.00 29.28 ? 11  U   A "C5'" 1 
ATOM   218  C "C4'" . U   A 1 11 ? -2.203  2.609   2.587   1.00 28.74 ? 11  U   A "C4'" 1 
ATOM   219  O "O4'" . U   A 1 11 ? -3.475  3.187   2.951   1.00 26.77 ? 11  U   A "O4'" 1 
ATOM   220  C "C3'" . U   A 1 11 ? -1.602  2.194   3.915   1.00 29.71 ? 11  U   A "C3'" 1 
ATOM   221  O "O3'" . U   A 1 11 ? -0.201  2.072   3.819   1.00 33.71 ? 11  U   A "O3'" 1 
ATOM   222  C "C2'" . U   A 1 11 ? -1.991  3.384   4.774   1.00 30.69 ? 11  U   A "C2'" 1 
ATOM   223  O "O2'" . U   A 1 11 ? -1.206  4.546   4.539   1.00 30.59 ? 11  U   A "O2'" 1 
ATOM   224  C "C1'" . U   A 1 11 ? -3.430  3.590   4.308   1.00 28.27 ? 11  U   A "C1'" 1 
ATOM   225  N N1    . U   A 1 11 ? -4.363  2.744   5.065   1.00 26.55 ? 11  U   A N1    1 
ATOM   226  C C2    . U   A 1 11 ? -4.857  3.246   6.259   1.00 22.99 ? 11  U   A C2    1 
ATOM   227  O O2    . U   A 1 11 ? -4.529  4.324   6.714   1.00 29.22 ? 11  U   A O2    1 
ATOM   228  N N3    . U   A 1 11 ? -5.725  2.426   6.914   1.00 19.66 ? 11  U   A N3    1 
ATOM   229  C C4    . U   A 1 11 ? -6.130  1.186   6.525   1.00 22.54 ? 11  U   A C4    1 
ATOM   230  O O4    . U   A 1 11 ? -6.957  0.597   7.218   1.00 21.20 ? 11  U   A O4    1 
ATOM   231  C C5    . U   A 1 11 ? -5.562  0.718   5.287   1.00 19.28 ? 11  U   A C5    1 
ATOM   232  C C6    . U   A 1 11 ? -4.729  1.502   4.612   1.00 22.65 ? 11  U   A C6    1 
ATOM   233  P P     . C   A 1 12 ? 0.591   1.104   4.820   1.00 33.25 ? 12  C   A P     1 
ATOM   234  O OP1   . C   A 1 12 ? 1.966   0.966   4.314   1.00 39.83 ? 12  C   A OP1   1 
ATOM   235  O OP2   . C   A 1 12 ? -0.235  -0.108  5.018   1.00 33.08 ? 12  C   A OP2   1 
ATOM   236  O "O5'" . C   A 1 12 ? 0.667   1.927   6.194   1.00 37.63 ? 12  C   A "O5'" 1 
ATOM   237  C "C5'" . C   A 1 12 ? 0.974   3.332   6.204   1.00 35.89 ? 12  C   A "C5'" 1 
ATOM   238  C "C4'" . C   A 1 12 ? 0.882   3.895   7.622   1.00 36.69 ? 12  C   A "C4'" 1 
ATOM   239  O "O4'" . C   A 1 12 ? -0.478  4.330   7.919   1.00 35.57 ? 12  C   A "O4'" 1 
ATOM   240  C "C3'" . C   A 1 12 ? 1.197   2.947   8.766   1.00 36.42 ? 12  C   A "C3'" 1 
ATOM   241  O "O3'" . C   A 1 12 ? 2.585   2.766   8.962   1.00 39.31 ? 12  C   A "O3'" 1 
ATOM   242  C "C2'" . C   A 1 12 ? 0.541   3.658   9.939   1.00 35.31 ? 12  C   A "C2'" 1 
ATOM   243  O "O2'" . C   A 1 12 ? 1.277   4.811   10.313  1.00 35.83 ? 12  C   A "O2'" 1 
ATOM   244  C "C1'" . C   A 1 12 ? -0.772  4.096   9.302   1.00 31.21 ? 12  C   A "C1'" 1 
ATOM   245  N N1    . C   A 1 12 ? -1.809  3.051   9.381   1.00 28.12 ? 12  C   A N1    1 
ATOM   246  C C2    . C   A 1 12 ? -2.745  3.090   10.413  1.00 25.96 ? 12  C   A C2    1 
ATOM   247  O O2    . C   A 1 12 ? -2.641  3.959   11.270  1.00 26.50 ? 12  C   A O2    1 
ATOM   248  N N3    . C   A 1 12 ? -3.737  2.172   10.450  1.00 19.50 ? 12  C   A N3    1 
ATOM   249  C C4    . C   A 1 12 ? -3.793  1.230   9.515   1.00 21.60 ? 12  C   A C4    1 
ATOM   250  N N4    . C   A 1 12 ? -4.783  0.363   9.551   1.00 16.85 ? 12  C   A N4    1 
ATOM   251  C C5    . C   A 1 12 ? -2.829  1.140   8.481   1.00 20.50 ? 12  C   A C5    1 
ATOM   252  C C6    . C   A 1 12 ? -1.864  2.060   8.452   1.00 27.90 ? 12  C   A C6    1 
ATOM   253  O "O5'" . G   B 1 1  ? -11.310 2.142   16.578  1.00 35.27 ? 13  G   B "O5'" 1 
ATOM   254  C "C5'" . G   B 1 1  ? -11.185 2.979   17.745  1.00 30.24 ? 13  G   B "C5'" 1 
ATOM   255  C "C4'" . G   B 1 1  ? -9.864  3.704   17.840  1.00 29.05 ? 13  G   B "C4'" 1 
ATOM   256  O "O4'" . G   B 1 1  ? -8.780  2.738   17.817  1.00 27.91 ? 13  G   B "O4'" 1 
ATOM   257  C "C3'" . G   B 1 1  ? -9.554  4.642   16.693  1.00 28.43 ? 13  G   B "C3'" 1 
ATOM   258  O "O3'" . G   B 1 1  ? -10.142 5.907   16.941  1.00 32.98 ? 13  G   B "O3'" 1 
ATOM   259  C "C2'" . G   B 1 1  ? -8.034  4.693   16.733  1.00 26.19 ? 13  G   B "C2'" 1 
ATOM   260  O "O2'" . G   B 1 1  ? -7.540  5.452   17.801  1.00 28.51 ? 13  G   B "O2'" 1 
ATOM   261  C "C1'" . G   B 1 1  ? -7.710  3.246   17.041  1.00 25.37 ? 13  G   B "C1'" 1 
ATOM   262  N N9    . G   B 1 1  ? -7.632  2.469   15.814  1.00 21.93 ? 13  G   B N9    1 
ATOM   263  C C8    . G   B 1 1  ? -8.433  1.420   15.455  1.00 18.63 ? 13  G   B C8    1 
ATOM   264  N N7    . G   B 1 1  ? -8.108  0.904   14.306  1.00 18.30 ? 13  G   B N7    1 
ATOM   265  C C5    . G   B 1 1  ? -7.048  1.678   13.865  1.00 16.21 ? 13  G   B C5    1 
ATOM   266  C C6    . G   B 1 1  ? -6.308  1.622   12.643  1.00 19.75 ? 13  G   B C6    1 
ATOM   267  O O6    . G   B 1 1  ? -6.463  0.835   11.667  1.00 18.23 ? 13  G   B O6    1 
ATOM   268  N N1    . G   B 1 1  ? -5.312  2.600   12.610  1.00 15.98 ? 13  G   B N1    1 
ATOM   269  C C2    . G   B 1 1  ? -5.057  3.499   13.617  1.00 14.02 ? 13  G   B C2    1 
ATOM   270  N N2    . G   B 1 1  ? -4.018  4.313   13.434  1.00 12.60 ? 13  G   B N2    1 
ATOM   271  N N3    . G   B 1 1  ? -5.763  3.583   14.742  1.00 19.61 ? 13  G   B N3    1 
ATOM   272  C C4    . G   B 1 1  ? -6.734  2.644   14.791  1.00 18.60 ? 13  G   B C4    1 
ATOM   273  P P     . G   B 1 2  ? -10.463 6.886   15.713  1.00 27.18 ? 14  G   B P     1 
ATOM   274  O OP1   . G   B 1 2  ? -11.223 8.042   16.251  1.00 37.06 ? 14  G   B OP1   1 
ATOM   275  O OP2   . G   B 1 2  ? -11.059 6.085   14.620  1.00 32.93 ? 14  G   B OP2   1 
ATOM   276  O "O5'" . G   B 1 2  ? -9.018  7.359   15.246  1.00 29.45 ? 14  G   B "O5'" 1 
ATOM   277  C "C5'" . G   B 1 2  ? -8.297  8.350   15.974  1.00 27.46 ? 14  G   B "C5'" 1 
ATOM   278  C "C4'" . G   B 1 2  ? -7.115  8.842   15.167  1.00 26.28 ? 14  G   B "C4'" 1 
ATOM   279  O "O4'" . G   B 1 2  ? -6.178  7.751   14.942  1.00 29.32 ? 14  G   B "O4'" 1 
ATOM   280  C "C3'" . G   B 1 2  ? -7.469  9.309   13.783  1.00 25.84 ? 14  G   B "C3'" 1 
ATOM   281  O "O3'" . G   B 1 2  ? -7.905  10.640  13.815  1.00 23.70 ? 14  G   B "O3'" 1 
ATOM   282  C "C2'" . G   B 1 2  ? -6.153  9.129   13.048  1.00 27.02 ? 14  G   B "C2'" 1 
ATOM   283  O "O2'" . G   B 1 2  ? -5.211  10.097  13.420  1.00 27.93 ? 14  G   B "O2'" 1 
ATOM   284  C "C1'" . G   B 1 2  ? -5.684  7.807   13.619  1.00 25.24 ? 14  G   B "C1'" 1 
ATOM   285  N N9    . G   B 1 2  ? -6.233  6.668   12.894  1.00 26.11 ? 14  G   B N9    1 
ATOM   286  C C8    . G   B 1 2  ? -7.264  5.858   13.287  1.00 22.19 ? 14  G   B C8    1 
ATOM   287  N N7    . G   B 1 2  ? -7.511  4.903   12.438  1.00 23.31 ? 14  G   B N7    1 
ATOM   288  C C5    . G   B 1 2  ? -6.567  5.096   11.421  1.00 21.61 ? 14  G   B C5    1 
ATOM   289  C C6    . G   B 1 2  ? -6.319  4.357   10.226  1.00 19.12 ? 14  G   B C6    1 
ATOM   290  O O6    . G   B 1 2  ? -6.865  3.350   9.855   1.00 18.85 ? 14  G   B O6    1 
ATOM   291  N N1    . G   B 1 2  ? -5.316  4.912   9.443   1.00 13.01 ? 14  G   B N1    1 
ATOM   292  C C2    . G   B 1 2  ? -4.626  6.036   9.772   1.00 21.37 ? 14  G   B C2    1 
ATOM   293  N N2    . G   B 1 2  ? -3.708  6.453   8.887   1.00 22.31 ? 14  G   B N2    1 
ATOM   294  N N3    . G   B 1 2  ? -4.815  6.720   10.893  1.00 26.13 ? 14  G   B N3    1 
ATOM   295  C C4    . G   B 1 2  ? -5.800  6.189   11.668  1.00 24.40 ? 14  G   B C4    1 
ATOM   296  P P     . C   B 1 3  ? -8.961  11.132  12.728  1.00 23.71 ? 15  C   B P     1 
ATOM   297  O OP1   . C   B 1 3  ? -9.352  12.502  13.056  1.00 27.80 ? 15  C   B OP1   1 
ATOM   298  O OP2   . C   B 1 3  ? -10.012 10.100  12.538  1.00 23.41 ? 15  C   B OP2   1 
ATOM   299  O "O5'" . C   B 1 3  ? -8.131  11.149  11.365  1.00 29.04 ? 15  C   B "O5'" 1 
ATOM   300  C "C5'" . C   B 1 3  ? -6.847  11.789  11.258  1.00 26.53 ? 15  C   B "C5'" 1 
ATOM   301  C "C4'" . C   B 1 3  ? -6.208  11.423  9.933   1.00 26.15 ? 15  C   B "C4'" 1 
ATOM   302  O "O4'" . C   B 1 3  ? -5.841  10.013  9.983   1.00 30.56 ? 15  C   B "O4'" 1 
ATOM   303  C "C3'" . C   B 1 3  ? -7.164  11.475  8.759   1.00 30.81 ? 15  C   B "C3'" 1 
ATOM   304  O "O3'" . C   B 1 3  ? -7.341  12.791  8.249   1.00 31.10 ? 15  C   B "O3'" 1 
ATOM   305  C "C2'" . C   B 1 3  ? -6.494  10.532  7.770   1.00 31.40 ? 15  C   B "C2'" 1 
ATOM   306  O "O2'" . C   B 1 3  ? -5.368  11.108  7.137   1.00 34.55 ? 15  C   B "O2'" 1 
ATOM   307  C "C1'" . C   B 1 3  ? -6.035  9.412   8.706   1.00 30.91 ? 15  C   B "C1'" 1 
ATOM   308  N N1    . C   B 1 3  ? -7.038  8.328   8.814   1.00 28.10 ? 15  C   B N1    1 
ATOM   309  C C2    . C   B 1 3  ? -7.090  7.343   7.814   1.00 25.15 ? 15  C   B C2    1 
ATOM   310  O O2    . C   B 1 3  ? -6.303  7.399   6.876   1.00 25.34 ? 15  C   B O2    1 
ATOM   311  N N3    . C   B 1 3  ? -8.000  6.354   7.895   1.00 21.60 ? 15  C   B N3    1 
ATOM   312  C C4    . C   B 1 3  ? -8.838  6.311   8.924   1.00 20.05 ? 15  C   B C4    1 
ATOM   313  N N4    . C   B 1 3  ? -9.726  5.309   8.960   1.00 22.74 ? 15  C   B N4    1 
ATOM   314  C C5    . C   B 1 3  ? -8.810  7.291   9.961   1.00 25.25 ? 15  C   B C5    1 
ATOM   315  C C6    . C   B 1 3  ? -7.906  8.278   9.869   1.00 25.05 ? 15  C   B C6    1 
ATOM   316  P P     . G   B 1 4  ? -8.694  13.157  7.469   1.00 33.86 ? 16  G   B P     1 
ATOM   317  O OP1   . G   B 1 4  ? -8.736  14.606  7.185   1.00 34.44 ? 16  G   B OP1   1 
ATOM   318  O OP2   . G   B 1 4  ? -9.812  12.524  8.203   1.00 32.15 ? 16  G   B OP2   1 
ATOM   319  O "O5'" . G   B 1 4  ? -8.570  12.391  6.077   1.00 33.46 ? 16  G   B "O5'" 1 
ATOM   320  C "C5'" . G   B 1 4  ? -7.520  12.695  5.151   1.00 33.65 ? 16  G   B "C5'" 1 
ATOM   321  C "C4'" . G   B 1 4  ? -7.711  11.900  3.872   1.00 34.51 ? 16  G   B "C4'" 1 
ATOM   322  O "O4'" . G   B 1 4  ? -7.496  10.490  4.137   1.00 32.04 ? 16  G   B "O4'" 1 
ATOM   323  C "C3'" . G   B 1 4  ? -9.139  11.920  3.349   1.00 36.41 ? 16  G   B "C3'" 1 
ATOM   324  O "O3'" . G   B 1 4  ? -9.402  13.099  2.619   1.00 40.66 ? 16  G   B "O3'" 1 
ATOM   325  C "C2'" . G   B 1 4  ? -9.195  10.675  2.472   1.00 35.67 ? 16  G   B "C2'" 1 
ATOM   326  O "O2'" . G   B 1 4  ? -8.687  10.844  1.149   1.00 39.68 ? 16  G   B "O2'" 1 
ATOM   327  C "C1'" . G   B 1 4  ? -8.330  9.709   3.292   1.00 31.28 ? 16  G   B "C1'" 1 
ATOM   328  N N9    . G   B 1 4  ? -9.083  8.769   4.115   1.00 21.65 ? 16  G   B N9    1 
ATOM   329  C C8    . G   B 1 4  ? -9.440  8.923   5.430   1.00 19.55 ? 16  G   B C8    1 
ATOM   330  N N7    . G   B 1 4  ? -10.133 7.917   5.885   1.00 23.74 ? 16  G   B N7    1 
ATOM   331  C C5    . G   B 1 4  ? -10.213 7.035   4.813   1.00 17.85 ? 16  G   B C5    1 
ATOM   332  C C6    . G   B 1 4  ? -10.793 5.747   4.721   1.00 19.86 ? 16  G   B C6    1 
ATOM   333  O O6    . G   B 1 4  ? -11.341 5.103   5.589   1.00 28.49 ? 16  G   B O6    1 
ATOM   334  N N1    . G   B 1 4  ? -10.666 5.201   3.453   1.00 23.38 ? 16  G   B N1    1 
ATOM   335  C C2    . G   B 1 4  ? -10.037 5.805   2.412   1.00 25.86 ? 16  G   B C2    1 
ATOM   336  N N2    . G   B 1 4  ? -10.048 5.140   1.240   1.00 30.76 ? 16  G   B N2    1 
ATOM   337  N N3    . G   B 1 4  ? -9.441  6.982   2.495   1.00 27.85 ? 16  G   B N3    1 
ATOM   338  C C4    . G   B 1 4  ? -9.578  7.542   3.716   1.00 23.07 ? 16  G   B C4    1 
ATOM   339  P P     . C   B 1 5  ? -10.781 13.885  2.849   1.00 39.30 ? 17  C   B P     1 
ATOM   340  O OP1   . C   B 1 5  ? -10.480 15.346  2.751   1.00 43.77 ? 17  C   B OP1   1 
ATOM   341  O OP2   . C   B 1 5  ? -11.492 13.343  4.040   1.00 41.97 ? 17  C   B OP2   1 
ATOM   342  O "O5'" . C   B 1 5  ? -11.618 13.496  1.562   1.00 42.05 ? 17  C   B "O5'" 1 
ATOM   343  C "C5'" . C   B 1 5  ? -12.746 12.668  1.655   1.00 39.12 ? 17  C   B "C5'" 1 
ATOM   344  C "C4'" . C   B 1 5  ? -12.670 11.602  0.610   1.00 35.12 ? 17  C   B "C4'" 1 
ATOM   345  O "O4'" . C   B 1 5  ? -11.694 10.602  1.012   1.00 34.33 ? 17  C   B "O4'" 1 
ATOM   346  C "C3'" . C   B 1 5  ? -13.967 10.852  0.506   1.00 33.26 ? 17  C   B "C3'" 1 
ATOM   347  O "O3'" . C   B 1 5  ? -14.802 11.547  -0.403  1.00 31.75 ? 17  C   B "O3'" 1 
ATOM   348  C "C2'" . C   B 1 5  ? -13.491 9.492   0.033   1.00 33.17 ? 17  C   B "C2'" 1 
ATOM   349  O "O2'" . C   B 1 5  ? -13.052 9.531   -1.299  1.00 37.39 ? 17  C   B "O2'" 1 
ATOM   350  C "C1'" . C   B 1 5  ? -12.258 9.309   0.902   1.00 30.70 ? 17  C   B "C1'" 1 
ATOM   351  N N1    . C   B 1 5  ? -12.588 8.849   2.254   1.00 25.94 ? 17  C   B N1    1 
ATOM   352  C C2    . C   B 1 5  ? -13.160 7.610   2.413   1.00 27.39 ? 17  C   B C2    1 
ATOM   353  O O2    . C   B 1 5  ? -13.365 6.933   1.396   1.00 26.03 ? 17  C   B O2    1 
ATOM   354  N N3    . C   B 1 5  ? -13.471 7.170   3.665   1.00 27.10 ? 17  C   B N3    1 
ATOM   355  C C4    . C   B 1 5  ? -13.207 7.946   4.717   1.00 27.17 ? 17  C   B C4    1 
ATOM   356  N N4    . C   B 1 5  ? -13.529 7.503   5.937   1.00 22.89 ? 17  C   B N4    1 
ATOM   357  C C5    . C   B 1 5  ? -12.612 9.221   4.573   1.00 26.66 ? 17  C   B C5    1 
ATOM   358  C C6    . C   B 1 5  ? -12.332 9.632   3.337   1.00 27.16 ? 17  C   B C6    1 
ATOM   359  P P     . U   B 1 6  ? -16.294 11.965  0.039   1.00 28.28 ? 18  U   B P     1 
ATOM   360  O OP1   . U   B 1 6  ? -17.023 12.553  -1.106  1.00 35.23 ? 18  U   B OP1   1 
ATOM   361  O OP2   . U   B 1 6  ? -16.138 12.747  1.297   1.00 33.59 ? 18  U   B OP2   1 
ATOM   362  O "O5'" . U   B 1 6  ? -17.057 10.591  0.354   1.00 32.22 ? 18  U   B "O5'" 1 
ATOM   363  C "C5'" . U   B 1 6  ? -17.338 9.657   -0.688  1.00 27.77 ? 18  U   B "C5'" 1 
ATOM   364  C "C4'" . U   B 1 6  ? -17.588 8.284   -0.110  1.00 27.09 ? 18  U   B "C4'" 1 
ATOM   365  O "O4'" . U   B 1 6  ? -16.542 7.949   0.827   1.00 25.24 ? 18  U   B "O4'" 1 
ATOM   366  C "C3'" . U   B 1 6  ? -18.858 8.121   0.700   1.00 24.62 ? 18  U   B "C3'" 1 
ATOM   367  O "O3'" . U   B 1 6  ? -19.919 7.894   -0.211  1.00 25.66 ? 18  U   B "O3'" 1 
ATOM   368  C "C2'" . U   B 1 6  ? -18.536 6.862   1.502   1.00 25.31 ? 18  U   B "C2'" 1 
ATOM   369  O "O2'" . U   B 1 6  ? -18.652 5.657   0.777   1.00 24.94 ? 18  U   B "O2'" 1 
ATOM   370  C "C1'" . U   B 1 6  ? -17.060 7.078   1.811   1.00 25.54 ? 18  U   B "C1'" 1 
ATOM   371  N N1    . U   B 1 6  ? -16.824 7.719   3.098   1.00 24.55 ? 18  U   B N1    1 
ATOM   372  C C2    . U   B 1 6  ? -17.006 6.987   4.232   1.00 27.65 ? 18  U   B C2    1 
ATOM   373  O O2    . U   B 1 6  ? -17.411 5.836   4.227   1.00 30.11 ? 18  U   B O2    1 
ATOM   374  N N3    . U   B 1 6  ? -16.692 7.654   5.382   1.00 28.70 ? 18  U   B N3    1 
ATOM   375  C C4    . U   B 1 6  ? -16.216 8.940   5.489   1.00 24.35 ? 18  U   B C4    1 
ATOM   376  O O4    . U   B 1 6  ? -15.879 9.362   6.579   1.00 28.68 ? 18  U   B O4    1 
ATOM   377  C C5    . U   B 1 6  ? -16.082 9.633   4.265   1.00 24.97 ? 18  U   B C5    1 
ATOM   378  C C6    . U   B 1 6  ? -16.393 9.015   3.140   1.00 26.31 ? 18  U   B C6    1 
ATOM   379  P P     . U   B 1 7  ? -21.399 8.372   0.142   1.00 22.67 ? 19  U   B P     1 
ATOM   380  O OP1   . U   B 1 7  ? -22.090 8.428   -1.171  1.00 27.49 ? 19  U   B OP1   1 
ATOM   381  O OP2   . U   B 1 7  ? -21.310 9.590   0.965   1.00 26.89 ? 19  U   B OP2   1 
ATOM   382  O "O5'" . U   B 1 7  ? -21.991 7.201   1.041   1.00 26.10 ? 19  U   B "O5'" 1 
ATOM   383  C "C5'" . U   B 1 7  ? -22.028 5.855   0.567   1.00 28.14 ? 19  U   B "C5'" 1 
ATOM   384  C "C4'" . U   B 1 7  ? -22.495 4.929   1.669   1.00 30.46 ? 19  U   B "C4'" 1 
ATOM   385  O "O4'" . U   B 1 7  ? -21.429 4.710   2.629   1.00 33.24 ? 19  U   B "O4'" 1 
ATOM   386  C "C3'" . U   B 1 7  ? -23.598 5.517   2.528   1.00 30.95 ? 19  U   B "C3'" 1 
ATOM   387  O "O3'" . U   B 1 7  ? -24.846 5.418   1.860   1.00 33.67 ? 19  U   B "O3'" 1 
ATOM   388  C "C2'" . U   B 1 7  ? -23.483 4.692   3.806   1.00 29.48 ? 19  U   B "C2'" 1 
ATOM   389  O "O2'" . U   B 1 7  ? -23.955 3.386   3.631   1.00 33.50 ? 19  U   B "O2'" 1 
ATOM   390  C "C1'" . U   B 1 7  ? -21.975 4.550   3.930   1.00 27.29 ? 19  U   B "C1'" 1 
ATOM   391  N N1    . U   B 1 7  ? -21.355 5.548   4.802   1.00 26.80 ? 19  U   B N1    1 
ATOM   392  C C2    . U   B 1 7  ? -21.324 5.253   6.155   1.00 25.98 ? 19  U   B C2    1 
ATOM   393  O O2    . U   B 1 7  ? -21.797 4.209   6.613   1.00 31.98 ? 19  U   B O2    1 
ATOM   394  N N3    . U   B 1 7  ? -20.705 6.191   6.949   1.00 17.34 ? 19  U   B N3    1 
ATOM   395  C C4    . U   B 1 7  ? -20.114 7.367   6.532   1.00 16.81 ? 19  U   B C4    1 
ATOM   396  O O4    . U   B 1 7  ? -19.442 8.030   7.354   1.00 20.85 ? 19  U   B O4    1 
ATOM   397  C C5    . U   B 1 7  ? -20.212 7.614   5.097   1.00 14.22 ? 19  U   B C5    1 
ATOM   398  C C6    . U   B 1 7  ? -20.821 6.716   4.307   1.00 16.76 ? 19  U   B C6    1 
ATOM   399  P P     . G   B 1 8  ? -25.909 6.616   2.004   1.00 33.30 ? 20  G   B P     1 
ATOM   400  O OP1   . G   B 1 8  ? -26.990 6.434   0.996   1.00 38.15 ? 20  G   B OP1   1 
ATOM   401  O OP2   . G   B 1 8  ? -25.139 7.898   2.019   1.00 32.65 ? 20  G   B OP2   1 
ATOM   402  O "O5'" . G   B 1 8  ? -26.506 6.309   3.456   1.00 36.01 ? 20  G   B "O5'" 1 
ATOM   403  C "C5'" . G   B 1 8  ? -27.118 5.043   3.739   1.00 32.26 ? 20  G   B "C5'" 1 
ATOM   404  C "C4'" . G   B 1 8  ? -27.112 4.755   5.227   1.00 32.46 ? 20  G   B "C4'" 1 
ATOM   405  O "O4'" . G   B 1 8  ? -25.744 4.680   5.682   1.00 29.78 ? 20  G   B "O4'" 1 
ATOM   406  C "C3'" . G   B 1 8  ? -27.728 5.773   6.177   1.00 28.97 ? 20  G   B "C3'" 1 
ATOM   407  O "O3'" . G   B 1 8  ? -29.137 5.620   6.252   1.00 32.45 ? 20  G   B "O3'" 1 
ATOM   408  C "C2'" . G   B 1 8  ? -27.108 5.345   7.498   1.00 28.72 ? 20  G   B "C2'" 1 
ATOM   409  O "O2'" . G   B 1 8  ? -27.758 4.216   8.038   1.00 25.26 ? 20  G   B "O2'" 1 
ATOM   410  C "C1'" . G   B 1 8  ? -25.687 4.977   7.057   1.00 27.54 ? 20  G   B "C1'" 1 
ATOM   411  N N9    . G   B 1 8  ? -24.799 6.113   7.206   1.00 27.19 ? 20  G   B N9    1 
ATOM   412  C C8    . G   B 1 8  ? -24.365 6.954   6.213   1.00 25.58 ? 20  G   B C8    1 
ATOM   413  N N7    . G   B 1 8  ? -23.600 7.914   6.655   1.00 26.99 ? 20  G   B N7    1 
ATOM   414  C C5    . G   B 1 8  ? -23.504 7.670   8.018   1.00 25.11 ? 20  G   B C5    1 
ATOM   415  C C6    . G   B 1 8  ? -22.777 8.356   9.028   1.00 28.02 ? 20  G   B C6    1 
ATOM   416  O O6    . G   B 1 8  ? -22.018 9.359   8.913   1.00 29.08 ? 20  G   B O6    1 
ATOM   417  N N1    . G   B 1 8  ? -22.985 7.772   10.277  1.00 29.48 ? 20  G   B N1    1 
ATOM   418  C C2    . G   B 1 8  ? -23.784 6.674   10.517  1.00 28.41 ? 20  G   B C2    1 
ATOM   419  N N2    . G   B 1 8  ? -23.889 6.289   11.789  1.00 28.55 ? 20  G   B N2    1 
ATOM   420  N N3    . G   B 1 8  ? -24.433 6.014   9.580   1.00 25.23 ? 20  G   B N3    1 
ATOM   421  C C4    . G   B 1 8  ? -24.250 6.562   8.367   1.00 25.05 ? 20  G   B C4    1 
ATOM   422  P P     . C   B 1 9  ? -30.059 6.911   6.475   1.00 33.96 ? 21  C   B P     1 
ATOM   423  O OP1   . C   B 1 9  ? -31.487 6.603   6.189   1.00 34.51 ? 21  C   B OP1   1 
ATOM   424  O OP2   . C   B 1 9  ? -29.372 8.011   5.762   1.00 36.12 ? 21  C   B OP2   1 
ATOM   425  O "O5'" . C   B 1 9  ? -29.958 7.178   8.034   1.00 33.38 ? 21  C   B "O5'" 1 
ATOM   426  C "C5'" . C   B 1 9  ? -30.315 6.159   8.950   1.00 30.48 ? 21  C   B "C5'" 1 
ATOM   427  C "C4'" . C   B 1 9  ? -29.868 6.529   10.348  1.00 31.37 ? 21  C   B "C4'" 1 
ATOM   428  O "O4'" . C   B 1 9  ? -28.414 6.443   10.482  1.00 31.57 ? 21  C   B "O4'" 1 
ATOM   429  C "C3'" . C   B 1 9  ? -30.164 7.945   10.794  1.00 26.73 ? 21  C   B "C3'" 1 
ATOM   430  O "O3'" . C   B 1 9  ? -31.531 8.116   11.155  1.00 28.91 ? 21  C   B "O3'" 1 
ATOM   431  C "C2'" . C   B 1 9  ? -29.211 8.085   11.967  1.00 23.36 ? 21  C   B "C2'" 1 
ATOM   432  O "O2'" . C   B 1 9  ? -29.690 7.321   13.020  1.00 20.91 ? 21  C   B "O2'" 1 
ATOM   433  C "C1'" . C   B 1 9  ? -27.961 7.387   11.427  1.00 24.65 ? 21  C   B "C1'" 1 
ATOM   434  N N1    . C   B 1 9  ? -27.091 8.346   10.742  1.00 22.10 ? 21  C   B N1    1 
ATOM   435  C C2    . C   B 1 9  ? -26.221 9.057   11.506  1.00 21.08 ? 21  C   B C2    1 
ATOM   436  O O2    . C   B 1 9  ? -26.163 8.791   12.727  1.00 19.64 ? 21  C   B O2    1 
ATOM   437  N N3    . C   B 1 9  ? -25.449 10.017  10.931  1.00 23.65 ? 21  C   B N3    1 
ATOM   438  C C4    . C   B 1 9  ? -25.537 10.241  9.609   1.00 19.95 ? 21  C   B C4    1 
ATOM   439  N N4    . C   B 1 9  ? -24.733 11.194  9.089   1.00 17.14 ? 21  C   B N4    1 
ATOM   440  C C5    . C   B 1 9  ? -26.432 9.508   8.786   1.00 14.01 ? 21  C   B C5    1 
ATOM   441  C C6    . C   B 1 9  ? -27.176 8.558   9.385   1.00 17.21 ? 21  C   B C6    1 
ATOM   442  P P     . G   B 1 10 ? -32.203 9.569   11.013  1.00 26.41 ? 22  G   B P     1 
ATOM   443  O OP1   . G   B 1 10 ? -33.626 9.410   11.323  1.00 31.84 ? 22  G   B OP1   1 
ATOM   444  O OP2   . G   B 1 10 ? -31.835 10.281  9.765   1.00 27.81 ? 22  G   B OP2   1 
ATOM   445  O "O5'" . G   B 1 10 ? -31.468 10.356  12.183  1.00 26.69 ? 22  G   B "O5'" 1 
ATOM   446  C "C5'" . G   B 1 10 ? -31.659 9.991   13.549  1.00 22.06 ? 22  G   B "C5'" 1 
ATOM   447  C "C4'" . G   B 1 10 ? -30.885 10.923  14.441  1.00 20.91 ? 22  G   B "C4'" 1 
ATOM   448  O "O4'" . G   B 1 10 ? -29.474 10.714  14.189  1.00 17.30 ? 22  G   B "O4'" 1 
ATOM   449  C "C3'" . G   B 1 10 ? -31.059 12.397  14.132  1.00 21.34 ? 22  G   B "C3'" 1 
ATOM   450  O "O3'" . G   B 1 10 ? -32.283 12.881  14.662  1.00 19.61 ? 22  G   B "O3'" 1 
ATOM   451  C "C2'" . G   B 1 10 ? -29.811 12.977  14.786  1.00 23.07 ? 22  G   B "C2'" 1 
ATOM   452  O "O2'" . G   B 1 10 ? -29.876 13.034  16.197  1.00 26.43 ? 22  G   B "O2'" 1 
ATOM   453  C "C1'" . G   B 1 10 ? -28.772 11.917  14.415  1.00 19.08 ? 22  G   B "C1'" 1 
ATOM   454  N N9    . G   B 1 10 ? -28.041 12.249  13.203  1.00 15.77 ? 22  G   B N9    1 
ATOM   455  C C8    . G   B 1 10 ? -28.314 11.840  11.919  1.00 16.11 ? 22  G   B C8    1 
ATOM   456  N N7    . G   B 1 10 ? -27.474 12.323  11.047  1.00 13.62 ? 22  G   B N7    1 
ATOM   457  C C5    . G   B 1 10 ? -26.591 13.077  11.803  1.00 9.55  ? 22  G   B C5    1 
ATOM   458  C C6    . G   B 1 10 ? -25.481 13.840  11.405  1.00 13.52 ? 22  G   B C6    1 
ATOM   459  O O6    . G   B 1 10 ? -25.027 13.985  10.270  1.00 23.75 ? 22  G   B O6    1 
ATOM   460  N N1    . G   B 1 10 ? -24.876 14.486  12.485  1.00 19.13 ? 22  G   B N1    1 
ATOM   461  C C2    . G   B 1 10 ? -25.312 14.399  13.790  1.00 17.16 ? 22  G   B C2    1 
ATOM   462  N N2    . G   B 1 10 ? -24.607 15.094  14.675  1.00 14.68 ? 22  G   B N2    1 
ATOM   463  N N3    . G   B 1 10 ? -26.354 13.680  14.180  1.00 12.98 ? 22  G   B N3    1 
ATOM   464  C C4    . G   B 1 10 ? -26.939 13.048  13.140  1.00 15.36 ? 22  G   B C4    1 
ATOM   465  P P     . U   B 1 11 ? -32.987 14.164  14.005  1.00 21.22 ? 23  U   B P     1 
ATOM   466  O OP1   . U   B 1 11 ? -34.283 14.322  14.689  1.00 25.22 ? 23  U   B OP1   1 
ATOM   467  O OP2   . U   B 1 11 ? -32.949 13.993  12.545  1.00 22.72 ? 23  U   B OP2   1 
ATOM   468  O "O5'" . U   B 1 11 ? -32.066 15.412  14.339  1.00 20.84 ? 23  U   B "O5'" 1 
ATOM   469  C "C5'" . U   B 1 11 ? -31.650 15.675  15.673  1.00 21.93 ? 23  U   B "C5'" 1 
ATOM   470  C "C4'" . U   B 1 11 ? -30.496 16.643  15.681  1.00 22.05 ? 23  U   B "C4'" 1 
ATOM   471  O "O4'" . U   B 1 11 ? -29.294 16.007  15.176  1.00 18.32 ? 23  U   B "O4'" 1 
ATOM   472  C "C3'" . U   B 1 11 ? -30.678 17.883  14.830  1.00 21.98 ? 23  U   B "C3'" 1 
ATOM   473  O "O3'" . U   B 1 11 ? -31.398 18.862  15.557  1.00 24.75 ? 23  U   B "O3'" 1 
ATOM   474  C "C2'" . U   B 1 11 ? -29.239 18.327  14.595  1.00 22.75 ? 23  U   B "C2'" 1 
ATOM   475  O "O2'" . U   B 1 11 ? -28.658 19.152  15.586  1.00 25.15 ? 23  U   B "O2'" 1 
ATOM   476  C "C1'" . U   B 1 11 ? -28.519 16.970  14.495  1.00 22.43 ? 23  U   B "C1'" 1 
ATOM   477  N N1    . U   B 1 11 ? -28.378 16.545  13.101  1.00 21.83 ? 23  U   B N1    1 
ATOM   478  C C2    . U   B 1 11 ? -27.287 17.026  12.400  1.00 19.72 ? 23  U   B C2    1 
ATOM   479  O O2    . U   B 1 11 ? -26.453 17.784  12.883  1.00 18.40 ? 23  U   B O2    1 
ATOM   480  N N3    . U   B 1 11 ? -27.212 16.604  11.102  1.00 28.04 ? 23  U   B N3    1 
ATOM   481  C C4    . U   B 1 11 ? -28.091 15.779  10.450  1.00 26.41 ? 23  U   B C4    1 
ATOM   482  O O4    . U   B 1 11 ? -27.889 15.539  9.258   1.00 29.63 ? 23  U   B O4    1 
ATOM   483  C C5    . U   B 1 11 ? -29.211 15.322  11.239  1.00 21.87 ? 23  U   B C5    1 
ATOM   484  C C6    . U   B 1 11 ? -29.308 15.706  12.515  1.00 16.52 ? 23  U   B C6    1 
ATOM   485  P P     . C   B 1 12 ? -32.040 20.127  14.803  1.00 24.18 ? 24  C   B P     1 
ATOM   486  O OP1   . C   B 1 12 ? -32.664 20.902  15.859  1.00 31.41 ? 24  C   B OP1   1 
ATOM   487  O OP2   . C   B 1 12 ? -32.840 19.622  13.666  1.00 24.69 ? 24  C   B OP2   1 
ATOM   488  O "O5'" . C   B 1 12 ? -30.845 21.039  14.286  1.00 26.09 ? 24  C   B "O5'" 1 
ATOM   489  C "C5'" . C   B 1 12 ? -29.963 21.688  15.195  1.00 23.05 ? 24  C   B "C5'" 1 
ATOM   490  C "C4'" . C   B 1 12 ? -28.849 22.382  14.437  1.00 25.06 ? 24  C   B "C4'" 1 
ATOM   491  O "O4'" . C   B 1 12 ? -27.827 21.440  13.995  1.00 24.00 ? 24  C   B "O4'" 1 
ATOM   492  C "C3'" . C   B 1 12 ? -29.231 23.110  13.156  1.00 23.55 ? 24  C   B "C3'" 1 
ATOM   493  O "O3'" . C   B 1 12 ? -29.908 24.361  13.244  1.00 28.24 ? 24  C   B "O3'" 1 
ATOM   494  C "C2'" . C   B 1 12 ? -27.880 23.284  12.501  1.00 23.86 ? 24  C   B "C2'" 1 
ATOM   495  O "O2'" . C   B 1 12 ? -27.121 24.302  13.112  1.00 26.30 ? 24  C   B "O2'" 1 
ATOM   496  C "C1'" . C   B 1 12 ? -27.254 21.919  12.780  1.00 23.86 ? 24  C   B "C1'" 1 
ATOM   497  N N1    . C   B 1 12 ? -27.598 20.989  11.687  1.00 24.11 ? 24  C   B N1    1 
ATOM   498  C C2    . C   B 1 12 ? -26.714 20.870  10.591  1.00 26.10 ? 24  C   B C2    1 
ATOM   499  O O2    . C   B 1 12 ? -25.668 21.577  10.567  1.00 18.04 ? 24  C   B O2    1 
ATOM   500  N N3    . C   B 1 12 ? -27.030 20.003  9.577   1.00 24.51 ? 24  C   B N3    1 
ATOM   501  C C4    . C   B 1 12 ? -28.177 19.312  9.615   1.00 24.28 ? 24  C   B C4    1 
ATOM   502  N N4    . C   B 1 12 ? -28.469 18.504  8.581   1.00 21.55 ? 24  C   B N4    1 
ATOM   503  C C5    . C   B 1 12 ? -29.087 19.424  10.710  1.00 28.30 ? 24  C   B C5    1 
ATOM   504  C C6    . C   B 1 12 ? -28.757 20.263  11.719  1.00 27.99 ? 24  C   B C6    1 
ATOM   505  O "O5'" . G   C 1 1  ? 26.634  -5.048  -15.533 1.00 41.33 ? 25  G   C "O5'" 1 
ATOM   506  C "C5'" . G   C 1 1  ? 27.461  -6.199  -15.739 1.00 30.60 ? 25  G   C "C5'" 1 
ATOM   507  C "C4'" . G   C 1 1  ? 28.521  -6.269  -14.655 1.00 32.46 ? 25  G   C "C4'" 1 
ATOM   508  O "O4'" . G   C 1 1  ? 29.280  -5.037  -14.666 1.00 30.60 ? 25  G   C "O4'" 1 
ATOM   509  C "C3'" . G   C 1 1  ? 28.056  -6.385  -13.200 1.00 31.06 ? 25  G   C "C3'" 1 
ATOM   510  O "O3'" . G   C 1 1  ? 27.805  -7.723  -12.811 1.00 33.11 ? 25  G   C "O3'" 1 
ATOM   511  C "C2'" . G   C 1 1  ? 29.263  -5.856  -12.453 1.00 29.56 ? 25  G   C "C2'" 1 
ATOM   512  O "O2'" . G   C 1 1  ? 30.325  -6.785  -12.440 1.00 33.04 ? 25  G   C "O2'" 1 
ATOM   513  C "C1'" . G   C 1 1  ? 29.611  -4.677  -13.340 1.00 27.45 ? 25  G   C "C1'" 1 
ATOM   514  N N9    . G   C 1 1  ? 28.763  -3.560  -12.982 1.00 21.76 ? 25  G   C N9    1 
ATOM   515  C C8    . G   C 1 1  ? 27.716  -3.021  -13.692 1.00 16.34 ? 25  G   C C8    1 
ATOM   516  N N7    . G   C 1 1  ? 27.198  -1.973  -13.116 1.00 21.40 ? 25  G   C N7    1 
ATOM   517  C C5    . G   C 1 1  ? 27.934  -1.842  -11.937 1.00 20.27 ? 25  G   C C5    1 
ATOM   518  C C6    . G   C 1 1  ? 27.836  -0.893  -10.869 1.00 21.30 ? 25  G   C C6    1 
ATOM   519  O O6    . G   C 1 1  ? 27.057  0.033   -10.741 1.00 24.64 ? 25  G   C O6    1 
ATOM   520  N N1    . G   C 1 1  ? 28.782  -1.122  -9.880  1.00 16.84 ? 25  G   C N1    1 
ATOM   521  C C2    . G   C 1 1  ? 29.705  -2.137  -9.899  1.00 21.81 ? 25  G   C C2    1 
ATOM   522  N N2    . G   C 1 1  ? 30.548  -2.196  -8.848  1.00 21.40 ? 25  G   C N2    1 
ATOM   523  N N3    . G   C 1 1  ? 29.797  -3.032  -10.868 1.00 18.17 ? 25  G   C N3    1 
ATOM   524  C C4    . G   C 1 1  ? 28.891  -2.821  -11.846 1.00 21.22 ? 25  G   C C4    1 
ATOM   525  P P     . G   C 1 2  ? 26.988  -8.010  -11.466 1.00 28.23 ? 26  G   C P     1 
ATOM   526  O OP1   . G   C 1 2  ? 26.830  -9.470  -11.296 1.00 34.92 ? 26  G   C OP1   1 
ATOM   527  O OP2   . G   C 1 2  ? 25.792  -7.129  -11.511 1.00 34.18 ? 26  G   C OP2   1 
ATOM   528  O "O5'" . G   C 1 2  ? 27.984  -7.542  -10.334 1.00 30.92 ? 26  G   C "O5'" 1 
ATOM   529  C "C5'" . G   C 1 2  ? 29.077  -8.352  -9.957  1.00 27.35 ? 26  G   C "C5'" 1 
ATOM   530  C "C4'" . G   C 1 2  ? 29.553  -7.923  -8.594  1.00 28.31 ? 26  G   C "C4'" 1 
ATOM   531  O "O4'" . G   C 1 2  ? 29.958  -6.527  -8.647  1.00 29.73 ? 26  G   C "O4'" 1 
ATOM   532  C "C3'" . G   C 1 2  ? 28.489  -7.904  -7.515  1.00 26.05 ? 26  G   C "C3'" 1 
ATOM   533  O "O3'" . G   C 1 2  ? 28.323  -9.179  -6.961  1.00 27.29 ? 26  G   C "O3'" 1 
ATOM   534  C "C2'" . G   C 1 2  ? 29.090  -6.956  -6.495  1.00 26.27 ? 26  G   C "C2'" 1 
ATOM   535  O "O2'" . G   C 1 2  ? 30.161  -7.508  -5.760  1.00 21.32 ? 26  G   C "O2'" 1 
ATOM   536  C "C1'" . G   C 1 2  ? 29.623  -5.877  -7.424  1.00 26.51 ? 26  G   C "C1'" 1 
ATOM   537  N N9    . G   C 1 2  ? 28.581  -4.904  -7.704  1.00 24.31 ? 26  G   C N9    1 
ATOM   538  C C8    . G   C 1 2  ? 27.717  -4.895  -8.773  1.00 24.83 ? 26  G   C C8    1 
ATOM   539  N N7    . G   C 1 2  ? 26.887  -3.892  -8.750  1.00 23.70 ? 26  G   C N7    1 
ATOM   540  C C5    . G   C 1 2  ? 27.228  -3.193  -7.592  1.00 21.98 ? 26  G   C C5    1 
ATOM   541  C C6    . G   C 1 2  ? 26.687  -2.006  -7.049  1.00 19.74 ? 26  G   C C6    1 
ATOM   542  O O6    . G   C 1 2  ? 25.736  -1.337  -7.484  1.00 16.00 ? 26  G   C O6    1 
ATOM   543  N N1    . G   C 1 2  ? 27.353  -1.630  -5.876  1.00 11.94 ? 26  G   C N1    1 
ATOM   544  C C2    . G   C 1 2  ? 28.374  -2.338  -5.285  1.00 17.47 ? 26  G   C C2    1 
ATOM   545  N N2    . G   C 1 2  ? 28.879  -1.858  -4.144  1.00 12.30 ? 26  G   C N2    1 
ATOM   546  N N3    . G   C 1 2  ? 28.867  -3.450  -5.782  1.00 23.24 ? 26  G   C N3    1 
ATOM   547  C C4    . G   C 1 2  ? 28.261  -3.813  -6.937  1.00 21.20 ? 26  G   C C4    1 
ATOM   548  P P     . C   C 1 3  ? 26.894  -9.592  -6.395  1.00 25.89 ? 27  C   C P     1 
ATOM   549  O OP1   . C   C 1 3  ? 26.967  -10.988 -5.897  1.00 31.70 ? 27  C   C OP1   1 
ATOM   550  O OP2   . C   C 1 3  ? 25.826  -9.214  -7.370  1.00 24.74 ? 27  C   C OP2   1 
ATOM   551  O "O5'" . C   C 1 3  ? 26.792  -8.612  -5.148  1.00 31.93 ? 27  C   C "O5'" 1 
ATOM   552  C "C5'" . C   C 1 3  ? 27.831  -8.546  -4.167  1.00 30.41 ? 27  C   C "C5'" 1 
ATOM   553  C "C4'" . C   C 1 3  ? 27.477  -7.523  -3.104  1.00 32.80 ? 27  C   C "C4'" 1 
ATOM   554  O "O4'" . C   C 1 3  ? 27.694  -6.193  -3.642  1.00 32.31 ? 27  C   C "O4'" 1 
ATOM   555  C "C3'" . C   C 1 3  ? 26.024  -7.475  -2.613  1.00 31.82 ? 27  C   C "C3'" 1 
ATOM   556  O "O3'" . C   C 1 3  ? 25.788  -8.421  -1.579  1.00 31.63 ? 27  C   C "O3'" 1 
ATOM   557  C "C2'" . C   C 1 3  ? 25.954  -6.074  -2.039  1.00 32.02 ? 27  C   C "C2'" 1 
ATOM   558  O "O2'" . C   C 1 3  ? 26.654  -5.992  -0.812  1.00 29.68 ? 27  C   C "O2'" 1 
ATOM   559  C "C1'" . C   C 1 3  ? 26.727  -5.302  -3.098  1.00 32.70 ? 27  C   C "C1'" 1 
ATOM   560  N N1    . C   C 1 3  ? 25.882  -4.794  -4.194  1.00 33.32 ? 27  C   C N1    1 
ATOM   561  C C2    . C   C 1 3  ? 25.231  -3.537  -4.048  1.00 32.60 ? 27  C   C C2    1 
ATOM   562  O O2    . C   C 1 3  ? 25.315  -2.908  -2.982  1.00 36.63 ? 27  C   C O2    1 
ATOM   563  N N3    . C   C 1 3  ? 24.534  -3.039  -5.078  1.00 30.62 ? 27  C   C N3    1 
ATOM   564  C C4    . C   C 1 3  ? 24.451  -3.721  -6.217  1.00 21.92 ? 27  C   C C4    1 
ATOM   565  N N4    . C   C 1 3  ? 23.775  -3.167  -7.204  1.00 21.70 ? 27  C   C N4    1 
ATOM   566  C C5    . C   C 1 3  ? 25.061  -4.998  -6.387  1.00 23.53 ? 27  C   C C5    1 
ATOM   567  C C6    . C   C 1 3  ? 25.748  -5.503  -5.358  1.00 26.29 ? 27  C   C C6    1 
ATOM   568  P P     . G   C 1 4  ? 24.321  -9.016  -1.362  1.00 28.06 ? 28  G   C P     1 
ATOM   569  O OP1   . G   C 1 4  ? 24.369  -10.007 -0.257  1.00 29.49 ? 28  G   C OP1   1 
ATOM   570  O OP2   . G   C 1 4  ? 23.714  -9.402  -2.661  1.00 25.96 ? 28  G   C OP2   1 
ATOM   571  O "O5'" . G   C 1 4  ? 23.536  -7.743  -0.843  1.00 31.91 ? 28  G   C "O5'" 1 
ATOM   572  C "C5'" . G   C 1 4  ? 23.491  -7.427  0.539   1.00 26.27 ? 28  G   C "C5'" 1 
ATOM   573  C "C4'" . G   C 1 4  ? 22.510  -6.308  0.761   1.00 24.67 ? 28  G   C "C4'" 1 
ATOM   574  O "O4'" . G   C 1 4  ? 22.959  -5.142  0.034   1.00 24.42 ? 28  G   C "O4'" 1 
ATOM   575  C "C3'" . G   C 1 4  ? 21.129  -6.520  0.192   1.00 23.30 ? 28  G   C "C3'" 1 
ATOM   576  O "O3'" . G   C 1 4  ? 20.407  -7.351  1.068   1.00 27.53 ? 28  G   C "O3'" 1 
ATOM   577  C "C2'" . G   C 1 4  ? 20.608  -5.089  0.185   1.00 25.01 ? 28  G   C "C2'" 1 
ATOM   578  O "O2'" . G   C 1 4  ? 20.324  -4.575  1.478   1.00 25.96 ? 28  G   C "O2'" 1 
ATOM   579  C "C1'" . G   C 1 4  ? 21.845  -4.355  -0.316  1.00 23.26 ? 28  G   C "C1'" 1 
ATOM   580  N N9    . G   C 1 4  ? 21.864  -4.203  -1.757  1.00 24.00 ? 28  G   C N9    1 
ATOM   581  C C8    . G   C 1 4  ? 22.484  -5.015  -2.661  1.00 19.35 ? 28  G   C C8    1 
ATOM   582  N N7    . G   C 1 4  ? 22.248  -4.663  -3.884  1.00 21.84 ? 28  G   C N7    1 
ATOM   583  C C5    . G   C 1 4  ? 21.446  -3.529  -3.774  1.00 18.61 ? 28  G   C C5    1 
ATOM   584  C C6    . G   C 1 4  ? 20.848  -2.699  -4.767  1.00 21.97 ? 28  G   C C6    1 
ATOM   585  O O6    . G   C 1 4  ? 20.899  -2.800  -6.005  1.00 27.69 ? 28  G   C O6    1 
ATOM   586  N N1    . G   C 1 4  ? 20.120  -1.660  -4.204  1.00 20.78 ? 28  G   C N1    1 
ATOM   587  C C2    . G   C 1 4  ? 19.981  -1.436  -2.877  1.00 19.16 ? 28  G   C C2    1 
ATOM   588  N N2    . G   C 1 4  ? 19.265  -0.363  -2.546  1.00 30.13 ? 28  G   C N2    1 
ATOM   589  N N3    . G   C 1 4  ? 20.509  -2.202  -1.942  1.00 19.94 ? 28  G   C N3    1 
ATOM   590  C C4    . G   C 1 4  ? 21.226  -3.227  -2.466  1.00 23.95 ? 28  G   C C4    1 
ATOM   591  P P     . C   C 1 5  ? 19.318  -8.378  0.486   1.00 31.08 ? 29  C   C P     1 
ATOM   592  O OP1   . C   C 1 5  ? 18.963  -9.296  1.601   1.00 34.28 ? 29  C   C OP1   1 
ATOM   593  O OP2   . C   C 1 5  ? 19.799  -8.927  -0.814  1.00 36.88 ? 29  C   C OP2   1 
ATOM   594  O "O5'" . C   C 1 5  ? 18.040  -7.483  0.170   1.00 34.13 ? 29  C   C "O5'" 1 
ATOM   595  C "C5'" . C   C 1 5  ? 17.399  -6.753  1.204   1.00 32.85 ? 29  C   C "C5'" 1 
ATOM   596  C "C4'" . C   C 1 5  ? 16.559  -5.662  0.618   1.00 31.02 ? 29  C   C "C4'" 1 
ATOM   597  O "O4'" . C   C 1 5  ? 17.409  -4.746  -0.113  1.00 31.17 ? 29  C   C "O4'" 1 
ATOM   598  C "C3'" . C   C 1 5  ? 15.607  -6.124  -0.446  1.00 32.71 ? 29  C   C "C3'" 1 
ATOM   599  O "O3'" . C   C 1 5  ? 14.457  -6.685  0.127   1.00 35.53 ? 29  C   C "O3'" 1 
ATOM   600  C "C2'" . C   C 1 5  ? 15.287  -4.819  -1.147  1.00 34.31 ? 29  C   C "C2'" 1 
ATOM   601  O "O2'" . C   C 1 5  ? 14.385  -4.023  -0.411  1.00 39.54 ? 29  C   C "O2'" 1 
ATOM   602  C "C1'" . C   C 1 5  ? 16.664  -4.165  -1.177  1.00 33.44 ? 29  C   C "C1'" 1 
ATOM   603  N N1    . C   C 1 5  ? 17.374  -4.401  -2.449  1.00 31.25 ? 29  C   C N1    1 
ATOM   604  C C2    . C   C 1 5  ? 17.168  -3.511  -3.500  1.00 31.11 ? 29  C   C C2    1 
ATOM   605  O O2    . C   C 1 5  ? 16.476  -2.527  -3.310  1.00 36.43 ? 29  C   C O2    1 
ATOM   606  N N3    . C   C 1 5  ? 17.740  -3.741  -4.690  1.00 31.43 ? 29  C   C N3    1 
ATOM   607  C C4    . C   C 1 5  ? 18.498  -4.813  -4.862  1.00 31.22 ? 29  C   C C4    1 
ATOM   608  N N4    . C   C 1 5  ? 19.024  -5.013  -6.059  1.00 29.79 ? 29  C   C N4    1 
ATOM   609  C C5    . C   C 1 5  ? 18.755  -5.729  -3.802  1.00 33.12 ? 29  C   C C5    1 
ATOM   610  C C6    . C   C 1 5  ? 18.179  -5.486  -2.622  1.00 31.55 ? 29  C   C C6    1 
ATOM   611  P P     . U   C 1 6  ? 13.573  -7.705  -0.736  1.00 38.02 ? 30  U   C P     1 
ATOM   612  O OP1   . U   C 1 6  ? 12.342  -8.020  0.018   1.00 42.28 ? 30  U   C OP1   1 
ATOM   613  O OP2   . U   C 1 6  ? 14.491  -8.817  -1.120  1.00 40.56 ? 30  U   C OP2   1 
ATOM   614  O "O5'" . U   C 1 6  ? 13.136  -6.827  -2.000  1.00 31.53 ? 30  U   C "O5'" 1 
ATOM   615  C "C5'" . U   C 1 6  ? 12.209  -5.767  -1.839  1.00 28.89 ? 30  U   C "C5'" 1 
ATOM   616  C "C4'" . U   C 1 6  ? 12.069  -4.997  -3.119  1.00 30.86 ? 30  U   C "C4'" 1 
ATOM   617  O "O4'" . U   C 1 6  ? 13.372  -4.551  -3.574  1.00 27.68 ? 30  U   C "O4'" 1 
ATOM   618  C "C3'" . U   C 1 6  ? 11.498  -5.779  -4.285  1.00 33.25 ? 30  U   C "C3'" 1 
ATOM   619  O "O3'" . U   C 1 6  ? 10.076  -5.771  -4.215  1.00 35.53 ? 30  U   C "O3'" 1 
ATOM   620  C "C2'" . U   C 1 6  ? 12.017  -4.979  -5.476  1.00 33.00 ? 30  U   C "C2'" 1 
ATOM   621  O "O2'" . U   C 1 6  ? 11.315  -3.794  -5.794  1.00 34.85 ? 30  U   C "O2'" 1 
ATOM   622  C "C1'" . U   C 1 6  ? 13.406  -4.597  -4.989  1.00 29.73 ? 30  U   C "C1'" 1 
ATOM   623  N N1    . U   C 1 6  ? 14.400  -5.594  -5.394  1.00 28.94 ? 30  U   C N1    1 
ATOM   624  C C2    . U   C 1 6  ? 14.885  -5.508  -6.680  1.00 28.09 ? 30  U   C C2    1 
ATOM   625  O O2    . U   C 1 6  ? 14.491  -4.689  -7.478  1.00 27.77 ? 30  U   C O2    1 
ATOM   626  N N3    . U   C 1 6  ? 15.863  -6.406  -6.990  1.00 32.28 ? 30  U   C N3    1 
ATOM   627  C C4    . U   C 1 6  ? 16.390  -7.365  -6.163  1.00 27.52 ? 30  U   C C4    1 
ATOM   628  O O4    . U   C 1 6  ? 17.389  -7.959  -6.527  1.00 32.05 ? 30  U   C O4    1 
ATOM   629  C C5    . U   C 1 6  ? 15.804  -7.426  -4.857  1.00 28.76 ? 30  U   C C5    1 
ATOM   630  C C6    . U   C 1 6  ? 14.841  -6.562  -4.531  1.00 25.65 ? 30  U   C C6    1 
ATOM   631  P P     . U   C 1 7  ? 9.219   -6.887  -4.994  1.00 34.19 ? 31  U   C P     1 
ATOM   632  O OP1   . U   C 1 7  ? 8.090   -7.256  -4.123  1.00 40.51 ? 31  U   C OP1   1 
ATOM   633  O OP2   . U   C 1 7  ? 10.156  -7.941  -5.442  1.00 38.66 ? 31  U   C OP2   1 
ATOM   634  O "O5'" . U   C 1 7  ? 8.613   -6.101  -6.240  1.00 33.67 ? 31  U   C "O5'" 1 
ATOM   635  C "C5'" . U   C 1 7  ? 9.411   -5.206  -6.968  1.00 31.16 ? 31  U   C "C5'" 1 
ATOM   636  C "C4'" . U   C 1 7  ? 8.811   -4.936  -8.311  1.00 32.63 ? 31  U   C "C4'" 1 
ATOM   637  O "O4'" . U   C 1 7  ? 9.873   -4.329  -9.079  1.00 34.48 ? 31  U   C "O4'" 1 
ATOM   638  C "C3'" . U   C 1 7  ? 8.409   -6.168  -9.104  1.00 33.60 ? 31  U   C "C3'" 1 
ATOM   639  O "O3'" . U   C 1 7  ? 7.027   -6.360  -8.950  1.00 35.67 ? 31  U   C "O3'" 1 
ATOM   640  C "C2'" . U   C 1 7  ? 8.733   -5.756  -10.527 1.00 32.83 ? 31  U   C "C2'" 1 
ATOM   641  O "O2'" . U   C 1 7  ? 7.811   -4.836  -11.084 1.00 34.01 ? 31  U   C "O2'" 1 
ATOM   642  C "C1'" . U   C 1 7  ? 10.042  -5.022  -10.297 1.00 31.97 ? 31  U   C "C1'" 1 
ATOM   643  N N1    . U   C 1 7  ? 11.201  -5.915  -10.152 1.00 28.22 ? 31  U   C N1    1 
ATOM   644  C C2    . U   C 1 7  ? 11.898  -6.245  -11.300 1.00 30.08 ? 31  U   C C2    1 
ATOM   645  O O2    . U   C 1 7  ? 11.590  -5.829  -12.422 1.00 30.22 ? 31  U   C O2    1 
ATOM   646  N N3    . U   C 1 7  ? 12.967  -7.078  -11.102 1.00 27.53 ? 31  U   C N3    1 
ATOM   647  C C4    . U   C 1 7  ? 13.392  -7.619  -9.924  1.00 29.12 ? 31  U   C C4    1 
ATOM   648  O O4    . U   C 1 7  ? 14.364  -8.383  -9.938  1.00 28.63 ? 31  U   C O4    1 
ATOM   649  C C5    . U   C 1 7  ? 12.616  -7.232  -8.768  1.00 25.52 ? 31  U   C C5    1 
ATOM   650  C C6    . U   C 1 7  ? 11.575  -6.409  -8.925  1.00 27.51 ? 31  U   C C6    1 
ATOM   651  P P     . G   C 1 8  ? 6.354   -7.735  -9.426  1.00 37.25 ? 32  G   C P     1 
ATOM   652  O OP1   . G   C 1 8  ? 4.898   -7.488  -9.523  1.00 43.01 ? 32  G   C OP1   1 
ATOM   653  O OP2   . G   C 1 8  ? 6.885   -8.811  -8.538  1.00 35.74 ? 32  G   C OP2   1 
ATOM   654  O "O5'" . G   C 1 8  ? 6.862   -7.971  -10.920 1.00 38.75 ? 32  G   C "O5'" 1 
ATOM   655  C "C5'" . G   C 1 8  ? 6.198   -7.342  -12.026 1.00 38.18 ? 32  G   C "C5'" 1 
ATOM   656  C "C4'" . G   C 1 8  ? 6.760   -7.829  -13.350 1.00 37.48 ? 32  G   C "C4'" 1 
ATOM   657  O "O4'" . G   C 1 8  ? 8.156   -7.452  -13.468 1.00 37.97 ? 32  G   C "O4'" 1 
ATOM   658  C "C3'" . G   C 1 8  ? 6.775   -9.330  -13.570 1.00 35.67 ? 32  G   C "C3'" 1 
ATOM   659  O "O3'" . G   C 1 8  ? 5.522   -9.758  -14.054 1.00 33.31 ? 32  G   C "O3'" 1 
ATOM   660  C "C2'" . G   C 1 8  ? 7.835   -9.480  -14.647 1.00 35.83 ? 32  G   C "C2'" 1 
ATOM   661  O "O2'" . G   C 1 8  ? 7.361   -9.031  -15.881 1.00 35.94 ? 32  G   C "O2'" 1 
ATOM   662  C "C1'" . G   C 1 8  ? 8.855   -8.443  -14.199 1.00 37.34 ? 32  G   C "C1'" 1 
ATOM   663  N N9    . G   C 1 8  ? 9.849   -9.044  -13.329 1.00 36.65 ? 32  G   C N9    1 
ATOM   664  C C8    . G   C 1 8  ? 9.817   -9.124  -11.957 1.00 35.56 ? 32  G   C C8    1 
ATOM   665  N N7    . G   C 1 8  ? 10.858  -9.731  -11.463 1.00 37.18 ? 32  G   C N7    1 
ATOM   666  C C5    . G   C 1 8  ? 11.611  -10.077 -12.576 1.00 36.16 ? 32  G   C C5    1 
ATOM   667  C C6    . G   C 1 8  ? 12.827  -10.766 -12.666 1.00 31.09 ? 32  G   C C6    1 
ATOM   668  O O6    . G   C 1 8  ? 13.514  -11.189 -11.761 1.00 34.15 ? 32  G   C O6    1 
ATOM   669  N N1    . G   C 1 8  ? 13.237  -10.931 -13.982 1.00 31.16 ? 32  G   C N1    1 
ATOM   670  C C2    . G   C 1 8  ? 12.568  -10.457 -15.070 1.00 32.04 ? 32  G   C C2    1 
ATOM   671  N N2    . G   C 1 8  ? 13.137  -10.696 -16.255 1.00 32.41 ? 32  G   C N2    1 
ATOM   672  N N3    . G   C 1 8  ? 11.430  -9.795  -15.006 1.00 34.68 ? 32  G   C N3    1 
ATOM   673  C C4    . G   C 1 8  ? 11.009  -9.652  -13.730 1.00 35.29 ? 32  G   C C4    1 
ATOM   674  P P     . C   C 1 9  ? 5.090   -11.286 -13.880 1.00 31.32 ? 33  C   C P     1 
ATOM   675  O OP1   . C   C 1 9  ? 3.691   -11.405 -14.360 1.00 30.60 ? 33  C   C OP1   1 
ATOM   676  O OP2   . C   C 1 9  ? 5.470   -11.740 -12.511 1.00 31.29 ? 33  C   C OP2   1 
ATOM   677  O "O5'" . C   C 1 9  ? 6.021   -12.090 -14.896 1.00 35.66 ? 33  C   C "O5'" 1 
ATOM   678  C "C5'" . C   C 1 9  ? 5.900   -11.900 -16.301 1.00 28.87 ? 33  C   C "C5'" 1 
ATOM   679  C "C4'" . C   C 1 9  ? 6.949   -12.694 -17.021 1.00 26.52 ? 33  C   C "C4'" 1 
ATOM   680  O "O4'" . C   C 1 9  ? 8.253   -12.101 -16.776 1.00 27.63 ? 33  C   C "O4'" 1 
ATOM   681  C "C3'" . C   C 1 9  ? 7.159   -14.098 -16.521 1.00 28.56 ? 33  C   C "C3'" 1 
ATOM   682  O "O3'" . C   C 1 9  ? 6.173   -14.994 -16.980 1.00 33.22 ? 33  C   C "O3'" 1 
ATOM   683  C "C2'" . C   C 1 9  ? 8.511   -14.404 -17.132 1.00 28.10 ? 33  C   C "C2'" 1 
ATOM   684  O "O2'" . C   C 1 9  ? 8.438   -14.548 -18.536 1.00 29.25 ? 33  C   C "O2'" 1 
ATOM   685  C "C1'" . C   C 1 9  ? 9.246   -13.114 -16.804 1.00 26.32 ? 33  C   C "C1'" 1 
ATOM   686  N N1    . C   C 1 9  ? 9.870   -13.186 -15.476 1.00 29.47 ? 33  C   C N1    1 
ATOM   687  C C2    . C   C 1 9  ? 11.107  -13.846 -15.342 1.00 29.24 ? 33  C   C C2    1 
ATOM   688  O O2    . C   C 1 9  ? 11.648  -14.302 -16.342 1.00 33.53 ? 33  C   C O2    1 
ATOM   689  N N3    . C   C 1 9  ? 11.680  -13.969 -14.126 1.00 26.63 ? 33  C   C N3    1 
ATOM   690  C C4    . C   C 1 9  ? 11.059  -13.466 -13.052 1.00 26.04 ? 33  C   C C4    1 
ATOM   691  N N4    . C   C 1 9  ? 11.629  -13.662 -11.857 1.00 10.24 ? 33  C   C N4    1 
ATOM   692  C C5    . C   C 1 9  ? 9.812   -12.760 -13.157 1.00 23.53 ? 33  C   C C5    1 
ATOM   693  C C6    . C   C 1 9  ? 9.257   -12.642 -14.377 1.00 29.48 ? 33  C   C C6    1 
ATOM   694  P P     . G   C 1 10 ? 5.825   -16.296 -16.097 1.00 37.70 ? 34  G   C P     1 
ATOM   695  O OP1   . G   C 1 10 ? 4.618   -16.971 -16.659 1.00 36.72 ? 34  G   C OP1   1 
ATOM   696  O OP2   . G   C 1 10 ? 5.825   -15.835 -14.685 1.00 42.56 ? 34  G   C OP2   1 
ATOM   697  O "O5'" . G   C 1 10 ? 7.103   -17.244 -16.224 1.00 34.38 ? 34  G   C "O5'" 1 
ATOM   698  C "C5'" . G   C 1 10 ? 7.447   -17.800 -17.475 1.00 30.09 ? 34  G   C "C5'" 1 
ATOM   699  C "C4'" . G   C 1 10 ? 8.712   -18.574 -17.360 1.00 28.11 ? 34  G   C "C4'" 1 
ATOM   700  O "O4'" . G   C 1 10 ? 9.735   -17.663 -16.925 1.00 27.97 ? 34  G   C "O4'" 1 
ATOM   701  C "C3'" . G   C 1 10 ? 8.742   -19.597 -16.265 1.00 26.16 ? 34  G   C "C3'" 1 
ATOM   702  O "O3'" . G   C 1 10 ? 8.166   -20.784 -16.699 1.00 28.52 ? 34  G   C "O3'" 1 
ATOM   703  C "C2'" . G   C 1 10 ? 10.232  -19.805 -16.110 1.00 27.55 ? 34  G   C "C2'" 1 
ATOM   704  O "O2'" . G   C 1 10 ? 10.791  -20.516 -17.190 1.00 28.78 ? 34  G   C "O2'" 1 
ATOM   705  C "C1'" . G   C 1 10 ? 10.707  -18.366 -16.182 1.00 24.81 ? 34  G   C "C1'" 1 
ATOM   706  N N9    . G   C 1 10 ? 10.746  -17.783 -14.858 1.00 26.40 ? 34  G   C N9    1 
ATOM   707  C C8    . G   C 1 10 ? 9.780   -17.012 -14.256 1.00 24.67 ? 34  G   C C8    1 
ATOM   708  N N7    . G   C 1 10 ? 10.102  -16.660 -13.046 1.00 20.10 ? 34  G   C N7    1 
ATOM   709  C C5    . G   C 1 10 ? 11.362  -17.218 -12.850 1.00 26.62 ? 34  G   C C5    1 
ATOM   710  C C6    . G   C 1 10 ? 12.232  -17.176 -11.730 1.00 31.74 ? 34  G   C C6    1 
ATOM   711  O O6    . G   C 1 10 ? 12.052  -16.640 -10.640 1.00 42.17 ? 34  G   C O6    1 
ATOM   712  N N1    . G   C 1 10 ? 13.417  -17.871 -11.962 1.00 30.95 ? 34  G   C N1    1 
ATOM   713  C C2    . G   C 1 10 ? 13.714  -18.551 -13.105 1.00 28.45 ? 34  G   C C2    1 
ATOM   714  N N2    . G   C 1 10 ? 14.907  -19.182 -13.136 1.00 27.49 ? 34  G   C N2    1 
ATOM   715  N N3    . G   C 1 10 ? 12.905  -18.612 -14.145 1.00 25.97 ? 34  G   C N3    1 
ATOM   716  C C4    . G   C 1 10 ? 11.763  -17.918 -13.952 1.00 24.99 ? 34  G   C C4    1 
ATOM   717  P P     . U   C 1 11 ? 7.566   -21.787 -15.614 1.00 31.64 ? 35  U   C P     1 
ATOM   718  O OP1   . U   C 1 11 ? 6.880   -22.893 -16.342 1.00 30.89 ? 35  U   C OP1   1 
ATOM   719  O OP2   . U   C 1 11 ? 6.811   -20.912 -14.676 1.00 35.00 ? 35  U   C OP2   1 
ATOM   720  O "O5'" . U   C 1 11 ? 8.810   -22.360 -14.813 1.00 27.48 ? 35  U   C "O5'" 1 
ATOM   721  C "C5'" . U   C 1 11 ? 9.785   -23.108 -15.489 1.00 26.40 ? 35  U   C "C5'" 1 
ATOM   722  C "C4'" . U   C 1 11 ? 11.005  -23.249 -14.645 1.00 27.70 ? 35  U   C "C4'" 1 
ATOM   723  O "O4'" . U   C 1 11 ? 11.544  -21.935 -14.338 1.00 27.76 ? 35  U   C "O4'" 1 
ATOM   724  C "C3'" . U   C 1 11 ? 10.780  -23.855 -13.275 1.00 28.93 ? 35  U   C "C3'" 1 
ATOM   725  O "O3'" . U   C 1 11 ? 10.773  -25.265 -13.310 1.00 32.30 ? 35  U   C "O3'" 1 
ATOM   726  C "C2'" . U   C 1 11 ? 12.021  -23.401 -12.535 1.00 29.94 ? 35  U   C "C2'" 1 
ATOM   727  O "O2'" . U   C 1 11 ? 13.158  -24.188 -12.829 1.00 36.34 ? 35  U   C "O2'" 1 
ATOM   728  C "C1'" . U   C 1 11 ? 12.152  -21.968 -13.051 1.00 28.96 ? 35  U   C "C1'" 1 
ATOM   729  N N1    . U   C 1 11 ? 11.435  -21.050 -12.146 1.00 26.06 ? 35  U   C N1    1 
ATOM   730  C C2    . U   C 1 11 ? 12.071  -20.666 -10.971 1.00 25.88 ? 35  U   C C2    1 
ATOM   731  O O2    . U   C 1 11 ? 13.215  -21.011 -10.671 1.00 24.15 ? 35  U   C O2    1 
ATOM   732  N N3    . U   C 1 11 ? 11.326  -19.846 -10.154 1.00 24.48 ? 35  U   C N3    1 
ATOM   733  C C4    . U   C 1 11 ? 10.057  -19.372 -10.374 1.00 26.44 ? 35  U   C C4    1 
ATOM   734  O O4    . U   C 1 11 ? 9.542   -18.649 -9.524  1.00 27.75 ? 35  U   C O4    1 
ATOM   735  C C5    . U   C 1 11 ? 9.457   -19.788 -11.598 1.00 24.40 ? 35  U   C C5    1 
ATOM   736  C C6    . U   C 1 11 ? 10.147  -20.600 -12.433 1.00 29.13 ? 35  U   C C6    1 
ATOM   737  P P     . C   C 1 12 ? 9.875   -26.076 -12.250 1.00 34.14 ? 36  C   C P     1 
ATOM   738  O OP1   . C   C 1 12 ? 9.739   -27.461 -12.808 1.00 35.93 ? 36  C   C OP1   1 
ATOM   739  O OP2   . C   C 1 12 ? 8.638   -25.297 -11.940 1.00 36.77 ? 36  C   C OP2   1 
ATOM   740  O "O5'" . C   C 1 12 ? 10.789  -26.093 -10.951 1.00 30.74 ? 36  C   C "O5'" 1 
ATOM   741  C "C5'" . C   C 1 12 ? 11.832  -27.036 -10.814 1.00 26.35 ? 36  C   C "C5'" 1 
ATOM   742  C "C4'" . C   C 1 12 ? 12.635  -26.717 -9.600  1.00 26.94 ? 36  C   C "C4'" 1 
ATOM   743  O "O4'" . C   C 1 12 ? 12.865  -25.283 -9.577  1.00 27.31 ? 36  C   C "O4'" 1 
ATOM   744  C "C3'" . C   C 1 12 ? 11.934  -26.965 -8.277  1.00 28.24 ? 36  C   C "C3'" 1 
ATOM   745  O "O3'" . C   C 1 12 ? 11.894  -28.335 -7.840  1.00 33.97 ? 36  C   C "O3'" 1 
ATOM   746  C "C2'" . C   C 1 12 ? 12.732  -26.070 -7.341  1.00 28.84 ? 36  C   C "C2'" 1 
ATOM   747  O "O2'" . C   C 1 12 ? 13.994  -26.602 -6.962  1.00 26.20 ? 36  C   C "O2'" 1 
ATOM   748  C "C1'" . C   C 1 12 ? 12.925  -24.836 -8.229  1.00 26.43 ? 36  C   C "C1'" 1 
ATOM   749  N N1    . C   C 1 12 ? 11.907  -23.787 -8.012  1.00 22.03 ? 36  C   C N1    1 
ATOM   750  C C2    . C   C 1 12 ? 11.998  -23.001 -6.885  1.00 15.47 ? 36  C   C C2    1 
ATOM   751  O O2    . C   C 1 12 ? 12.894  -23.207 -6.083  1.00 19.47 ? 36  C   C O2    1 
ATOM   752  N N3    . C   C 1 12 ? 11.116  -22.020 -6.689  1.00 14.29 ? 36  C   C N3    1 
ATOM   753  C C4    . C   C 1 12 ? 10.149  -21.813 -7.569  1.00 16.28 ? 36  C   C C4    1 
ATOM   754  N N4    . C   C 1 12 ? 9.300   -20.810 -7.325  1.00 17.51 ? 36  C   C N4    1 
ATOM   755  C C5    . C   C 1 12 ? 10.005  -22.609 -8.727  1.00 13.80 ? 36  C   C C5    1 
ATOM   756  C C6    . C   C 1 12 ? 10.893  -23.587 -8.909  1.00 21.21 ? 36  C   C C6    1 
ATOM   757  O "O5'" . G   D 1 1  ? 11.892  -14.443 -0.246  1.00 26.56 ? 37  G   D "O5'" 1 
ATOM   758  C "C5'" . G   D 1 1  ? 12.756  -14.629 0.887   1.00 23.69 ? 37  G   D "C5'" 1 
ATOM   759  C "C4'" . G   D 1 1  ? 13.455  -15.969 0.885   1.00 25.16 ? 37  G   D "C4'" 1 
ATOM   760  O "O4'" . G   D 1 1  ? 12.462  -17.030 0.937   1.00 25.81 ? 37  G   D "O4'" 1 
ATOM   761  C "C3'" . G   D 1 1  ? 14.267  -16.306 -0.359  1.00 25.74 ? 37  G   D "C3'" 1 
ATOM   762  O "O3'" . G   D 1 1  ? 15.575  -15.764 -0.301  1.00 29.16 ? 37  G   D "O3'" 1 
ATOM   763  C "C2'" . G   D 1 1  ? 14.314  -17.821 -0.270  1.00 27.41 ? 37  G   D "C2'" 1 
ATOM   764  O "O2'" . G   D 1 1  ? 15.162  -18.295 0.760   1.00 27.55 ? 37  G   D "O2'" 1 
ATOM   765  C "C1'" . G   D 1 1  ? 12.863  -18.100 0.094   1.00 24.11 ? 37  G   D "C1'" 1 
ATOM   766  N N9    . G   D 1 1  ? 12.035  -18.051 -1.102  1.00 22.00 ? 37  G   D N9    1 
ATOM   767  C C8    . G   D 1 1  ? 11.032  -17.160 -1.384  1.00 24.31 ? 37  G   D C8    1 
ATOM   768  N N7    . G   D 1 1  ? 10.437  -17.397 -2.520  1.00 20.62 ? 37  G   D N7    1 
ATOM   769  C C5    . G   D 1 1  ? 11.103  -18.498 -3.024  1.00 19.77 ? 37  G   D C5    1 
ATOM   770  C C6    . G   D 1 1  ? 10.899  -19.206 -4.214  1.00 16.97 ? 37  G   D C6    1 
ATOM   771  O O6    . G   D 1 1  ? 10.057  -19.005 -5.092  1.00 21.01 ? 37  G   D O6    1 
ATOM   772  N N1    . G   D 1 1  ? 11.786  -20.258 -4.330  1.00 17.31 ? 37  G   D N1    1 
ATOM   773  C C2    . G   D 1 1  ? 12.741  -20.586 -3.411  1.00 20.21 ? 37  G   D C2    1 
ATOM   774  N N2    . G   D 1 1  ? 13.491  -21.668 -3.695  1.00 26.19 ? 37  G   D N2    1 
ATOM   775  N N3    . G   D 1 1  ? 12.949  -19.920 -2.297  1.00 18.84 ? 37  G   D N3    1 
ATOM   776  C C4    . G   D 1 1  ? 12.098  -18.902 -2.166  1.00 19.80 ? 37  G   D C4    1 
ATOM   777  P P     . G   D 1 2  ? 16.321  -15.316 -1.654  1.00 28.80 ? 38  G   D P     1 
ATOM   778  O OP1   . G   D 1 2  ? 17.564  -14.629 -1.289  1.00 30.51 ? 38  G   D OP1   1 
ATOM   779  O OP2   . G   D 1 2  ? 15.336  -14.595 -2.485  1.00 23.23 ? 38  G   D OP2   1 
ATOM   780  O "O5'" . G   D 1 2  ? 16.743  -16.718 -2.300  1.00 30.58 ? 38  G   D "O5'" 1 
ATOM   781  C "C5'" . G   D 1 2  ? 17.734  -17.543 -1.671  1.00 25.83 ? 38  G   D "C5'" 1 
ATOM   782  C "C4'" . G   D 1 2  ? 18.047  -18.745 -2.541  1.00 26.68 ? 38  G   D "C4'" 1 
ATOM   783  O "O4'" . G   D 1 2  ? 16.839  -19.525 -2.741  1.00 27.86 ? 38  G   D "O4'" 1 
ATOM   784  C "C3'" . G   D 1 2  ? 18.460  -18.408 -3.956  1.00 28.05 ? 38  G   D "C3'" 1 
ATOM   785  O "O3'" . G   D 1 2  ? 19.828  -18.132 -4.000  1.00 28.54 ? 38  G   D "O3'" 1 
ATOM   786  C "C2'" . G   D 1 2  ? 18.130  -19.688 -4.701  1.00 28.29 ? 38  G   D "C2'" 1 
ATOM   787  O "O2'" . G   D 1 2  ? 19.013  -20.737 -4.400  1.00 34.92 ? 38  G   D "O2'" 1 
ATOM   788  C "C1'" . G   D 1 2  ? 16.810  -20.045 -4.060  1.00 27.57 ? 38  G   D "C1'" 1 
ATOM   789  N N9    . G   D 1 2  ? 15.718  -19.421 -4.777  1.00 25.62 ? 38  G   D N9    1 
ATOM   790  C C8    . G   D 1 2  ? 15.001  -18.318 -4.402  1.00 23.41 ? 38  G   D C8    1 
ATOM   791  N N7    . G   D 1 2  ? 14.033  -18.048 -5.228  1.00 28.13 ? 38  G   D N7    1 
ATOM   792  C C5    . G   D 1 2  ? 14.147  -19.006 -6.220  1.00 25.23 ? 38  G   D C5    1 
ATOM   793  C C6    . G   D 1 2  ? 13.385  -19.201 -7.394  1.00 24.17 ? 38  G   D C6    1 
ATOM   794  O O6    . G   D 1 2  ? 12.436  -18.530 -7.808  1.00 27.08 ? 38  G   D O6    1 
ATOM   795  N N1    . G   D 1 2  ? 13.833  -20.291 -8.123  1.00 26.68 ? 38  G   D N1    1 
ATOM   796  C C2    . G   D 1 2  ? 14.895  -21.075 -7.773  1.00 30.96 ? 38  G   D C2    1 
ATOM   797  N N2    . G   D 1 2  ? 15.217  -22.074 -8.628  1.00 34.95 ? 38  G   D N2    1 
ATOM   798  N N3    . G   D 1 2  ? 15.617  -20.900 -6.674  1.00 30.90 ? 38  G   D N3    1 
ATOM   799  C C4    . G   D 1 2  ? 15.186  -19.853 -5.954  1.00 26.08 ? 38  G   D C4    1 
ATOM   800  P P     . C   D 1 3  ? 20.381  -17.118 -5.101  1.00 26.88 ? 39  C   D P     1 
ATOM   801  O OP1   . C   D 1 3  ? 21.840  -17.051 -4.838  1.00 30.57 ? 39  C   D OP1   1 
ATOM   802  O OP2   . C   D 1 3  ? 19.562  -15.875 -5.092  1.00 24.68 ? 39  C   D OP2   1 
ATOM   803  O "O5'" . C   D 1 3  ? 20.119  -17.885 -6.474  1.00 30.34 ? 39  C   D "O5'" 1 
ATOM   804  C "C5'" . C   D 1 3  ? 20.620  -19.218 -6.642  1.00 34.19 ? 39  C   D "C5'" 1 
ATOM   805  C "C4'" . C   D 1 3  ? 20.356  -19.732 -8.034  1.00 32.47 ? 39  C   D "C4'" 1 
ATOM   806  O "O4'" . C   D 1 3  ? 19.006  -20.259 -8.117  1.00 32.88 ? 39  C   D "O4'" 1 
ATOM   807  C "C3'" . C   D 1 3  ? 20.388  -18.668 -9.108  1.00 31.68 ? 39  C   D "C3'" 1 
ATOM   808  O "O3'" . C   D 1 3  ? 21.713  -18.411 -9.526  1.00 31.43 ? 39  C   D "O3'" 1 
ATOM   809  C "C2'" . C   D 1 3  ? 19.586  -19.329 -10.204 1.00 31.42 ? 39  C   D "C2'" 1 
ATOM   810  O "O2'" . C   D 1 3  ? 20.323  -20.367 -10.796 1.00 28.59 ? 39  C   D "O2'" 1 
ATOM   811  C "C1'" . C   D 1 3  ? 18.448  -19.935 -9.384  1.00 31.58 ? 39  C   D "C1'" 1 
ATOM   812  N N1    . C   D 1 3  ? 17.358  -18.964 -9.170  1.00 29.17 ? 39  C   D N1    1 
ATOM   813  C C2    . C   D 1 3  ? 16.304  -18.893 -10.100 1.00 28.57 ? 39  C   D C2    1 
ATOM   814  O O2    . C   D 1 3  ? 16.308  -19.646 -11.064 1.00 34.61 ? 39  C   D O2    1 
ATOM   815  N N3    . C   D 1 3  ? 15.300  -18.007 -9.914  1.00 29.38 ? 39  C   D N3    1 
ATOM   816  C C4    . C   D 1 3  ? 15.310  -17.216 -8.840  1.00 26.65 ? 39  C   D C4    1 
ATOM   817  N N4    . C   D 1 3  ? 14.294  -16.374 -8.689  1.00 22.63 ? 39  C   D N4    1 
ATOM   818  C C5    . C   D 1 3  ? 16.369  -17.262 -7.873  1.00 27.45 ? 39  C   D C5    1 
ATOM   819  C C6    . C   D 1 3  ? 17.367  -18.139 -8.077  1.00 28.18 ? 39  C   D C6    1 
ATOM   820  P P     . G   D 1 4  ? 22.042  -17.042 -10.283 1.00 30.19 ? 40  G   D P     1 
ATOM   821  O OP1   . G   D 1 4  ? 23.507  -16.985 -10.517 1.00 34.87 ? 40  G   D OP1   1 
ATOM   822  O OP2   . G   D 1 4  ? 21.397  -15.927 -9.548  1.00 36.25 ? 40  G   D OP2   1 
ATOM   823  O "O5'" . G   D 1 4  ? 21.270  -17.220 -11.661 1.00 29.95 ? 40  G   D "O5'" 1 
ATOM   824  C "C5'" . G   D 1 4  ? 21.867  -17.968 -12.717 1.00 26.04 ? 40  G   D "C5'" 1 
ATOM   825  C "C4'" . G   D 1 4  ? 21.053  -17.842 -13.964 1.00 23.95 ? 40  G   D "C4'" 1 
ATOM   826  O "O4'" . G   D 1 4  ? 19.705  -18.278 -13.628 1.00 24.15 ? 40  G   D "O4'" 1 
ATOM   827  C "C3'" . G   D 1 4  ? 20.841  -16.421 -14.423 1.00 24.49 ? 40  G   D "C3'" 1 
ATOM   828  O "O3'" . G   D 1 4  ? 21.958  -15.909 -15.154 1.00 24.43 ? 40  G   D "O3'" 1 
ATOM   829  C "C2'" . G   D 1 4  ? 19.565  -16.567 -15.241 1.00 25.59 ? 40  G   D "C2'" 1 
ATOM   830  O "O2'" . G   D 1 4  ? 19.815  -17.174 -16.492 1.00 24.10 ? 40  G   D "O2'" 1 
ATOM   831  C "C1'" . G   D 1 4  ? 18.751  -17.527 -14.360 1.00 24.16 ? 40  G   D "C1'" 1 
ATOM   832  N N9    . G   D 1 4  ? 17.822  -16.880 -13.421 1.00 24.27 ? 40  G   D N9    1 
ATOM   833  C C8    . G   D 1 4  ? 18.071  -16.574 -12.104 1.00 25.04 ? 40  G   D C8    1 
ATOM   834  N N7    . G   D 1 4  ? 17.083  -15.931 -11.530 1.00 20.94 ? 40  G   D N7    1 
ATOM   835  C C5    . G   D 1 4  ? 16.110  -15.824 -12.517 1.00 22.27 ? 40  G   D C5    1 
ATOM   836  C C6    . G   D 1 4  ? 14.830  -15.184 -12.494 1.00 23.34 ? 40  G   D C6    1 
ATOM   837  O O6    . G   D 1 4  ? 14.298  -14.590 -11.574 1.00 31.07 ? 40  G   D O6    1 
ATOM   838  N N1    . G   D 1 4  ? 14.172  -15.278 -13.712 1.00 22.96 ? 40  G   D N1    1 
ATOM   839  C C2    . G   D 1 4  ? 14.684  -15.904 -14.824 1.00 22.58 ? 40  G   D C2    1 
ATOM   840  N N2    . G   D 1 4  ? 13.904  -15.890 -15.916 1.00 14.09 ? 40  G   D N2    1 
ATOM   841  N N3    . G   D 1 4  ? 15.879  -16.500 -14.866 1.00 21.61 ? 40  G   D N3    1 
ATOM   842  C C4    . G   D 1 4  ? 16.535  -16.421 -13.687 1.00 22.80 ? 40  G   D C4    1 
ATOM   843  P P     . C   D 1 5  ? 22.347  -14.340 -15.026 1.00 27.33 ? 41  C   D P     1 
ATOM   844  O OP1   . C   D 1 5  ? 23.683  -14.087 -15.597 1.00 30.00 ? 41  C   D OP1   1 
ATOM   845  O OP2   . C   D 1 5  ? 22.114  -13.901 -13.637 1.00 30.88 ? 41  C   D OP2   1 
ATOM   846  O "O5'" . C   D 1 5  ? 21.236  -13.614 -15.922 1.00 26.56 ? 41  C   D "O5'" 1 
ATOM   847  C "C5'" . C   D 1 5  ? 21.037  -13.984 -17.279 1.00 24.76 ? 41  C   D "C5'" 1 
ATOM   848  C "C4'" . C   D 1 5  ? 19.776  -13.351 -17.810 1.00 22.67 ? 41  C   D "C4'" 1 
ATOM   849  O "O4'" . C   D 1 5  ? 18.637  -14.047 -17.231 1.00 23.17 ? 41  C   D "O4'" 1 
ATOM   850  C "C3'" . C   D 1 5  ? 19.486  -11.916 -17.437 1.00 24.84 ? 41  C   D "C3'" 1 
ATOM   851  O "O3'" . C   D 1 5  ? 20.209  -10.957 -18.194 1.00 26.71 ? 41  C   D "O3'" 1 
ATOM   852  C "C2'" . C   D 1 5  ? 18.000  -11.853 -17.757 1.00 23.93 ? 41  C   D "C2'" 1 
ATOM   853  O "O2'" . C   D 1 5  ? 17.692  -11.835 -19.138 1.00 22.91 ? 41  C   D "O2'" 1 
ATOM   854  C "C1'" . C   D 1 5  ? 17.533  -13.163 -17.123 1.00 22.11 ? 41  C   D "C1'" 1 
ATOM   855  N N1    . C   D 1 5  ? 17.218  -12.970 -15.691 1.00 21.66 ? 41  C   D N1    1 
ATOM   856  C C2    . C   D 1 5  ? 15.940  -12.534 -15.341 1.00 20.96 ? 41  C   D C2    1 
ATOM   857  O O2    . C   D 1 5  ? 15.110  -12.355 -16.235 1.00 24.72 ? 41  C   D O2    1 
ATOM   858  N N3    . C   D 1 5  ? 15.639  -12.302 -14.046 1.00 16.18 ? 41  C   D N3    1 
ATOM   859  C C4    . C   D 1 5  ? 16.577  -12.472 -13.113 1.00 21.83 ? 41  C   D C4    1 
ATOM   860  N N4    . C   D 1 5  ? 16.240  -12.203 -11.847 1.00 21.77 ? 41  C   D N4    1 
ATOM   861  C C5    . C   D 1 5  ? 17.892  -12.933 -13.433 1.00 17.75 ? 41  C   D C5    1 
ATOM   862  C C6    . C   D 1 5  ? 18.166  -13.185 -14.721 1.00 18.82 ? 41  C   D C6    1 
ATOM   863  P P     . U   D 1 6  ? 20.604  -9.540  -17.525 1.00 27.22 ? 42  U   D P     1 
ATOM   864  O OP1   . U   D 1 6  ? 21.332  -8.742  -18.544 1.00 27.18 ? 42  U   D OP1   1 
ATOM   865  O OP2   . U   D 1 6  ? 21.250  -9.852  -16.232 1.00 23.07 ? 42  U   D OP2   1 
ATOM   866  O "O5'" . U   D 1 6  ? 19.225  -8.789  -17.200 1.00 23.59 ? 42  U   D "O5'" 1 
ATOM   867  C "C5'" . U   D 1 6  ? 18.491  -8.167  -18.245 1.00 26.67 ? 42  U   D "C5'" 1 
ATOM   868  C "C4'" . U   D 1 6  ? 17.133  -7.741  -17.764 1.00 22.88 ? 42  U   D "C4'" 1 
ATOM   869  O "O4'" . U   D 1 6  ? 16.569  -8.813  -16.958 1.00 25.30 ? 42  U   D "O4'" 1 
ATOM   870  C "C3'" . U   D 1 6  ? 17.122  -6.580  -16.800 1.00 25.05 ? 42  U   D "C3'" 1 
ATOM   871  O "O3'" . U   D 1 6  ? 17.218  -5.337  -17.470 1.00 28.87 ? 42  U   D "O3'" 1 
ATOM   872  C "C2'" . U   D 1 6  ? 15.755  -6.758  -16.167 1.00 25.20 ? 42  U   D "C2'" 1 
ATOM   873  O "O2'" . U   D 1 6  ? 14.683  -6.431  -17.038 1.00 24.93 ? 42  U   D "O2'" 1 
ATOM   874  C "C1'" . U   D 1 6  ? 15.765  -8.261  -15.924 1.00 22.50 ? 42  U   D "C1'" 1 
ATOM   875  N N1    . U   D 1 6  ? 16.361  -8.621  -14.634 1.00 24.42 ? 42  U   D N1    1 
ATOM   876  C C2    . U   D 1 6  ? 15.581  -8.421  -13.486 1.00 21.77 ? 42  U   D C2    1 
ATOM   877  O O2    . U   D 1 6  ? 14.478  -7.943  -13.512 1.00 22.11 ? 42  U   D O2    1 
ATOM   878  N N3    . U   D 1 6  ? 16.165  -8.793  -12.313 1.00 20.67 ? 42  U   D N3    1 
ATOM   879  C C4    . U   D 1 6  ? 17.424  -9.337  -12.167 1.00 23.38 ? 42  U   D C4    1 
ATOM   880  O O4    . U   D 1 6  ? 17.793  -9.664  -11.052 1.00 32.18 ? 42  U   D O4    1 
ATOM   881  C C5    . U   D 1 6  ? 18.182  -9.502  -13.384 1.00 20.07 ? 42  U   D C5    1 
ATOM   882  C C6    . U   D 1 6  ? 17.642  -9.153  -14.544 1.00 20.53 ? 42  U   D C6    1 
ATOM   883  P P     . U   D 1 7  ? 17.723  -4.044  -16.664 1.00 25.01 ? 43  U   D P     1 
ATOM   884  O OP1   . U   D 1 7  ? 17.997  -2.933  -17.616 1.00 26.92 ? 43  U   D OP1   1 
ATOM   885  O OP2   . U   D 1 7  ? 18.782  -4.499  -15.717 1.00 25.29 ? 43  U   D OP2   1 
ATOM   886  O "O5'" . U   D 1 7  ? 16.447  -3.617  -15.822 1.00 28.32 ? 43  U   D "O5'" 1 
ATOM   887  C "C5'" . U   D 1 7  ? 15.277  -3.195  -16.483 1.00 28.58 ? 43  U   D "C5'" 1 
ATOM   888  C "C4'" . U   D 1 7  ? 14.281  -2.751  -15.467 1.00 31.11 ? 43  U   D "C4'" 1 
ATOM   889  O "O4'" . U   D 1 7  ? 13.982  -3.873  -14.602 1.00 32.66 ? 43  U   D "O4'" 1 
ATOM   890  C "C3'" . U   D 1 7  ? 14.846  -1.748  -14.491 1.00 32.58 ? 43  U   D "C3'" 1 
ATOM   891  O "O3'" . U   D 1 7  ? 14.815  -0.453  -15.045 1.00 34.86 ? 43  U   D "O3'" 1 
ATOM   892  C "C2'" . U   D 1 7  ? 13.884  -1.896  -13.330 1.00 32.23 ? 43  U   D "C2'" 1 
ATOM   893  O "O2'" . U   D 1 7  ? 12.618  -1.336  -13.614 1.00 33.68 ? 43  U   D "O2'" 1 
ATOM   894  C "C1'" . U   D 1 7  ? 13.734  -3.408  -13.293 1.00 28.57 ? 43  U   D "C1'" 1 
ATOM   895  N N1    . U   D 1 7  ? 14.670  -4.093  -12.411 1.00 24.18 ? 43  U   D N1    1 
ATOM   896  C C2    . U   D 1 7  ? 14.339  -4.144  -11.088 1.00 24.04 ? 43  U   D C2    1 
ATOM   897  O O2    . U   D 1 7  ? 13.386  -3.540  -10.645 1.00 27.11 ? 43  U   D O2    1 
ATOM   898  N N3    . U   D 1 7  ? 15.160  -4.905  -10.302 1.00 17.76 ? 43  U   D N3    1 
ATOM   899  C C4    . U   D 1 7  ? 16.279  -5.583  -10.709 1.00 22.88 ? 43  U   D C4    1 
ATOM   900  O O4    . U   D 1 7  ? 16.959  -6.187  -9.859  1.00 19.46 ? 43  U   D O4    1 
ATOM   901  C C5    . U   D 1 7  ? 16.594  -5.427  -12.122 1.00 20.94 ? 43  U   D C5    1 
ATOM   902  C C6    . U   D 1 7  ? 15.791  -4.694  -12.896 1.00 18.86 ? 43  U   D C6    1 
ATOM   903  P P     . G   D 1 8  ? 15.921  0.617   -14.602 1.00 35.75 ? 44  G   D P     1 
ATOM   904  O OP1   . G   D 1 8  ? 15.851  1.758   -15.538 1.00 38.29 ? 44  G   D OP1   1 
ATOM   905  O OP2   . G   D 1 8  ? 17.249  -0.036  -14.377 1.00 34.85 ? 44  G   D OP2   1 
ATOM   906  O "O5'" . G   D 1 8  ? 15.310  1.073   -13.201 1.00 39.00 ? 44  G   D "O5'" 1 
ATOM   907  C "C5'" . G   D 1 8  ? 14.016  1.689   -13.132 1.00 34.62 ? 44  G   D "C5'" 1 
ATOM   908  C "C4'" . G   D 1 8  ? 13.601  1.844   -11.695 1.00 32.88 ? 44  G   D "C4'" 1 
ATOM   909  O "O4'" . G   D 1 8  ? 13.436  0.518   -11.130 1.00 31.25 ? 44  G   D "O4'" 1 
ATOM   910  C "C3'" . G   D 1 8  ? 14.656  2.459   -10.802 1.00 32.71 ? 44  G   D "C3'" 1 
ATOM   911  O "O3'" . G   D 1 8  ? 14.622  3.874   -10.893 1.00 33.65 ? 44  G   D "O3'" 1 
ATOM   912  C "C2'" . G   D 1 8  ? 14.191  1.966   -9.441  1.00 35.88 ? 44  G   D "C2'" 1 
ATOM   913  O "O2'" . G   D 1 8  ? 13.048  2.647   -8.955  1.00 38.10 ? 44  G   D "O2'" 1 
ATOM   914  C "C1'" . G   D 1 8  ? 13.826  0.519   -9.771  1.00 31.63 ? 44  G   D "C1'" 1 
ATOM   915  N N9    . G   D 1 8  ? 14.947  -0.402  -9.638  1.00 31.30 ? 44  G   D N9    1 
ATOM   916  C C8    . G   D 1 8  ? 15.774  -0.842  -10.649 1.00 29.15 ? 44  G   D C8    1 
ATOM   917  N N7    . G   D 1 8  ? 16.709  -1.653  -10.232 1.00 25.64 ? 44  G   D N7    1 
ATOM   918  C C5    . G   D 1 8  ? 16.480  -1.777  -8.872  1.00 27.63 ? 44  G   D C5    1 
ATOM   919  C C6    . G   D 1 8  ? 17.176  -2.541  -7.878  1.00 28.08 ? 44  G   D C6    1 
ATOM   920  O O6    . G   D 1 8  ? 18.164  -3.290  -8.022  1.00 28.81 ? 44  G   D O6    1 
ATOM   921  N N1    . G   D 1 8  ? 16.622  -2.363  -6.620  1.00 24.60 ? 44  G   D N1    1 
ATOM   922  C C2    . G   D 1 8  ? 15.557  -1.544  -6.343  1.00 27.35 ? 44  G   D C2    1 
ATOM   923  N N2    . G   D 1 8  ? 15.218  -1.440  -5.059  1.00 24.06 ? 44  G   D N2    1 
ATOM   924  N N3    . G   D 1 8  ? 14.878  -0.854  -7.254  1.00 27.42 ? 44  G   D N3    1 
ATOM   925  C C4    . G   D 1 8  ? 15.396  -1.009  -8.484  1.00 30.05 ? 44  G   D C4    1 
ATOM   926  P P     . C   D 1 9  ? 15.931  4.728   -10.539 1.00 30.68 ? 45  C   D P     1 
ATOM   927  O OP1   . C   D 1 9  ? 15.652  6.175   -10.814 1.00 34.15 ? 45  C   D OP1   1 
ATOM   928  O OP2   . C   D 1 9  ? 17.150  4.104   -11.141 1.00 31.74 ? 45  C   D OP2   1 
ATOM   929  O "O5'" . C   D 1 9  ? 16.045  4.506   -8.973  1.00 34.20 ? 45  C   D "O5'" 1 
ATOM   930  C "C5'" . C   D 1 9  ? 15.034  4.948   -8.085  1.00 29.04 ? 45  C   D "C5'" 1 
ATOM   931  C "C4'" . C   D 1 9  ? 15.500  4.732   -6.676  1.00 28.06 ? 45  C   D "C4'" 1 
ATOM   932  O "O4'" . C   D 1 9  ? 15.448  3.305   -6.422  1.00 27.19 ? 45  C   D "O4'" 1 
ATOM   933  C "C3'" . C   D 1 9  ? 16.971  5.058   -6.446  1.00 29.44 ? 45  C   D "C3'" 1 
ATOM   934  O "O3'" . C   D 1 9  ? 17.199  6.432   -6.182  1.00 29.71 ? 45  C   D "O3'" 1 
ATOM   935  C "C2'" . C   D 1 9  ? 17.299  4.205   -5.233  1.00 31.34 ? 45  C   D "C2'" 1 
ATOM   936  O "O2'" . C   D 1 9  ? 16.940  4.823   -4.010  1.00 36.03 ? 45  C   D "O2'" 1 
ATOM   937  C "C1'" . C   D 1 9  ? 16.495  2.938   -5.539  1.00 28.02 ? 45  C   D "C1'" 1 
ATOM   938  N N1    . C   D 1 9  ? 17.337  1.934   -6.213  1.00 28.09 ? 45  C   D N1    1 
ATOM   939  C C2    . C   D 1 9  ? 17.895  0.927   -5.441  1.00 27.19 ? 45  C   D C2    1 
ATOM   940  O O2    . C   D 1 9  ? 17.562  0.835   -4.249  1.00 26.81 ? 45  C   D O2    1 
ATOM   941  N N3    . C   D 1 9  ? 18.765  0.063   -6.012  1.00 28.33 ? 45  C   D N3    1 
ATOM   942  C C4    . C   D 1 9  ? 19.057  0.163   -7.313  1.00 24.58 ? 45  C   D C4    1 
ATOM   943  N N4    . C   D 1 9  ? 19.927  -0.711  -7.815  1.00 16.52 ? 45  C   D N4    1 
ATOM   944  C C5    . C   D 1 9  ? 18.467  1.162   -8.139  1.00 24.86 ? 45  C   D C5    1 
ATOM   945  C C6    . C   D 1 9  ? 17.613  2.016   -7.554  1.00 25.42 ? 45  C   D C6    1 
ATOM   946  P P     . G   D 1 10 ? 18.704  7.007   -6.251  1.00 29.57 ? 46  G   D P     1 
ATOM   947  O OP1   . G   D 1 10 ? 18.713  8.442   -5.889  1.00 33.55 ? 46  G   D OP1   1 
ATOM   948  O OP2   . G   D 1 10 ? 19.286  6.593   -7.546  1.00 34.05 ? 46  G   D OP2   1 
ATOM   949  O "O5'" . G   D 1 10 ? 19.435  6.206   -5.091  1.00 30.51 ? 46  G   D "O5'" 1 
ATOM   950  C "C5'" . G   D 1 10 ? 19.265  6.586   -3.739  1.00 25.51 ? 46  G   D "C5'" 1 
ATOM   951  C "C4'" . G   D 1 10 ? 20.166  5.777   -2.872  1.00 23.29 ? 46  G   D "C4'" 1 
ATOM   952  O "O4'" . G   D 1 10 ? 19.787  4.388   -2.975  1.00 24.33 ? 46  G   D "O4'" 1 
ATOM   953  C "C3'" . G   D 1 10 ? 21.625  5.747   -3.272  1.00 22.64 ? 46  G   D "C3'" 1 
ATOM   954  O "O3'" . G   D 1 10 ? 22.248  6.921   -2.806  1.00 25.20 ? 46  G   D "O3'" 1 
ATOM   955  C "C2'" . G   D 1 10 ? 22.101  4.522   -2.511  1.00 22.58 ? 46  G   D "C2'" 1 
ATOM   956  O "O2'" . G   D 1 10 ? 22.176  4.718   -1.117  1.00 23.38 ? 46  G   D "O2'" 1 
ATOM   957  C "C1'" . G   D 1 10 ? 20.927  3.578   -2.735  1.00 24.46 ? 46  G   D "C1'" 1 
ATOM   958  N N9    . G   D 1 10 ? 21.146  2.721   -3.888  1.00 26.42 ? 46  G   D N9    1 
ATOM   959  C C8    . G   D 1 10 ? 20.638  2.904   -5.136  1.00 26.46 ? 46  G   D C8    1 
ATOM   960  N N7    . G   D 1 10 ? 20.971  1.954   -5.966  1.00 31.77 ? 46  G   D N7    1 
ATOM   961  C C5    . G   D 1 10 ? 21.773  1.098   -5.214  1.00 30.50 ? 46  G   D C5    1 
ATOM   962  C C6    . G   D 1 10 ? 22.469  -0.120  -5.588  1.00 31.83 ? 46  G   D C6    1 
ATOM   963  O O6    . G   D 1 10 ? 22.491  -0.706  -6.692  1.00 32.07 ? 46  G   D O6    1 
ATOM   964  N N1    . G   D 1 10 ? 23.188  -0.644  -4.519  1.00 28.70 ? 46  G   D N1    1 
ATOM   965  C C2    . G   D 1 10 ? 23.246  -0.101  -3.279  1.00 28.01 ? 46  G   D C2    1 
ATOM   966  N N2    . G   D 1 10 ? 24.029  -0.744  -2.397  1.00 21.42 ? 46  G   D N2    1 
ATOM   967  N N3    . G   D 1 10 ? 22.596  1.007   -2.919  1.00 31.32 ? 46  G   D N3    1 
ATOM   968  C C4    . G   D 1 10 ? 21.893  1.553   -3.933  1.00 26.30 ? 46  G   D C4    1 
ATOM   969  P P     . U   D 1 11 ? 23.602  7.420   -3.489  1.00 23.34 ? 47  U   D P     1 
ATOM   970  O OP1   . U   D 1 11 ? 24.058  8.640   -2.821  1.00 26.11 ? 47  U   D OP1   1 
ATOM   971  O OP2   . U   D 1 11 ? 23.329  7.441   -4.937  1.00 20.89 ? 47  U   D OP2   1 
ATOM   972  O "O5'" . U   D 1 11 ? 24.665  6.295   -3.134  1.00 25.50 ? 47  U   D "O5'" 1 
ATOM   973  C "C5'" . U   D 1 11 ? 25.057  6.065   -1.787  1.00 22.09 ? 47  U   D "C5'" 1 
ATOM   974  C "C4'" . U   D 1 11 ? 25.853  4.800   -1.703  1.00 20.67 ? 47  U   D "C4'" 1 
ATOM   975  O "O4'" . U   D 1 11 ? 25.063  3.702   -2.226  1.00 22.37 ? 47  U   D "O4'" 1 
ATOM   976  C "C3'" . U   D 1 11 ? 27.083  4.778   -2.561  1.00 21.07 ? 47  U   D "C3'" 1 
ATOM   977  O "O3'" . U   D 1 11 ? 28.122  5.375   -1.836  1.00 25.08 ? 47  U   D "O3'" 1 
ATOM   978  C "C2'" . U   D 1 11 ? 27.334  3.287   -2.742  1.00 22.77 ? 47  U   D "C2'" 1 
ATOM   979  O "O2'" . U   D 1 11 ? 28.003  2.648   -1.681  1.00 25.35 ? 47  U   D "O2'" 1 
ATOM   980  C "C1'" . U   D 1 11 ? 25.908  2.751   -2.840  1.00 22.72 ? 47  U   D "C1'" 1 
ATOM   981  N N1    . U   D 1 11 ? 25.444  2.532   -4.215  1.00 22.81 ? 47  U   D N1    1 
ATOM   982  C C2    . U   D 1 11 ? 25.838  1.381   -4.856  1.00 21.23 ? 47  U   D C2    1 
ATOM   983  O O2    . U   D 1 11 ? 26.608  0.570   -4.375  1.00 24.25 ? 47  U   D O2    1 
ATOM   984  N N3    . U   D 1 11 ? 25.322  1.216   -6.107  1.00 14.97 ? 47  U   D N3    1 
ATOM   985  C C4    . U   D 1 11 ? 24.498  2.061   -6.784  1.00 20.19 ? 47  U   D C4    1 
ATOM   986  O O4    . U   D 1 11 ? 23.993  1.679   -7.851  1.00 25.52 ? 47  U   D O4    1 
ATOM   987  C C5    . U   D 1 11 ? 24.168  3.260   -6.080  1.00 17.54 ? 47  U   D C5    1 
ATOM   988  C C6    . U   D 1 11 ? 24.631  3.443   -4.841  1.00 20.25 ? 47  U   D C6    1 
ATOM   989  P P     . C   D 1 12 ? 29.325  6.059   -2.627  1.00 24.37 ? 48  C   D P     1 
ATOM   990  O OP1   . C   D 1 12 ? 30.193  6.731   -1.663  1.00 26.99 ? 48  C   D OP1   1 
ATOM   991  O OP2   . C   D 1 12 ? 28.742  6.812   -3.783  1.00 25.24 ? 48  C   D OP2   1 
ATOM   992  O "O5'" . C   D 1 12 ? 30.201  4.841   -3.149  1.00 28.79 ? 48  C   D "O5'" 1 
ATOM   993  C "C5'" . C   D 1 12 ? 31.044  4.104   -2.256  1.00 26.02 ? 48  C   D "C5'" 1 
ATOM   994  C "C4'" . C   D 1 12 ? 31.639  2.918   -2.975  1.00 24.52 ? 48  C   D "C4'" 1 
ATOM   995  O "O4'" . C   D 1 12 ? 30.561  2.071   -3.473  1.00 23.98 ? 48  C   D "O4'" 1 
ATOM   996  C "C3'" . C   D 1 12 ? 32.370  3.248   -4.263  1.00 24.30 ? 48  C   D "C3'" 1 
ATOM   997  O "O3'" . C   D 1 12 ? 33.646  3.900   -4.104  1.00 28.10 ? 48  C   D "O3'" 1 
ATOM   998  C "C2'" . C   D 1 12 ? 32.397  1.888   -4.945  1.00 25.11 ? 48  C   D "C2'" 1 
ATOM   999  O "O2'" . C   D 1 12 ? 33.289  0.988   -4.324  1.00 27.25 ? 48  C   D "O2'" 1 
ATOM   1000 C "C1'" . C   D 1 12 ? 30.981  1.403   -4.666  1.00 23.64 ? 48  C   D "C1'" 1 
ATOM   1001 N N1    . C   D 1 12 ? 30.027  1.677   -5.767  1.00 23.01 ? 48  C   D N1    1 
ATOM   1002 C C2    . C   D 1 12 ? 29.749  0.665   -6.659  1.00 17.54 ? 48  C   D C2    1 
ATOM   1003 O O2    . C   D 1 12 ? 30.298  -0.398  -6.524  1.00 17.52 ? 48  C   D O2    1 
ATOM   1004 N N3    . C   D 1 12 ? 28.884  0.865   -7.655  1.00 15.09 ? 48  C   D N3    1 
ATOM   1005 C C4    . C   D 1 12 ? 28.316  2.043   -7.797  1.00 15.28 ? 48  C   D C4    1 
ATOM   1006 N N4    . C   D 1 12 ? 27.506  2.214   -8.833  1.00 13.85 ? 48  C   D N4    1 
ATOM   1007 C C5    . C   D 1 12 ? 28.557  3.103   -6.895  1.00 19.79 ? 48  C   D C5    1 
ATOM   1008 C C6    . C   D 1 12 ? 29.429  2.888   -5.909  1.00 21.85 ? 48  C   D C6    1 
HETATM 1009 O O     . HOH E 2 .  ? -17.748 -4.037  11.897  1.00 35.19 ? 50  HOH A O     1 
HETATM 1010 O O     . HOH E 2 .  ? -13.193 5.721   9.751   1.00 45.16 ? 57  HOH A O     1 
HETATM 1011 O O     . HOH E 2 .  ? -17.304 8.096   14.245  1.00 28.43 ? 59  HOH A O     1 
HETATM 1012 O O     . HOH E 2 .  ? -13.733 -1.700  6.930   1.00 35.41 ? 60  HOH A O     1 
HETATM 1013 O O     . HOH E 2 .  ? -8.279  -3.844  -2.781  1.00 36.04 ? 68  HOH A O     1 
HETATM 1014 O O     . HOH E 2 .  ? -24.790 0.513   5.525   1.00 36.05 ? 70  HOH A O     1 
HETATM 1015 O O     . HOH E 2 .  ? -24.027 1.151   7.863   1.00 26.09 ? 71  HOH A O     1 
HETATM 1016 O O     . HOH E 2 .  ? -23.169 3.075   8.930   1.00 28.86 ? 74  HOH A O     1 
HETATM 1017 O O     . HOH E 2 .  ? -21.761 24.014  8.954   1.00 32.94 ? 78  HOH A O     1 
HETATM 1018 O O     . HOH E 2 .  ? -23.650 0.124   12.316  1.00 36.91 ? 87  HOH A O     1 
HETATM 1019 O O     . HOH E 2 .  ? -21.666 3.520   18.795  1.00 40.23 ? 96  HOH A O     1 
HETATM 1020 O O     . HOH E 2 .  ? -5.267  6.046   1.146   1.00 40.21 ? 100 HOH A O     1 
HETATM 1021 O O     . HOH E 2 .  ? -11.402 -2.555  3.908   1.00 34.50 ? 101 HOH A O     1 
HETATM 1022 O O     . HOH E 2 .  ? -7.573  -6.157  -3.575  1.00 48.07 ? 103 HOH A O     1 
HETATM 1023 O O     . HOH E 2 .  ? -5.381  -6.692  -2.848  1.00 51.67 ? 104 HOH A O     1 
HETATM 1024 O O     . HOH E 2 .  ? -3.565  -1.365  -2.521  1.00 61.18 ? 110 HOH A O     1 
HETATM 1025 O O     . HOH E 2 .  ? -24.987 4.266   15.489  1.00 58.59 ? 112 HOH A O     1 
HETATM 1026 O O     . HOH E 2 .  ? -25.839 16.690  3.380   1.00 55.49 ? 115 HOH A O     1 
HETATM 1027 O O     . HOH E 2 .  ? -14.940 -6.577  5.195   1.00 51.13 ? 116 HOH A O     1 
HETATM 1028 O O     . HOH E 2 .  ? -15.642 -0.122  9.861   1.00 31.39 ? 117 HOH A O     1 
HETATM 1029 O O     . HOH E 2 .  ? -2.864  -1.692  5.776   1.00 54.38 ? 120 HOH A O     1 
HETATM 1030 O O     . HOH E 2 .  ? -13.367 -4.896  6.810   1.00 50.16 ? 130 HOH A O     1 
HETATM 1031 O O     . HOH E 2 .  ? -11.777 -6.808  2.329   1.00 30.37 ? 132 HOH A O     1 
HETATM 1032 O O     . HOH E 2 .  ? -23.020 2.297   15.747  1.00 66.40 ? 133 HOH A O     1 
HETATM 1033 O O     . HOH E 2 .  ? -13.689 13.262  17.661  1.00 60.28 ? 135 HOH A O     1 
HETATM 1034 O O     . HOH E 2 .  ? -22.979 9.883   19.218  1.00 41.78 ? 136 HOH A O     1 
HETATM 1035 O O     . HOH E 2 .  ? -21.136 0.138   2.639   1.00 30.44 ? 140 HOH A O     1 
HETATM 1036 O O     . HOH E 2 .  ? -22.789 15.879  6.813   1.00 46.07 ? 146 HOH A O     1 
HETATM 1037 O O     . HOH E 2 .  ? -14.089 6.660   11.815  1.00 62.84 ? 150 HOH A O     1 
HETATM 1038 O O     . HOH E 2 .  ? -15.911 4.475   13.416  1.00 37.79 ? 151 HOH A O     1 
HETATM 1039 O O     . HOH E 2 .  ? -13.371 -8.916  6.096   1.00 47.98 ? 152 HOH A O     1 
HETATM 1040 O O     . HOH E 2 .  ? -10.549 -6.714  4.943   1.00 39.87 ? 155 HOH A O     1 
HETATM 1041 O O     . HOH E 2 .  ? -19.706 -1.025  15.628  1.00 48.70 ? 157 HOH A O     1 
HETATM 1042 O O     . HOH E 2 .  ? -16.757 3.462   11.645  1.00 40.98 ? 166 HOH A O     1 
HETATM 1043 O O     . HOH E 2 .  ? -16.000 1.089   -0.131  1.00 29.13 ? 167 HOH A O     1 
HETATM 1044 O O     . HOH E 2 .  ? -12.310 0.311   7.096   1.00 53.94 ? 171 HOH A O     1 
HETATM 1045 O O     . HOH E 2 .  ? -22.011 -3.160  6.135   1.00 56.94 ? 172 HOH A O     1 
HETATM 1046 O O     . HOH E 2 .  ? 1.835   3.881   1.970   1.00 68.97 ? 173 HOH A O     1 
HETATM 1047 O O     . HOH E 2 .  ? -9.070  -9.351  5.612   1.00 43.94 ? 174 HOH A O     1 
HETATM 1048 O O     . HOH E 2 .  ? 2.794   3.339   3.043   1.00 64.50 ? 180 HOH A O     1 
HETATM 1049 O O     . HOH E 2 .  ? -14.180 11.329  15.940  1.00 51.70 ? 183 HOH A O     1 
HETATM 1050 O O     . HOH E 2 .  ? -19.400 10.796  21.125  1.00 49.98 ? 190 HOH A O     1 
HETATM 1051 O O     . HOH E 2 .  ? -20.067 16.120  4.207   1.00 47.16 ? 191 HOH A O     1 
HETATM 1052 O O     . HOH E 2 .  ? -13.452 20.523  12.552  1.00 53.20 ? 192 HOH A O     1 
HETATM 1053 O O     . HOH E 2 .  ? 0.516   -1.651  7.806   1.00 60.99 ? 193 HOH A O     1 
HETATM 1054 O O     . HOH E 2 .  ? -13.352 15.873  12.737  1.00 53.19 ? 196 HOH A O     1 
HETATM 1055 O O     . HOH E 2 .  ? -24.541 2.799   13.782  1.00 52.34 ? 197 HOH A O     1 
HETATM 1056 O O     . HOH E 2 .  ? -20.730 2.202   21.270  1.00 60.21 ? 199 HOH A O     1 
HETATM 1057 O O     . HOH E 2 .  ? -9.783  -5.897  2.908   1.00 59.02 ? 203 HOH A O     1 
HETATM 1058 O O     . HOH E 2 .  ? -26.104 6.832   16.433  1.00 59.13 ? 204 HOH A O     1 
HETATM 1059 O O     . HOH E 2 .  ? -15.531 1.644   17.527  1.00 63.75 ? 205 HOH A O     1 
HETATM 1060 O O     . HOH F 2 .  ? -32.254 18.034  11.124  1.00 19.99 ? 51  HOH B O     1 
HETATM 1061 O O     . HOH F 2 .  ? -25.287 15.146  7.329   1.00 41.92 ? 56  HOH B O     1 
HETATM 1062 O O     . HOH F 2 .  ? -29.360 10.873  8.064   1.00 54.46 ? 58  HOH B O     1 
HETATM 1063 O O     . HOH F 2 .  ? -10.186 -0.212  13.288  1.00 35.58 ? 62  HOH B O     1 
HETATM 1064 O O     . HOH F 2 .  ? -10.000 4.156   12.544  1.00 30.58 ? 63  HOH B O     1 
HETATM 1065 O O     . HOH F 2 .  ? -24.357 23.796  11.671  1.00 23.96 ? 64  HOH B O     1 
HETATM 1066 O O     . HOH F 2 .  ? -11.411 8.557   8.175   1.00 28.56 ? 66  HOH B O     1 
HETATM 1067 O O     . HOH F 2 .  ? -26.487 13.790  16.787  1.00 29.64 ? 69  HOH B O     1 
HETATM 1068 O O     . HOH F 2 .  ? -36.067 11.451  13.199  1.00 52.54 ? 77  HOH B O     1 
HETATM 1069 O O     . HOH F 2 .  ? -27.330 3.155   10.495  1.00 47.26 ? 80  HOH B O     1 
HETATM 1070 O O     . HOH F 2 .  ? -35.639 18.276  13.248  1.00 47.72 ? 86  HOH B O     1 
HETATM 1071 O O     . HOH F 2 .  ? -23.915 7.653   -3.075  1.00 33.81 ? 91  HOH B O     1 
HETATM 1072 O O     . HOH F 2 .  ? -25.931 10.287  -0.246  1.00 69.25 ? 98  HOH B O     1 
HETATM 1073 O O     . HOH F 2 .  ? -36.852 13.976  13.656  1.00 69.83 ? 99  HOH B O     1 
HETATM 1074 O O     . HOH F 2 .  ? -4.130  8.606   3.506   1.00 45.84 ? 113 HOH B O     1 
HETATM 1075 O O     . HOH F 2 .  ? -23.575 10.721  -2.695  1.00 58.44 ? 118 HOH B O     1 
HETATM 1076 O O     . HOH F 2 .  ? -25.278 5.639   -2.342  1.00 51.24 ? 119 HOH B O     1 
HETATM 1077 O O     . HOH F 2 .  ? -10.863 10.445  9.517   1.00 28.80 ? 121 HOH B O     1 
HETATM 1078 O O     . HOH F 2 .  ? -9.093  2.268   9.733   1.00 38.00 ? 123 HOH B O     1 
HETATM 1079 O O     . HOH F 2 .  ? -4.413  14.318  8.484   1.00 61.95 ? 126 HOH B O     1 
HETATM 1080 O O     . HOH F 2 .  ? -3.251  10.044  6.086   1.00 51.51 ? 128 HOH B O     1 
HETATM 1081 O O     . HOH F 2 .  ? -24.838 2.406   0.739   1.00 26.76 ? 129 HOH B O     1 
HETATM 1082 O O     . HOH F 2 .  ? -33.897 9.763   6.914   1.00 31.03 ? 131 HOH B O     1 
HETATM 1083 O O     . HOH F 2 .  ? -10.891 11.404  16.505  1.00 42.21 ? 134 HOH B O     1 
HETATM 1084 O O     . HOH F 2 .  ? -28.089 14.120  6.957   1.00 46.89 ? 137 HOH B O     1 
HETATM 1085 O O     . HOH F 2 .  ? -12.121 11.972  6.109   1.00 30.27 ? 142 HOH B O     1 
HETATM 1086 O O     . HOH F 2 .  ? -31.634 12.762  10.160  1.00 40.49 ? 144 HOH B O     1 
HETATM 1087 O O     . HOH F 2 .  ? -10.307 10.860  -2.128  1.00 48.04 ? 149 HOH B O     1 
HETATM 1088 O O     . HOH F 2 .  ? -36.697 20.785  14.890  1.00 55.69 ? 154 HOH B O     1 
HETATM 1089 O O     . HOH F 2 .  ? -34.988 21.525  16.490  1.00 38.91 ? 158 HOH B O     1 
HETATM 1090 O O     . HOH F 2 .  ? -8.216  11.312  -4.713  1.00 72.69 ? 160 HOH B O     1 
HETATM 1091 O O     . HOH F 2 .  ? -39.935 21.181  16.140  1.00 64.91 ? 161 HOH B O     1 
HETATM 1092 O O     . HOH F 2 .  ? -13.572 16.237  -0.229  1.00 64.26 ? 164 HOH B O     1 
HETATM 1093 O O     . HOH F 2 .  ? -12.061 14.342  13.017  1.00 63.43 ? 195 HOH B O     1 
HETATM 1094 O O     . HOH F 2 .  ? -26.896 4.139   12.570  1.00 53.59 ? 206 HOH B O     1 
HETATM 1095 O O     . HOH G 2 .  ? 15.824  -20.594 -16.059 1.00 25.58 ? 54  HOH C O     1 
HETATM 1096 O O     . HOH G 2 .  ? 25.006  -4.178  -10.415 1.00 16.85 ? 61  HOH C O     1 
HETATM 1097 O O     . HOH G 2 .  ? 15.510  -23.614 -11.285 1.00 44.94 ? 65  HOH C O     1 
HETATM 1098 O O     . HOH G 2 .  ? 22.227  -7.302  -5.781  1.00 24.60 ? 73  HOH C O     1 
HETATM 1099 O O     . HOH G 2 .  ? 24.201  -0.728  -9.345  1.00 25.40 ? 76  HOH C O     1 
HETATM 1100 O O     . HOH G 2 .  ? 12.856  -1.866  -1.258  1.00 35.21 ? 82  HOH C O     1 
HETATM 1101 O O     . HOH G 2 .  ? 7.308   -11.601 -10.393 1.00 53.92 ? 85  HOH C O     1 
HETATM 1102 O O     . HOH G 2 .  ? 13.339  -19.937 -16.654 1.00 42.41 ? 88  HOH C O     1 
HETATM 1103 O O     . HOH G 2 .  ? 22.345  -5.564  -9.532  1.00 36.97 ? 89  HOH C O     1 
HETATM 1104 O O     . HOH G 2 .  ? 24.502  -6.038  -13.413 1.00 25.42 ? 90  HOH C O     1 
HETATM 1105 O O     . HOH G 2 .  ? 6.836   -2.559  -9.710  1.00 46.61 ? 97  HOH C O     1 
HETATM 1106 O O     . HOH G 2 .  ? 31.781  -5.341  -10.691 1.00 42.48 ? 102 HOH C O     1 
HETATM 1107 O O     . HOH G 2 .  ? 1.854   -15.622 -18.370 1.00 58.87 ? 105 HOH C O     1 
HETATM 1108 O O     . HOH G 2 .  ? 25.280  1.044   -12.132 1.00 32.73 ? 108 HOH C O     1 
HETATM 1109 O O     . HOH G 2 .  ? 4.113   -13.426 -19.211 1.00 55.16 ? 114 HOH C O     1 
HETATM 1110 O O     . HOH G 2 .  ? 5.246   -9.297  -5.299  1.00 44.70 ? 125 HOH C O     1 
HETATM 1111 O O     . HOH G 2 .  ? 11.078  -4.932  0.739   1.00 41.10 ? 127 HOH C O     1 
HETATM 1112 O O     . HOH G 2 .  ? 18.996  1.597   -0.140  1.00 31.86 ? 139 HOH C O     1 
HETATM 1113 O O     . HOH G 2 .  ? 9.211   -0.831  -8.841  1.00 54.85 ? 141 HOH C O     1 
HETATM 1114 O O     . HOH G 2 .  ? 14.547  -7.305  2.751   1.00 67.29 ? 143 HOH C O     1 
HETATM 1115 O O     . HOH G 2 .  ? 13.291  -4.509  2.990   1.00 56.37 ? 145 HOH C O     1 
HETATM 1116 O O     . HOH G 2 .  ? 19.218  -1.945  0.578   1.00 38.92 ? 148 HOH C O     1 
HETATM 1117 O O     . HOH G 2 .  ? 14.773  -1.460  -1.113  1.00 43.67 ? 156 HOH C O     1 
HETATM 1118 O O     . HOH G 2 .  ? 6.922   -22.783 -11.546 1.00 36.14 ? 165 HOH C O     1 
HETATM 1119 O O     . HOH G 2 .  ? 23.324  -9.022  -5.587  1.00 49.41 ? 168 HOH C O     1 
HETATM 1120 O O     . HOH G 2 .  ? 8.804   -29.395 -9.602  1.00 42.61 ? 169 HOH C O     1 
HETATM 1121 O O     . HOH G 2 .  ? 10.552  -31.227 -8.965  1.00 42.83 ? 170 HOH C O     1 
HETATM 1122 O O     . HOH G 2 .  ? 9.827   -32.642 -7.232  1.00 50.01 ? 175 HOH C O     1 
HETATM 1123 O O     . HOH G 2 .  ? 12.935  -8.773  -5.411  1.00 51.61 ? 176 HOH C O     1 
HETATM 1124 O O     . HOH G 2 .  ? 6.569   -26.100 -14.341 1.00 42.60 ? 182 HOH C O     1 
HETATM 1125 O O     . HOH G 2 .  ? 9.226   -9.775  -7.416  1.00 52.25 ? 184 HOH C O     1 
HETATM 1126 O O     . HOH G 2 .  ? 6.354   -18.518 -12.991 1.00 49.33 ? 187 HOH C O     1 
HETATM 1127 O O     . HOH G 2 .  ? 8.052   -15.832 -10.197 1.00 42.46 ? 189 HOH C O     1 
HETATM 1128 O O     . HOH G 2 .  ? 10.057  -2.005  -1.166  1.00 60.11 ? 198 HOH C O     1 
HETATM 1129 O O     . HOH G 2 .  ? 9.853   -7.303  0.809   1.00 65.66 ? 201 HOH C O     1 
HETATM 1130 O O     . HOH H 2 .  ? 27.941  6.032   -6.052  1.00 29.26 ? 49  HOH D O     1 
HETATM 1131 O O     . HOH H 2 .  ? 20.952  3.120   -9.595  1.00 37.30 ? 52  HOH D O     1 
HETATM 1132 O O     . HOH H 2 .  ? 20.375  -5.411  -9.885  1.00 27.33 ? 53  HOH D O     1 
HETATM 1133 O O     . HOH H 2 .  ? 17.979  -14.524 -8.913  1.00 14.53 ? 55  HOH D O     1 
HETATM 1134 O O     . HOH H 2 .  ? 11.328  -0.004  -15.518 1.00 26.30 ? 67  HOH D O     1 
HETATM 1135 O O     . HOH H 2 .  ? 20.117  10.887  -3.985  1.00 39.85 ? 72  HOH D O     1 
HETATM 1136 O O     . HOH H 2 .  ? 35.860  2.786   -2.519  1.00 52.86 ? 75  HOH D O     1 
HETATM 1137 O O     . HOH H 2 .  ? 21.353  -8.549  -21.190 1.00 26.42 ? 79  HOH D O     1 
HETATM 1138 O O     . HOH H 2 .  ? 19.123  -6.205  -13.854 1.00 20.67 ? 81  HOH D O     1 
HETATM 1139 O O     . HOH H 2 .  ? 16.768  9.686   -7.970  1.00 61.99 ? 83  HOH D O     1 
HETATM 1140 O O     . HOH H 2 .  ? 16.869  -22.162 -0.697  1.00 37.69 ? 84  HOH D O     1 
HETATM 1141 O O     . HOH H 2 .  ? 20.288  -13.765 -3.212  1.00 44.00 ? 92  HOH D O     1 
HETATM 1142 O O     . HOH H 2 .  ? 22.395  1.585   -9.835  1.00 35.87 ? 93  HOH D O     1 
HETATM 1143 O O     . HOH H 2 .  ? 17.747  0.557   -17.924 1.00 54.97 ? 94  HOH D O     1 
HETATM 1144 O O     . HOH H 2 .  ? 12.927  1.050   -4.540  1.00 37.02 ? 95  HOH D O     1 
HETATM 1145 O O     . HOH H 2 .  ? 8.787   -15.915 -4.202  1.00 47.77 ? 106 HOH D O     1 
HETATM 1146 O O     . HOH H 2 .  ? 21.641  -3.328  -14.195 1.00 65.00 ? 107 HOH D O     1 
HETATM 1147 O O     . HOH H 2 .  ? 14.456  -4.161  -19.611 1.00 29.05 ? 109 HOH D O     1 
HETATM 1148 O O     . HOH H 2 .  ? 10.131  -2.116  -12.408 1.00 61.00 ? 111 HOH D O     1 
HETATM 1149 O O     . HOH H 2 .  ? 12.093  -6.610  -15.877 1.00 35.45 ? 122 HOH D O     1 
HETATM 1150 O O     . HOH H 2 .  ? 17.551  8.671   -9.874  1.00 36.55 ? 124 HOH D O     1 
HETATM 1151 O O     . HOH H 2 .  ? 17.399  3.166   -1.753  1.00 45.16 ? 138 HOH D O     1 
HETATM 1152 O O     . HOH H 2 .  ? 21.228  -7.473  -14.303 1.00 34.44 ? 147 HOH D O     1 
HETATM 1153 O O     . HOH H 2 .  ? 24.898  -17.965 -7.429  1.00 67.90 ? 153 HOH D O     1 
HETATM 1154 O O     . HOH H 2 .  ? 23.263  -21.380 -9.887  1.00 66.93 ? 159 HOH D O     1 
HETATM 1155 O O     . HOH H 2 .  ? 32.614  -2.742  -5.762  1.00 43.27 ? 162 HOH D O     1 
HETATM 1156 O O     . HOH H 2 .  ? 19.308  -21.458 -13.091 1.00 46.28 ? 163 HOH D O     1 
HETATM 1157 O O     . HOH H 2 .  ? 26.414  4.797   -8.922  1.00 46.16 ? 177 HOH D O     1 
HETATM 1158 O O     . HOH H 2 .  ? 19.019  4.332   -9.550  1.00 37.73 ? 178 HOH D O     1 
HETATM 1159 O O     . HOH H 2 .  ? 21.800  -5.414  -16.632 1.00 37.82 ? 179 HOH D O     1 
HETATM 1160 O O     . HOH H 2 .  ? 25.961  7.480   -5.824  1.00 56.80 ? 181 HOH D O     1 
HETATM 1161 O O     . HOH H 2 .  ? 18.601  1.831   -12.055 1.00 53.93 ? 185 HOH D O     1 
HETATM 1162 O O     . HOH H 2 .  ? 12.235  -2.618  -19.341 1.00 38.23 ? 186 HOH D O     1 
HETATM 1163 O O     . HOH H 2 .  ? 15.144  -20.955 -1.296  1.00 55.10 ? 188 HOH D O     1 
HETATM 1164 O O     . HOH H 2 .  ? 23.979  -7.220  -19.977 1.00 62.36 ? 194 HOH D O     1 
HETATM 1165 O O     . HOH H 2 .  ? 18.593  -2.410  -11.838 1.00 55.78 ? 200 HOH D O     1 
HETATM 1166 O O     . HOH H 2 .  ? 13.211  -15.469 -4.773  1.00 63.12 ? 202 HOH D O     1 
# 
